data_5Y9N
#
_entry.id   5Y9N
#
_cell.length_a   92.690
_cell.length_b   200.940
_cell.length_c   92.760
_cell.angle_alpha   90.00
_cell.angle_beta   110.96
_cell.angle_gamma   90.00
#
_symmetry.space_group_name_H-M   'P 1 21 1'
#
loop_
_entity.id
_entity.type
_entity.pdbx_description
1 polymer PbaA
2 non-polymer 'CHLORIDE ION'
3 water water
#
_entity_poly.entity_id   1
_entity_poly.type   'polypeptide(L)'
_entity_poly.pdbx_seq_one_letter_code
;GSHMEEKKPVNLVLPEVENAIFIEGYPGVGLVGHIAANFLAKELDMDLIGYVDSLFIPPMSLILEGRPTPPLRFYGKNNI
IIAIADIFLPPTLVNEIAKEIVNYLKKVNAEKVISLAGMGIGFFKDTFEVWGIGGSEEENKELESLGVKILKYGSITGMS
GKLLWEASRAGLKSYVLLGETFGDRPDPRAAANVVEVLNKMLGLNVSVEPLLKEAEMIEEQLRRMHEQMEEARRKMERQY
ETMYL
;
_entity_poly.pdbx_strand_id   A,B,C,D,E,F,G,H,I,J
#
loop_
_chem_comp.id
_chem_comp.type
_chem_comp.name
_chem_comp.formula
CL non-polymer 'CHLORIDE ION' 'Cl -1'
#
# COMPACT_ATOMS: atom_id res chain seq x y z
N LYS A 8 -4.97 -48.10 -1.36
CA LYS A 8 -4.54 -47.68 -0.01
C LYS A 8 -3.55 -46.55 -0.06
N PRO A 9 -3.85 -45.40 0.59
CA PRO A 9 -3.03 -44.21 0.38
C PRO A 9 -1.65 -44.22 1.01
N VAL A 10 -1.47 -44.96 2.10
CA VAL A 10 -0.22 -44.98 2.85
C VAL A 10 0.16 -46.43 3.17
N ASN A 11 1.40 -46.78 2.80
CA ASN A 11 1.98 -48.08 3.09
C ASN A 11 3.16 -47.88 4.00
N LEU A 12 3.10 -48.57 5.13
CA LEU A 12 4.18 -48.60 6.08
C LEU A 12 5.05 -49.78 5.65
N VAL A 13 6.29 -49.51 5.29
CA VAL A 13 7.27 -50.53 4.98
C VAL A 13 8.18 -50.61 6.19
N LEU A 14 7.89 -51.55 7.06
CA LEU A 14 8.51 -51.61 8.38
C LEU A 14 8.42 -53.07 8.91
N PRO A 15 9.57 -53.73 9.11
CA PRO A 15 9.56 -55.05 9.73
C PRO A 15 8.93 -55.01 11.13
N GLU A 16 8.35 -56.15 11.53
CA GLU A 16 7.77 -56.27 12.86
C GLU A 16 8.92 -56.34 13.89
N VAL A 17 8.71 -55.67 15.03
CA VAL A 17 9.64 -55.63 16.12
C VAL A 17 8.77 -55.86 17.33
N GLU A 18 8.87 -57.06 17.90
CA GLU A 18 7.91 -57.50 18.90
C GLU A 18 8.14 -56.66 20.16
N ASN A 19 7.03 -56.25 20.77
CA ASN A 19 7.08 -55.46 22.00
C ASN A 19 7.89 -54.17 21.86
N ALA A 20 7.80 -53.54 20.69
CA ALA A 20 8.58 -52.36 20.33
C ALA A 20 8.31 -51.18 21.26
N ILE A 21 9.38 -50.46 21.56
CA ILE A 21 9.27 -49.12 22.13
C ILE A 21 9.33 -48.18 20.93
N PHE A 22 8.21 -47.52 20.64
CA PHE A 22 8.09 -46.64 19.46
C PHE A 22 8.21 -45.19 19.92
N ILE A 23 9.20 -44.48 19.38
CA ILE A 23 9.41 -43.06 19.64
C ILE A 23 9.25 -42.25 18.35
N GLU A 24 8.38 -41.22 18.39
CA GLU A 24 8.08 -40.40 17.20
C GLU A 24 8.50 -38.94 17.46
N GLY A 25 9.31 -38.40 16.55
CA GLY A 25 9.71 -36.98 16.62
C GLY A 25 9.55 -36.29 15.26
N TYR A 26 8.31 -35.98 14.93
CA TYR A 26 7.98 -35.30 13.68
C TYR A 26 8.26 -33.81 13.87
N PRO A 27 8.53 -33.09 12.76
CA PRO A 27 8.82 -31.66 12.90
C PRO A 27 7.70 -30.89 13.57
N GLY A 28 8.07 -29.87 14.32
CA GLY A 28 7.12 -29.13 15.09
C GLY A 28 7.83 -27.99 15.78
N VAL A 29 7.09 -27.28 16.64
CA VAL A 29 7.66 -26.11 17.26
C VAL A 29 9.05 -26.40 17.86
N GLY A 30 9.99 -25.51 17.56
CA GLY A 30 11.34 -25.60 18.05
C GLY A 30 12.21 -26.67 17.44
N LEU A 31 11.64 -27.51 16.57
CA LEU A 31 12.24 -28.80 16.19
C LEU A 31 12.70 -29.65 17.43
N VAL A 32 11.97 -29.49 18.55
CA VAL A 32 12.35 -30.14 19.82
C VAL A 32 12.29 -31.67 19.65
N GLY A 33 11.08 -32.17 19.39
CA GLY A 33 10.89 -33.56 19.06
C GLY A 33 11.86 -34.09 18.04
N HIS A 34 12.00 -33.33 16.97
CA HIS A 34 12.76 -33.78 15.81
C HIS A 34 14.23 -33.91 16.15
N ILE A 35 14.77 -32.95 16.88
CA ILE A 35 16.19 -32.98 17.23
C ILE A 35 16.45 -34.11 18.23
N ALA A 36 15.56 -34.22 19.22
CA ALA A 36 15.63 -35.30 20.21
C ALA A 36 15.63 -36.67 19.55
N ALA A 37 14.64 -36.93 18.71
CA ALA A 37 14.52 -38.23 18.04
C ALA A 37 15.73 -38.51 17.18
N ASN A 38 16.21 -37.49 16.48
CA ASN A 38 17.30 -37.69 15.53
C ASN A 38 18.59 -37.98 16.32
N PHE A 39 18.74 -37.30 17.44
CA PHE A 39 19.90 -37.47 18.31
C PHE A 39 19.96 -38.89 18.87
N LEU A 40 18.84 -39.35 19.43
CA LEU A 40 18.75 -40.73 19.90
C LEU A 40 19.06 -41.75 18.83
N ALA A 41 18.50 -41.57 17.64
CA ALA A 41 18.78 -42.53 16.57
C ALA A 41 20.27 -42.61 16.29
N LYS A 42 20.94 -41.46 16.29
CA LYS A 42 22.36 -41.37 15.99
C LYS A 42 23.20 -42.00 17.11
N GLU A 43 22.97 -41.53 18.34
CA GLU A 43 23.74 -41.97 19.50
C GLU A 43 23.59 -43.46 19.83
N LEU A 44 22.44 -44.05 19.50
CA LEU A 44 22.25 -45.50 19.65
C LEU A 44 22.59 -46.28 18.37
N ASP A 45 23.36 -45.69 17.46
CA ASP A 45 23.81 -46.34 16.20
C ASP A 45 22.71 -47.19 15.57
N MET A 46 21.54 -46.57 15.37
CA MET A 46 20.38 -47.27 14.80
C MET A 46 20.55 -47.44 13.31
N ASP A 47 19.87 -48.41 12.75
CA ASP A 47 19.89 -48.65 11.31
C ASP A 47 18.58 -48.13 10.75
N LEU A 48 18.62 -47.77 9.48
CA LEU A 48 17.41 -47.42 8.75
C LEU A 48 16.68 -48.74 8.48
N ILE A 49 15.54 -48.94 9.13
CA ILE A 49 14.79 -50.20 9.01
C ILE A 49 13.54 -50.13 8.17
N GLY A 50 13.04 -48.93 7.92
CA GLY A 50 11.85 -48.77 7.10
C GLY A 50 11.44 -47.33 6.81
N TYR A 51 10.28 -47.20 6.18
CA TYR A 51 9.81 -45.91 5.75
C TYR A 51 8.33 -45.88 5.43
N VAL A 52 7.78 -44.68 5.32
CA VAL A 52 6.41 -44.46 4.89
C VAL A 52 6.44 -44.17 3.40
N ASP A 53 5.52 -44.79 2.67
CA ASP A 53 5.46 -44.72 1.26
C ASP A 53 4.06 -44.29 0.88
N SER A 54 3.96 -43.22 0.09
CA SER A 54 2.66 -42.70 -0.30
C SER A 54 2.81 -41.76 -1.47
N LEU A 55 1.88 -41.86 -2.40
CA LEU A 55 1.82 -40.94 -3.54
C LEU A 55 1.66 -39.49 -3.09
N PHE A 56 1.12 -39.28 -1.90
CA PHE A 56 0.85 -37.93 -1.36
C PHE A 56 1.99 -37.34 -0.58
N ILE A 57 3.07 -38.09 -0.41
CA ILE A 57 4.34 -37.55 0.08
C ILE A 57 5.05 -36.96 -1.12
N PRO A 58 5.43 -35.68 -1.03
CA PRO A 58 6.00 -35.09 -2.22
C PRO A 58 7.31 -35.72 -2.59
N PRO A 59 7.60 -35.81 -3.89
CA PRO A 59 8.77 -36.51 -4.40
C PRO A 59 10.06 -35.88 -3.92
N MET A 60 10.88 -36.64 -3.21
CA MET A 60 12.22 -36.23 -2.86
C MET A 60 13.02 -37.39 -2.31
N SER A 61 14.35 -37.21 -2.31
CA SER A 61 15.25 -37.97 -1.47
C SER A 61 16.02 -37.01 -0.63
N LEU A 62 16.15 -37.34 0.65
CA LEU A 62 17.12 -36.71 1.50
C LEU A 62 18.41 -37.49 1.32
N ILE A 63 19.54 -36.80 1.38
CA ILE A 63 20.81 -37.45 1.32
C ILE A 63 21.44 -37.30 2.69
N LEU A 64 21.72 -38.43 3.35
CA LEU A 64 22.33 -38.46 4.70
C LEU A 64 23.58 -39.35 4.67
N GLU A 65 24.76 -38.79 4.96
CA GLU A 65 26.02 -39.50 4.81
C GLU A 65 26.14 -40.18 3.44
N GLY A 66 25.79 -39.45 2.39
CA GLY A 66 25.83 -39.99 1.03
C GLY A 66 24.91 -41.16 0.70
N ARG A 67 23.86 -41.39 1.52
CA ARG A 67 22.84 -42.37 1.18
C ARG A 67 21.48 -41.69 0.98
N PRO A 68 20.85 -41.96 -0.16
CA PRO A 68 19.47 -41.53 -0.36
C PRO A 68 18.56 -42.14 0.68
N THR A 69 17.77 -41.30 1.37
CA THR A 69 16.75 -41.81 2.28
C THR A 69 15.41 -41.08 2.02
N PRO A 70 14.26 -41.74 2.29
CA PRO A 70 12.99 -41.05 2.15
C PRO A 70 12.73 -40.06 3.25
N PRO A 71 11.81 -39.11 3.01
CA PRO A 71 11.56 -38.06 4.00
C PRO A 71 10.88 -38.54 5.29
N LEU A 72 10.10 -39.61 5.22
CA LEU A 72 9.51 -40.23 6.41
C LEU A 72 10.09 -41.60 6.59
N ARG A 73 10.85 -41.79 7.65
CA ARG A 73 11.60 -43.02 7.83
C ARG A 73 11.59 -43.50 9.28
N PHE A 74 11.97 -44.76 9.44
CA PHE A 74 12.07 -45.42 10.73
C PHE A 74 13.49 -45.95 10.97
N TYR A 75 14.03 -45.64 12.13
CA TYR A 75 15.31 -46.14 12.59
C TYR A 75 15.08 -47.16 13.71
N GLY A 76 15.95 -48.15 13.80
CA GLY A 76 15.83 -49.20 14.81
C GLY A 76 17.14 -49.72 15.35
N LYS A 77 17.10 -50.09 16.64
CA LYS A 77 18.12 -50.92 17.27
C LYS A 77 17.39 -51.80 18.24
N ASN A 78 17.43 -53.13 18.00
CA ASN A 78 16.76 -54.14 18.80
C ASN A 78 15.72 -53.64 19.79
N ASN A 79 14.46 -53.60 19.39
CA ASN A 79 13.31 -53.24 20.32
C ASN A 79 12.89 -51.76 20.38
N ILE A 80 13.81 -50.83 20.08
CA ILE A 80 13.43 -49.41 19.95
C ILE A 80 13.30 -49.06 18.45
N ILE A 81 12.14 -48.49 18.10
CA ILE A 81 11.91 -47.87 16.79
C ILE A 81 11.82 -46.34 16.98
N ILE A 82 12.53 -45.59 16.14
CA ILE A 82 12.42 -44.13 16.13
C ILE A 82 11.90 -43.67 14.78
N ALA A 83 10.77 -42.94 14.82
CA ALA A 83 10.12 -42.40 13.62
C ALA A 83 10.48 -40.93 13.41
N ILE A 84 11.02 -40.63 12.22
CA ILE A 84 11.49 -39.31 11.84
C ILE A 84 10.81 -38.88 10.55
N ALA A 85 10.52 -37.60 10.44
CA ALA A 85 10.05 -36.96 9.21
C ALA A 85 10.82 -35.66 8.97
N ASP A 86 11.11 -35.35 7.71
CA ASP A 86 11.74 -34.05 7.38
C ASP A 86 10.84 -33.03 6.69
N ILE A 87 9.53 -33.27 6.69
CA ILE A 87 8.57 -32.40 6.07
C ILE A 87 7.35 -32.31 6.94
N PHE A 88 6.66 -31.18 6.87
CA PHE A 88 5.34 -31.07 7.45
C PHE A 88 4.44 -31.73 6.46
N LEU A 89 3.29 -32.19 6.93
CA LEU A 89 2.36 -32.93 6.09
C LEU A 89 0.97 -32.42 6.33
N PRO A 90 0.11 -32.48 5.31
CA PRO A 90 -1.27 -32.03 5.51
C PRO A 90 -2.05 -32.91 6.50
N PRO A 91 -3.02 -32.33 7.21
CA PRO A 91 -3.72 -33.03 8.30
C PRO A 91 -4.29 -34.40 7.96
N THR A 92 -4.98 -34.51 6.84
CA THR A 92 -5.58 -35.80 6.49
C THR A 92 -4.53 -36.90 6.28
N LEU A 93 -3.39 -36.54 5.70
CA LEU A 93 -2.31 -37.50 5.46
C LEU A 93 -1.70 -37.95 6.80
N VAL A 94 -1.46 -37.00 7.68
CA VAL A 94 -1.03 -37.28 9.06
C VAL A 94 -1.96 -38.32 9.71
N ASN A 95 -3.27 -38.11 9.59
CA ASN A 95 -4.23 -39.04 10.17
C ASN A 95 -4.11 -40.44 9.55
N GLU A 96 -3.94 -40.50 8.24
CA GLU A 96 -3.76 -41.77 7.55
C GLU A 96 -2.48 -42.47 7.96
N ILE A 97 -1.41 -41.72 8.15
CA ILE A 97 -0.17 -42.31 8.62
C ILE A 97 -0.34 -42.81 10.06
N ALA A 98 -1.01 -42.03 10.89
CA ALA A 98 -1.24 -42.41 12.28
C ALA A 98 -2.02 -43.74 12.37
N LYS A 99 -3.01 -43.91 11.49
CA LYS A 99 -3.80 -45.14 11.42
C LYS A 99 -2.88 -46.33 11.17
N GLU A 100 -2.05 -46.24 10.14
CA GLU A 100 -1.13 -47.31 9.80
C GLU A 100 -0.13 -47.60 10.91
N ILE A 101 0.36 -46.57 11.57
CA ILE A 101 1.32 -46.73 12.65
C ILE A 101 0.66 -47.47 13.83
N VAL A 102 -0.54 -47.07 14.21
CA VAL A 102 -1.23 -47.70 15.32
C VAL A 102 -1.59 -49.16 15.01
N ASN A 103 -2.01 -49.45 13.77
CA ASN A 103 -2.21 -50.83 13.33
C ASN A 103 -0.95 -51.66 13.54
N TYR A 104 0.19 -51.10 13.14
CA TYR A 104 1.46 -51.81 13.29
C TYR A 104 1.80 -52.03 14.78
N LEU A 105 1.53 -51.04 15.61
CA LEU A 105 1.84 -51.14 17.02
C LEU A 105 0.93 -52.12 17.79
N LYS A 106 -0.34 -52.22 17.40
CA LYS A 106 -1.21 -53.33 17.90
C LYS A 106 -0.64 -54.67 17.48
N LYS A 107 -0.39 -54.85 16.19
CA LYS A 107 0.15 -56.09 15.63
C LYS A 107 1.32 -56.63 16.44
N VAL A 108 2.26 -55.76 16.79
CA VAL A 108 3.51 -56.14 17.44
C VAL A 108 3.49 -56.03 18.99
N ASN A 109 2.31 -55.72 19.54
CA ASN A 109 2.13 -55.58 21.00
C ASN A 109 3.17 -54.64 21.57
N ALA A 110 3.21 -53.42 21.04
CA ALA A 110 4.21 -52.44 21.44
C ALA A 110 4.08 -52.15 22.92
N GLU A 111 5.23 -52.03 23.58
CA GLU A 111 5.30 -51.87 25.01
C GLU A 111 5.01 -50.40 25.36
N LYS A 112 5.64 -49.49 24.62
CA LYS A 112 5.45 -48.04 24.81
C LYS A 112 5.35 -47.30 23.46
N VAL A 113 4.51 -46.28 23.45
CA VAL A 113 4.34 -45.36 22.33
C VAL A 113 4.61 -43.95 22.84
N ILE A 114 5.77 -43.41 22.49
CA ILE A 114 6.22 -42.13 23.02
C ILE A 114 6.36 -41.10 21.90
N SER A 115 5.67 -39.97 22.03
CA SER A 115 5.79 -38.89 21.06
C SER A 115 6.63 -37.79 21.69
N LEU A 116 7.58 -37.27 20.90
CA LEU A 116 8.42 -36.16 21.32
C LEU A 116 7.98 -34.86 20.66
N ALA A 117 7.82 -33.82 21.45
CA ALA A 117 7.21 -32.59 20.98
C ALA A 117 7.77 -31.38 21.72
N GLY A 118 7.34 -30.21 21.25
CA GLY A 118 7.80 -28.94 21.77
C GLY A 118 6.59 -28.15 22.21
N MET A 119 6.83 -27.20 23.10
CA MET A 119 5.77 -26.31 23.55
C MET A 119 6.35 -24.90 23.46
N GLY A 120 5.85 -24.12 22.50
CA GLY A 120 6.33 -22.77 22.27
C GLY A 120 5.83 -21.90 23.39
N ILE A 121 6.74 -21.31 24.15
CA ILE A 121 6.36 -20.72 25.44
C ILE A 121 7.29 -19.59 25.78
N GLY A 122 7.01 -18.46 25.13
CA GLY A 122 7.63 -17.19 25.43
C GLY A 122 9.14 -17.11 25.32
N PHE A 123 9.69 -16.00 25.78
CA PHE A 123 11.13 -15.75 25.73
C PHE A 123 11.77 -15.59 27.09
N PHE A 124 11.11 -14.83 27.97
CA PHE A 124 11.74 -14.42 29.22
C PHE A 124 11.41 -15.40 30.36
N LYS A 125 11.66 -16.69 30.13
CA LYS A 125 11.49 -17.74 31.16
C LYS A 125 12.89 -18.21 31.59
N ASP A 126 13.09 -18.33 32.92
CA ASP A 126 14.39 -18.71 33.53
C ASP A 126 14.86 -20.10 33.07
N THR A 127 14.06 -21.12 33.39
CA THR A 127 14.31 -22.50 32.96
C THR A 127 13.21 -22.97 32.00
N PHE A 128 13.61 -23.89 31.13
CA PHE A 128 12.72 -24.57 30.22
C PHE A 128 12.44 -25.97 30.79
N GLU A 129 11.16 -26.22 31.09
CA GLU A 129 10.73 -27.47 31.69
C GLU A 129 10.46 -28.48 30.57
N VAL A 130 10.14 -29.70 31.00
CA VAL A 130 9.57 -30.70 30.14
C VAL A 130 8.24 -31.13 30.75
N TRP A 131 7.15 -30.99 29.99
CA TRP A 131 5.86 -31.47 30.43
C TRP A 131 5.61 -32.84 29.83
N GLY A 132 4.57 -33.49 30.34
CA GLY A 132 4.22 -34.84 29.93
C GLY A 132 2.72 -35.07 30.00
N ILE A 133 2.27 -36.07 29.27
CA ILE A 133 0.91 -36.51 29.38
C ILE A 133 0.88 -37.97 28.96
N GLY A 134 0.00 -38.74 29.60
CA GLY A 134 -0.09 -40.16 29.38
C GLY A 134 -1.45 -40.55 28.87
N GLY A 135 -1.51 -41.69 28.19
CA GLY A 135 -2.76 -42.19 27.64
C GLY A 135 -3.86 -42.41 28.68
N SER A 136 -3.43 -42.84 29.87
CA SER A 136 -4.33 -43.13 30.99
C SER A 136 -3.65 -42.65 32.25
N GLU A 137 -4.34 -42.75 33.37
CA GLU A 137 -3.79 -42.29 34.65
C GLU A 137 -2.54 -43.10 35.06
N GLU A 138 -2.46 -44.37 34.63
CA GLU A 138 -1.28 -45.21 34.89
C GLU A 138 0.01 -44.58 34.34
N GLU A 139 -0.06 -44.10 33.10
CA GLU A 139 1.10 -43.51 32.45
C GLU A 139 1.40 -42.11 32.99
N ASN A 140 0.36 -41.38 33.34
CA ASN A 140 0.54 -40.11 34.08
C ASN A 140 1.32 -40.31 35.36
N LYS A 141 0.99 -41.36 36.10
CA LYS A 141 1.70 -41.72 37.33
C LYS A 141 3.18 -42.01 37.07
N GLU A 142 3.47 -42.80 36.04
CA GLU A 142 4.89 -43.09 35.68
C GLU A 142 5.68 -41.83 35.43
N LEU A 143 5.07 -40.91 34.69
CA LEU A 143 5.74 -39.68 34.32
C LEU A 143 5.96 -38.82 35.55
N GLU A 144 4.98 -38.82 36.46
CA GLU A 144 5.09 -38.09 37.74
C GLU A 144 6.28 -38.62 38.54
N SER A 145 6.39 -39.95 38.59
CA SER A 145 7.48 -40.61 39.31
C SER A 145 8.87 -40.46 38.68
N LEU A 146 8.98 -39.86 37.48
CA LEU A 146 10.26 -39.40 36.95
C LEU A 146 10.36 -37.87 37.06
N GLY A 147 9.52 -37.28 37.92
CA GLY A 147 9.48 -35.82 38.11
C GLY A 147 9.20 -35.00 36.87
N VAL A 148 8.31 -35.49 36.01
CA VAL A 148 7.83 -34.76 34.86
C VAL A 148 6.50 -34.15 35.26
N LYS A 149 6.34 -32.84 35.02
CA LYS A 149 5.05 -32.19 35.31
C LYS A 149 3.99 -32.71 34.35
N ILE A 150 2.83 -33.10 34.88
CA ILE A 150 1.71 -33.48 34.04
C ILE A 150 0.94 -32.27 33.59
N LEU A 151 0.65 -32.24 32.30
CA LEU A 151 -0.09 -31.17 31.65
C LEU A 151 -1.56 -31.35 32.01
N LYS A 152 -2.17 -30.31 32.57
CA LYS A 152 -3.57 -30.39 33.03
C LYS A 152 -4.53 -30.03 31.92
N TYR A 153 -4.25 -28.90 31.28
CA TYR A 153 -5.08 -28.41 30.19
C TYR A 153 -4.19 -28.01 29.00
N GLY A 154 -4.66 -28.28 27.81
CA GLY A 154 -3.91 -27.94 26.60
C GLY A 154 -4.38 -28.66 25.38
N SER A 155 -3.73 -28.40 24.26
CA SER A 155 -3.95 -29.18 23.06
C SER A 155 -2.63 -29.51 22.45
N ILE A 156 -2.59 -30.68 21.86
CA ILE A 156 -1.39 -31.21 21.25
C ILE A 156 -1.88 -31.57 19.88
N THR A 157 -1.41 -30.83 18.87
CA THR A 157 -1.82 -31.01 17.50
C THR A 157 -0.81 -31.88 16.78
N GLY A 158 -1.19 -32.35 15.61
CA GLY A 158 -0.25 -33.10 14.79
C GLY A 158 -0.16 -34.55 15.21
N MET A 159 0.86 -35.20 14.68
CA MET A 159 1.05 -36.63 14.86
C MET A 159 1.04 -37.02 16.33
N SER A 160 1.69 -36.22 17.15
CA SER A 160 1.82 -36.48 18.57
C SER A 160 0.48 -36.60 19.24
N GLY A 161 -0.35 -35.60 19.02
CA GLY A 161 -1.71 -35.58 19.53
C GLY A 161 -2.56 -36.74 19.07
N LYS A 162 -2.44 -37.11 17.80
CA LYS A 162 -3.23 -38.18 17.27
C LYS A 162 -2.76 -39.52 17.83
N LEU A 163 -1.45 -39.75 17.85
CA LEU A 163 -0.91 -41.00 18.39
C LEU A 163 -1.27 -41.19 19.85
N LEU A 164 -1.15 -40.12 20.63
CA LEU A 164 -1.50 -40.16 22.02
C LEU A 164 -2.88 -40.79 22.21
N TRP A 165 -3.87 -40.25 21.52
CA TRP A 165 -5.24 -40.70 21.63
C TRP A 165 -5.43 -42.09 21.01
N GLU A 166 -5.03 -42.26 19.76
CA GLU A 166 -5.26 -43.50 19.00
C GLU A 166 -4.60 -44.71 19.62
N ALA A 167 -3.34 -44.55 20.04
CA ALA A 167 -2.59 -45.65 20.62
C ALA A 167 -3.20 -46.05 21.99
N SER A 168 -3.58 -45.08 22.82
CA SER A 168 -4.23 -45.38 24.10
C SER A 168 -5.58 -46.07 23.88
N ARG A 169 -6.37 -45.58 22.93
CA ARG A 169 -7.65 -46.19 22.58
C ARG A 169 -7.53 -47.63 22.08
N ALA A 170 -6.38 -48.01 21.55
CA ALA A 170 -6.10 -49.37 21.14
C ALA A 170 -5.44 -50.20 22.26
N GLY A 171 -5.47 -49.70 23.49
CA GLY A 171 -4.91 -50.40 24.63
C GLY A 171 -3.40 -50.38 24.77
N LEU A 172 -2.72 -49.43 24.12
CA LEU A 172 -1.27 -49.31 24.24
C LEU A 172 -0.90 -48.24 25.24
N LYS A 173 0.26 -48.38 25.84
CA LYS A 173 0.73 -47.40 26.82
C LYS A 173 1.34 -46.28 26.00
N SER A 174 0.75 -45.09 26.08
CA SER A 174 1.18 -43.99 25.22
C SER A 174 1.48 -42.73 26.03
N TYR A 175 2.46 -41.98 25.54
CA TYR A 175 2.95 -40.80 26.24
C TYR A 175 3.30 -39.73 25.22
N VAL A 176 3.26 -38.48 25.68
CA VAL A 176 3.90 -37.39 24.95
C VAL A 176 4.77 -36.61 25.92
N LEU A 177 6.00 -36.32 25.49
CA LEU A 177 6.88 -35.41 26.19
C LEU A 177 6.97 -34.11 25.39
N LEU A 178 6.84 -32.98 26.09
CA LEU A 178 6.85 -31.67 25.46
C LEU A 178 7.92 -30.82 26.09
N GLY A 179 8.97 -30.53 25.34
CA GLY A 179 10.01 -29.63 25.83
C GLY A 179 9.56 -28.19 25.60
N GLU A 180 9.49 -27.41 26.68
CA GLU A 180 9.32 -25.96 26.55
C GLU A 180 10.47 -25.38 25.72
N THR A 181 10.11 -24.46 24.83
CA THR A 181 11.10 -23.78 23.97
C THR A 181 10.57 -22.37 23.62
N PHE A 182 11.43 -21.58 22.99
CA PHE A 182 11.10 -20.20 22.60
C PHE A 182 9.88 -20.18 21.69
N GLY A 183 9.92 -21.03 20.67
CA GLY A 183 8.79 -21.22 19.76
C GLY A 183 9.02 -20.73 18.34
N ASP A 184 10.23 -20.25 18.07
CA ASP A 184 10.55 -19.56 16.82
C ASP A 184 11.88 -20.00 16.19
N ARG A 185 12.52 -21.06 16.70
CA ARG A 185 13.85 -21.44 16.22
C ARG A 185 14.23 -22.85 16.64
N PRO A 186 15.18 -23.48 15.92
CA PRO A 186 15.67 -24.79 16.33
C PRO A 186 16.30 -24.67 17.71
N ASP A 187 15.93 -25.57 18.60
CA ASP A 187 16.35 -25.50 20.00
C ASP A 187 16.95 -26.81 20.51
N PRO A 188 18.24 -27.06 20.25
CA PRO A 188 18.85 -28.29 20.76
C PRO A 188 18.86 -28.41 22.28
N ARG A 189 18.82 -27.28 23.00
CA ARG A 189 18.79 -27.35 24.46
C ARG A 189 17.51 -28.02 24.95
N ALA A 190 16.37 -27.58 24.42
CA ALA A 190 15.08 -28.17 24.81
C ALA A 190 15.00 -29.66 24.42
N ALA A 191 15.61 -30.00 23.28
CA ALA A 191 15.69 -31.38 22.85
C ALA A 191 16.46 -32.19 23.88
N ALA A 192 17.56 -31.63 24.37
CA ALA A 192 18.36 -32.27 25.40
C ALA A 192 17.54 -32.56 26.66
N ASN A 193 16.79 -31.55 27.13
CA ASN A 193 15.88 -31.76 28.25
C ASN A 193 14.98 -32.98 28.05
N VAL A 194 14.44 -33.11 26.84
CA VAL A 194 13.55 -34.21 26.49
C VAL A 194 14.31 -35.52 26.46
N VAL A 195 15.50 -35.53 25.85
CA VAL A 195 16.33 -36.75 25.83
C VAL A 195 16.70 -37.22 27.26
N GLU A 196 16.98 -36.27 28.16
CA GLU A 196 17.22 -36.56 29.59
C GLU A 196 16.04 -37.32 30.20
N VAL A 197 14.83 -36.84 29.96
CA VAL A 197 13.62 -37.49 30.46
C VAL A 197 13.45 -38.88 29.85
N LEU A 198 13.87 -39.02 28.63
CA LEU A 198 13.77 -40.29 27.93
C LEU A 198 14.79 -41.30 28.49
N ASN A 199 15.98 -40.82 28.86
CA ASN A 199 16.97 -41.64 29.59
C ASN A 199 16.38 -42.25 30.87
N LYS A 200 15.77 -41.41 31.69
CA LYS A 200 15.15 -41.87 32.94
C LYS A 200 14.05 -42.90 32.61
N MET A 201 13.21 -42.58 31.62
CA MET A 201 12.07 -43.42 31.28
C MET A 201 12.46 -44.80 30.75
N LEU A 202 13.56 -44.90 30.05
CA LEU A 202 13.94 -46.15 29.36
C LEU A 202 15.31 -46.68 29.79
N GLY A 203 15.96 -46.02 30.73
CA GLY A 203 17.29 -46.38 31.21
C GLY A 203 18.32 -46.46 30.12
N LEU A 204 18.52 -45.38 29.38
CA LEU A 204 19.40 -45.43 28.18
C LEU A 204 20.80 -44.84 28.38
N ASN A 205 20.97 -43.97 29.38
CA ASN A 205 22.26 -43.32 29.60
C ASN A 205 22.96 -42.77 28.33
N VAL A 206 22.24 -41.95 27.58
CA VAL A 206 22.79 -41.23 26.45
C VAL A 206 23.14 -39.83 26.93
N SER A 207 24.40 -39.43 26.72
CA SER A 207 24.85 -38.11 27.07
C SER A 207 24.23 -37.10 26.11
N VAL A 208 23.63 -36.08 26.70
CA VAL A 208 23.14 -34.92 25.95
C VAL A 208 24.20 -33.81 25.82
N GLU A 209 25.47 -34.12 26.04
CA GLU A 209 26.54 -33.13 25.93
C GLU A 209 26.70 -32.63 24.50
N PRO A 210 26.82 -33.55 23.51
CA PRO A 210 27.02 -33.11 22.12
C PRO A 210 25.93 -32.15 21.63
N LEU A 211 24.72 -32.33 22.15
CA LEU A 211 23.60 -31.49 21.85
C LEU A 211 23.81 -30.08 22.44
N LEU A 212 24.14 -30.02 23.73
CA LEU A 212 24.44 -28.74 24.38
C LEU A 212 25.68 -28.03 23.75
N LYS A 213 26.65 -28.82 23.31
CA LYS A 213 27.85 -28.33 22.61
C LYS A 213 27.46 -27.70 21.28
N GLU A 214 26.62 -28.42 20.53
CA GLU A 214 26.09 -27.97 19.26
C GLU A 214 25.41 -26.61 19.39
N ALA A 215 24.61 -26.44 20.43
CA ALA A 215 23.92 -25.18 20.69
C ALA A 215 24.89 -24.04 20.96
N GLU A 216 25.94 -24.31 21.73
CA GLU A 216 26.94 -23.29 22.04
C GLU A 216 27.66 -22.88 20.79
N MET A 217 28.13 -23.86 20.02
CA MET A 217 28.86 -23.59 18.76
C MET A 217 28.05 -22.76 17.74
N ILE A 218 26.75 -23.00 17.66
CA ILE A 218 25.85 -22.23 16.79
C ILE A 218 25.78 -20.78 17.27
N GLU A 219 25.52 -20.60 18.55
CA GLU A 219 25.45 -19.28 19.16
C GLU A 219 26.77 -18.50 19.09
N GLU A 220 27.90 -19.18 19.36
CA GLU A 220 29.22 -18.58 19.19
C GLU A 220 29.45 -18.14 17.76
N GLN A 221 29.13 -18.99 16.80
CA GLN A 221 29.23 -18.65 15.37
C GLN A 221 28.41 -17.44 14.97
N LEU A 222 27.16 -17.36 15.47
CA LEU A 222 26.29 -16.23 15.18
C LEU A 222 26.88 -14.93 15.71
N ARG A 223 27.30 -14.94 16.99
CA ARG A 223 27.91 -13.78 17.62
C ARG A 223 29.13 -13.32 16.85
N ARG A 224 29.97 -14.28 16.46
CA ARG A 224 31.20 -14.01 15.74
C ARG A 224 30.94 -13.44 14.35
N MET A 225 29.94 -13.98 13.65
CA MET A 225 29.61 -13.49 12.31
C MET A 225 29.04 -12.09 12.40
N HIS A 226 28.16 -11.84 13.36
CA HIS A 226 27.61 -10.51 13.58
C HIS A 226 28.74 -9.50 13.92
N GLU A 227 29.69 -9.90 14.75
CA GLU A 227 30.87 -9.06 15.08
C GLU A 227 31.62 -8.70 13.80
N GLN A 228 31.97 -9.69 13.00
CA GLN A 228 32.75 -9.46 11.80
C GLN A 228 32.01 -8.60 10.75
N MET A 229 30.70 -8.80 10.64
CA MET A 229 29.86 -7.99 9.77
C MET A 229 29.91 -6.51 10.15
N GLU A 230 29.67 -6.24 11.41
CA GLU A 230 29.64 -4.86 11.91
C GLU A 230 31.01 -4.20 11.90
N GLU A 231 32.05 -4.97 12.21
CA GLU A 231 33.43 -4.52 12.14
C GLU A 231 33.80 -4.20 10.69
N ALA A 232 33.33 -5.02 9.74
CA ALA A 232 33.56 -4.75 8.32
C ALA A 232 32.89 -3.46 7.81
N ARG A 233 31.67 -3.16 8.21
CA ARG A 233 31.03 -1.91 7.74
C ARG A 233 31.65 -0.67 8.40
N ARG A 234 32.04 -0.77 9.67
CA ARG A 234 32.80 0.30 10.34
C ARG A 234 34.12 0.56 9.63
N LYS A 235 34.82 -0.49 9.23
CA LYS A 235 36.06 -0.30 8.46
C LYS A 235 35.78 0.39 7.14
N MET A 236 34.72 -0.02 6.46
CA MET A 236 34.38 0.58 5.18
C MET A 236 33.99 2.05 5.30
N GLU A 237 33.24 2.41 6.35
CA GLU A 237 32.90 3.82 6.65
C GLU A 237 34.15 4.67 6.89
N ARG A 238 35.05 4.19 7.75
CA ARG A 238 36.34 4.85 8.04
C ARG A 238 37.13 5.03 6.75
N GLN A 239 37.09 4.01 5.90
CA GLN A 239 37.83 3.98 4.64
C GLN A 239 37.24 4.97 3.63
N TYR A 240 35.91 5.00 3.52
CA TYR A 240 35.18 5.98 2.68
C TYR A 240 35.53 7.41 3.11
N GLU A 241 35.49 7.67 4.42
CA GLU A 241 35.77 9.01 4.93
C GLU A 241 37.20 9.44 4.65
N THR A 242 38.20 8.57 4.90
CA THR A 242 39.60 8.98 4.66
C THR A 242 39.84 9.20 3.16
N MET A 243 39.19 8.41 2.31
CA MET A 243 39.35 8.54 0.87
C MET A 243 38.69 9.79 0.30
N TYR A 244 37.53 10.18 0.84
CA TYR A 244 36.64 11.11 0.13
C TYR A 244 36.27 12.41 0.84
N LEU A 245 36.41 12.49 2.17
CA LEU A 245 36.15 13.76 2.86
C LEU A 245 37.10 14.81 2.33
N LYS B 8 -6.54 -45.79 -14.76
CA LYS B 8 -5.05 -45.59 -14.57
C LYS B 8 -4.67 -44.15 -14.95
N PRO B 9 -4.07 -43.40 -14.02
CA PRO B 9 -3.88 -41.95 -14.27
C PRO B 9 -2.77 -41.61 -15.27
N VAL B 10 -1.76 -42.45 -15.39
CA VAL B 10 -0.60 -42.21 -16.23
C VAL B 10 -0.25 -43.48 -17.02
N ASN B 11 -0.17 -43.32 -18.34
CA ASN B 11 0.24 -44.38 -19.24
C ASN B 11 1.53 -43.99 -19.91
N LEU B 12 2.53 -44.85 -19.76
CA LEU B 12 3.78 -44.72 -20.41
C LEU B 12 3.63 -45.43 -21.76
N VAL B 13 3.77 -44.71 -22.85
CA VAL B 13 3.76 -45.25 -24.18
C VAL B 13 5.22 -45.27 -24.63
N LEU B 14 5.87 -46.41 -24.45
CA LEU B 14 7.29 -46.52 -24.63
C LEU B 14 7.69 -47.99 -24.96
N PRO B 15 8.23 -48.24 -26.15
CA PRO B 15 8.76 -49.57 -26.46
C PRO B 15 9.85 -50.02 -25.50
N GLU B 16 9.94 -51.33 -25.30
CA GLU B 16 10.98 -51.91 -24.44
C GLU B 16 12.34 -51.79 -25.13
N VAL B 17 13.35 -51.46 -24.36
CA VAL B 17 14.72 -51.31 -24.82
C VAL B 17 15.54 -52.04 -23.78
N GLU B 18 16.03 -53.21 -24.15
CA GLU B 18 16.61 -54.12 -23.19
C GLU B 18 17.89 -53.51 -22.66
N ASN B 19 18.11 -53.63 -21.36
CA ASN B 19 19.32 -53.15 -20.71
C ASN B 19 19.54 -51.64 -20.93
N ALA B 20 18.44 -50.89 -20.97
CA ALA B 20 18.46 -49.45 -21.26
C ALA B 20 19.31 -48.65 -20.28
N ILE B 21 20.01 -47.68 -20.82
CA ILE B 21 20.61 -46.61 -20.06
C ILE B 21 19.59 -45.48 -20.13
N PHE B 22 18.93 -45.20 -18.99
CA PHE B 22 17.84 -44.21 -18.91
C PHE B 22 18.40 -42.91 -18.31
N ILE B 23 18.30 -41.82 -19.08
CA ILE B 23 18.72 -40.49 -18.64
C ILE B 23 17.51 -39.55 -18.58
N GLU B 24 17.30 -38.90 -17.44
CA GLU B 24 16.13 -38.02 -17.23
C GLU B 24 16.59 -36.59 -16.95
N GLY B 25 16.08 -35.64 -17.72
CA GLY B 25 16.39 -34.19 -17.52
C GLY B 25 15.13 -33.35 -17.54
N TYR B 26 14.39 -33.41 -16.43
CA TYR B 26 13.14 -32.66 -16.27
C TYR B 26 13.53 -31.22 -15.89
N PRO B 27 12.65 -30.24 -16.19
CA PRO B 27 12.95 -28.86 -15.88
C PRO B 27 13.26 -28.63 -14.40
N GLY B 28 14.13 -27.68 -14.15
CA GLY B 28 14.72 -27.55 -12.83
C GLY B 28 15.58 -26.32 -12.81
N VAL B 29 16.14 -26.05 -11.65
CA VAL B 29 16.99 -24.87 -11.51
C VAL B 29 18.04 -24.81 -12.63
N GLY B 30 18.15 -23.63 -13.21
CA GLY B 30 19.11 -23.38 -14.27
C GLY B 30 18.79 -23.96 -15.63
N LEU B 31 17.71 -24.75 -15.72
CA LEU B 31 17.50 -25.69 -16.84
C LEU B 31 18.74 -26.59 -17.14
N VAL B 32 19.53 -26.89 -16.11
CA VAL B 32 20.80 -27.62 -16.28
C VAL B 32 20.53 -29.03 -16.83
N GLY B 33 19.81 -29.82 -16.07
CA GLY B 33 19.33 -31.12 -16.48
C GLY B 33 18.71 -31.09 -17.85
N HIS B 34 17.81 -30.14 -18.04
CA HIS B 34 16.99 -30.09 -19.23
C HIS B 34 17.82 -29.79 -20.46
N ILE B 35 18.76 -28.87 -20.35
CA ILE B 35 19.61 -28.50 -21.48
C ILE B 35 20.54 -29.66 -21.81
N ALA B 36 21.14 -30.24 -20.78
CA ALA B 36 22.01 -31.40 -20.91
C ALA B 36 21.30 -32.55 -21.64
N ALA B 37 20.14 -32.94 -21.13
CA ALA B 37 19.40 -34.04 -21.73
C ALA B 37 19.03 -33.75 -23.17
N ASN B 38 18.62 -32.51 -23.43
CA ASN B 38 18.12 -32.15 -24.74
C ASN B 38 19.30 -32.15 -25.72
N PHE B 39 20.45 -31.68 -25.26
CA PHE B 39 21.65 -31.63 -26.06
C PHE B 39 22.11 -33.03 -26.47
N LEU B 40 22.19 -33.94 -25.50
CA LEU B 40 22.50 -35.33 -25.79
C LEU B 40 21.55 -35.96 -26.78
N ALA B 41 20.25 -35.75 -26.60
CA ALA B 41 19.30 -36.33 -27.54
C ALA B 41 19.57 -35.84 -28.96
N LYS B 42 19.90 -34.57 -29.10
CA LYS B 42 20.13 -33.95 -30.40
C LYS B 42 21.43 -34.47 -31.02
N GLU B 43 22.53 -34.36 -30.26
CA GLU B 43 23.85 -34.75 -30.73
C GLU B 43 24.00 -36.24 -31.06
N LEU B 44 23.24 -37.10 -30.40
CA LEU B 44 23.19 -38.52 -30.74
C LEU B 44 22.08 -38.88 -31.75
N ASP B 45 21.56 -37.89 -32.47
CA ASP B 45 20.51 -38.08 -33.50
C ASP B 45 19.46 -39.10 -33.07
N MET B 46 18.88 -38.89 -31.88
CA MET B 46 17.90 -39.82 -31.32
C MET B 46 16.56 -39.62 -32.00
N ASP B 47 15.73 -40.63 -31.95
CA ASP B 47 14.38 -40.56 -32.48
C ASP B 47 13.42 -40.40 -31.32
N LEU B 48 12.27 -39.81 -31.59
CA LEU B 48 11.19 -39.76 -30.64
C LEU B 48 10.59 -41.15 -30.58
N ILE B 49 10.78 -41.86 -29.46
CA ILE B 49 10.29 -43.25 -29.34
C ILE B 49 9.07 -43.43 -28.48
N GLY B 50 8.74 -42.43 -27.67
CA GLY B 50 7.53 -42.51 -26.85
C GLY B 50 7.23 -41.28 -26.01
N TYR B 51 6.23 -41.42 -25.14
CA TYR B 51 5.73 -40.29 -24.39
C TYR B 51 4.90 -40.71 -23.18
N VAL B 52 4.67 -39.75 -22.29
CA VAL B 52 3.78 -39.92 -21.16
C VAL B 52 2.43 -39.35 -21.53
N ASP B 53 1.38 -40.08 -21.21
CA ASP B 53 0.03 -39.75 -21.57
C ASP B 53 -0.79 -39.74 -20.30
N SER B 54 -1.48 -38.64 -20.05
CA SER B 54 -2.29 -38.49 -18.85
C SER B 54 -3.23 -37.33 -19.01
N LEU B 55 -4.47 -37.51 -18.55
CA LEU B 55 -5.45 -36.45 -18.53
C LEU B 55 -5.01 -35.28 -17.68
N PHE B 56 -4.09 -35.52 -16.74
CA PHE B 56 -3.62 -34.47 -15.82
C PHE B 56 -2.41 -33.70 -16.31
N ILE B 57 -1.90 -34.09 -17.48
CA ILE B 57 -0.91 -33.27 -18.18
C ILE B 57 -1.70 -32.25 -18.99
N PRO B 58 -1.41 -30.96 -18.80
CA PRO B 58 -2.23 -29.97 -19.44
C PRO B 58 -2.14 -30.05 -20.96
N PRO B 59 -3.24 -29.77 -21.65
CA PRO B 59 -3.31 -29.86 -23.09
C PRO B 59 -2.33 -28.92 -23.78
N MET B 60 -1.43 -29.49 -24.58
CA MET B 60 -0.56 -28.76 -25.46
C MET B 60 0.14 -29.68 -26.44
N SER B 61 0.62 -29.09 -27.54
CA SER B 61 1.67 -29.69 -28.36
C SER B 61 2.82 -28.72 -28.41
N LEU B 62 4.01 -29.27 -28.23
CA LEU B 62 5.22 -28.55 -28.58
C LEU B 62 5.47 -28.83 -30.04
N ILE B 63 6.02 -27.85 -30.74
CA ILE B 63 6.40 -28.03 -32.12
C ILE B 63 7.92 -27.98 -32.14
N LEU B 64 8.55 -29.06 -32.59
CA LEU B 64 10.03 -29.15 -32.70
C LEU B 64 10.42 -29.58 -34.10
N GLU B 65 11.17 -28.74 -34.81
CA GLU B 65 11.50 -29.00 -36.24
C GLU B 65 10.21 -29.30 -37.04
N GLY B 66 9.16 -28.51 -36.82
CA GLY B 66 7.89 -28.72 -37.49
C GLY B 66 7.15 -30.03 -37.23
N ARG B 67 7.49 -30.74 -36.16
CA ARG B 67 6.74 -31.93 -35.75
C ARG B 67 6.07 -31.71 -34.39
N PRO B 68 4.74 -31.92 -34.33
CA PRO B 68 4.07 -31.89 -33.04
C PRO B 68 4.62 -32.95 -32.12
N THR B 69 5.00 -32.57 -30.90
CA THR B 69 5.41 -33.56 -29.89
C THR B 69 4.72 -33.26 -28.54
N PRO B 70 4.48 -34.29 -27.71
CA PRO B 70 3.91 -34.02 -26.38
C PRO B 70 4.90 -33.42 -25.43
N PRO B 71 4.41 -32.81 -24.36
CA PRO B 71 5.31 -32.14 -23.41
C PRO B 71 6.22 -33.07 -22.61
N LEU B 72 5.80 -34.29 -22.37
CA LEU B 72 6.64 -35.30 -21.71
C LEU B 72 6.92 -36.40 -22.71
N ARG B 73 8.18 -36.55 -23.09
CA ARG B 73 8.53 -37.48 -24.15
C ARG B 73 9.85 -38.19 -23.90
N PHE B 74 10.05 -39.25 -24.68
CA PHE B 74 11.24 -40.09 -24.60
C PHE B 74 11.93 -40.15 -25.96
N TYR B 75 13.24 -39.91 -25.96
CA TYR B 75 14.10 -40.03 -27.14
C TYR B 75 14.99 -41.26 -26.98
N GLY B 76 15.31 -41.91 -28.09
CA GLY B 76 16.13 -43.11 -28.06
C GLY B 76 17.08 -43.27 -29.25
N LYS B 77 18.24 -43.87 -28.96
CA LYS B 77 19.14 -44.41 -29.98
C LYS B 77 19.74 -45.64 -29.35
N ASN B 78 19.48 -46.81 -29.97
CA ASN B 78 19.92 -48.11 -29.51
C ASN B 78 20.49 -48.18 -28.10
N ASN B 79 19.67 -48.50 -27.13
CA ASN B 79 20.12 -48.73 -25.70
C ASN B 79 20.13 -47.51 -24.75
N ILE B 80 20.22 -46.30 -25.28
CA ILE B 80 20.04 -45.08 -24.47
C ILE B 80 18.63 -44.52 -24.68
N ILE B 81 17.92 -44.32 -23.55
CA ILE B 81 16.66 -43.56 -23.53
C ILE B 81 16.90 -42.21 -22.81
N ILE B 82 16.43 -41.13 -23.40
CA ILE B 82 16.47 -39.81 -22.75
C ILE B 82 15.06 -39.29 -22.55
N ALA B 83 14.73 -39.00 -21.28
CA ALA B 83 13.42 -38.50 -20.86
C ALA B 83 13.45 -36.98 -20.68
N ILE B 84 12.56 -36.30 -21.41
CA ILE B 84 12.47 -34.84 -21.44
C ILE B 84 11.03 -34.42 -21.06
N ALA B 85 10.93 -33.32 -20.35
CA ALA B 85 9.66 -32.65 -20.07
C ALA B 85 9.79 -31.14 -20.31
N ASP B 86 8.73 -30.51 -20.81
CA ASP B 86 8.73 -29.05 -20.96
C ASP B 86 7.87 -28.28 -19.96
N ILE B 87 7.37 -28.95 -18.94
CA ILE B 87 6.53 -28.31 -17.93
C ILE B 87 6.87 -28.84 -16.57
N PHE B 88 6.64 -28.02 -15.56
CA PHE B 88 6.71 -28.49 -14.18
C PHE B 88 5.40 -29.20 -13.97
N LEU B 89 5.37 -30.14 -13.04
CA LEU B 89 4.18 -30.92 -12.80
C LEU B 89 3.92 -31.02 -11.31
N PRO B 90 2.65 -31.16 -10.93
CA PRO B 90 2.36 -31.27 -9.49
C PRO B 90 2.92 -32.55 -8.85
N PRO B 91 3.23 -32.50 -7.55
CA PRO B 91 3.95 -33.58 -6.88
C PRO B 91 3.36 -34.98 -7.04
N THR B 92 2.06 -35.10 -6.84
CA THR B 92 1.44 -36.42 -6.91
C THR B 92 1.56 -37.03 -8.30
N LEU B 93 1.46 -36.19 -9.36
CA LEU B 93 1.59 -36.67 -10.73
C LEU B 93 3.01 -37.14 -11.00
N VAL B 94 3.98 -36.36 -10.56
CA VAL B 94 5.39 -36.74 -10.61
C VAL B 94 5.58 -38.14 -10.01
N ASN B 95 5.02 -38.38 -8.83
CA ASN B 95 5.13 -39.67 -8.17
C ASN B 95 4.53 -40.80 -9.02
N GLU B 96 3.36 -40.53 -9.60
CA GLU B 96 2.72 -41.51 -10.48
C GLU B 96 3.54 -41.79 -11.73
N ILE B 97 4.14 -40.77 -12.31
CA ILE B 97 4.99 -40.98 -13.46
C ILE B 97 6.24 -41.78 -13.05
N ALA B 98 6.83 -41.44 -11.91
CA ALA B 98 7.99 -42.16 -11.43
C ALA B 98 7.73 -43.65 -11.24
N LYS B 99 6.54 -43.98 -10.73
CA LYS B 99 6.13 -45.36 -10.53
C LYS B 99 6.16 -46.10 -11.88
N GLU B 100 5.50 -45.53 -12.88
CA GLU B 100 5.43 -46.15 -14.19
C GLU B 100 6.83 -46.29 -14.83
N ILE B 101 7.68 -45.28 -14.65
CA ILE B 101 9.01 -45.31 -15.22
C ILE B 101 9.83 -46.44 -14.58
N VAL B 102 9.78 -46.55 -13.25
CA VAL B 102 10.54 -47.58 -12.55
C VAL B 102 10.04 -49.00 -12.91
N ASN B 103 8.73 -49.17 -13.04
CA ASN B 103 8.17 -50.43 -13.53
C ASN B 103 8.77 -50.79 -14.88
N TYR B 104 8.84 -49.82 -15.78
CA TYR B 104 9.39 -50.05 -17.11
C TYR B 104 10.87 -50.42 -17.03
N LEU B 105 11.62 -49.76 -16.15
CA LEU B 105 13.05 -50.01 -16.03
C LEU B 105 13.38 -51.37 -15.38
N LYS B 106 12.55 -51.83 -14.43
CA LYS B 106 12.64 -53.22 -13.95
C LYS B 106 12.39 -54.20 -15.10
N LYS B 107 11.26 -54.03 -15.78
CA LYS B 107 10.85 -54.89 -16.90
C LYS B 107 12.01 -55.14 -17.87
N VAL B 108 12.72 -54.09 -18.24
CA VAL B 108 13.75 -54.14 -19.28
C VAL B 108 15.19 -54.32 -18.73
N ASN B 109 15.31 -54.54 -17.42
CA ASN B 109 16.59 -54.74 -16.77
C ASN B 109 17.57 -53.62 -17.12
N ALA B 110 17.15 -52.40 -16.85
CA ALA B 110 17.95 -51.24 -17.18
C ALA B 110 19.32 -51.32 -16.51
N GLU B 111 20.34 -50.93 -17.25
CA GLU B 111 21.71 -51.00 -16.81
C GLU B 111 22.00 -49.82 -15.87
N LYS B 112 21.59 -48.63 -16.29
CA LYS B 112 21.78 -47.39 -15.50
C LYS B 112 20.56 -46.48 -15.55
N VAL B 113 20.29 -45.81 -14.44
CA VAL B 113 19.23 -44.82 -14.28
C VAL B 113 19.88 -43.53 -13.81
N ILE B 114 19.99 -42.57 -14.71
CA ILE B 114 20.73 -41.34 -14.45
C ILE B 114 19.81 -40.13 -14.53
N SER B 115 19.76 -39.35 -13.46
CA SER B 115 18.95 -38.13 -13.44
C SER B 115 19.89 -36.95 -13.55
N LEU B 116 19.55 -36.01 -14.41
CA LEU B 116 20.31 -34.78 -14.59
C LEU B 116 19.62 -33.60 -13.93
N ALA B 117 20.38 -32.83 -13.16
CA ALA B 117 19.81 -31.79 -12.34
C ALA B 117 20.78 -30.63 -12.15
N GLY B 118 20.28 -29.59 -11.50
CA GLY B 118 21.03 -28.37 -11.26
C GLY B 118 21.05 -28.12 -9.77
N MET B 119 22.02 -27.34 -9.33
CA MET B 119 22.12 -26.95 -7.94
C MET B 119 22.35 -25.45 -7.96
N GLY B 120 21.32 -24.71 -7.53
CA GLY B 120 21.37 -23.25 -7.51
C GLY B 120 22.28 -22.84 -6.38
N ILE B 121 23.37 -22.13 -6.71
CA ILE B 121 24.45 -21.99 -5.75
C ILE B 121 25.18 -20.69 -6.01
N GLY B 122 24.55 -19.61 -5.54
CA GLY B 122 25.15 -18.31 -5.47
C GLY B 122 25.58 -17.69 -6.78
N PHE B 123 26.29 -16.57 -6.67
CA PHE B 123 26.82 -15.86 -7.84
C PHE B 123 28.33 -15.77 -7.85
N PHE B 124 28.92 -15.48 -6.69
CA PHE B 124 30.33 -15.18 -6.60
C PHE B 124 31.14 -16.44 -6.29
N LYS B 125 30.95 -17.51 -7.07
CA LYS B 125 31.84 -18.69 -7.06
C LYS B 125 32.66 -18.66 -8.36
N ASP B 126 33.97 -18.91 -8.24
CA ASP B 126 34.91 -18.96 -9.37
C ASP B 126 34.54 -20.03 -10.41
N THR B 127 34.54 -21.30 -9.97
CA THR B 127 34.17 -22.42 -10.85
C THR B 127 32.88 -23.10 -10.39
N PHE B 128 32.18 -23.66 -11.36
CA PHE B 128 30.95 -24.41 -11.16
C PHE B 128 31.29 -25.88 -11.26
N GLU B 129 31.07 -26.60 -10.16
CA GLU B 129 31.36 -28.01 -10.07
C GLU B 129 30.16 -28.81 -10.58
N VAL B 130 30.34 -30.12 -10.61
CA VAL B 130 29.26 -31.07 -10.76
C VAL B 130 29.31 -32.01 -9.55
N TRP B 131 28.21 -32.08 -8.81
CA TRP B 131 28.09 -33.03 -7.71
C TRP B 131 27.36 -34.27 -8.19
N GLY B 132 27.39 -35.31 -7.37
CA GLY B 132 26.81 -36.59 -7.70
C GLY B 132 26.30 -37.31 -6.47
N ILE B 133 25.42 -38.27 -6.71
CA ILE B 133 25.01 -39.17 -5.66
C ILE B 133 24.54 -40.44 -6.34
N GLY B 134 24.78 -41.56 -5.67
CA GLY B 134 24.47 -42.87 -6.21
C GLY B 134 23.49 -43.60 -5.33
N GLY B 135 22.78 -44.55 -5.94
CA GLY B 135 21.79 -45.36 -5.23
C GLY B 135 22.36 -46.12 -4.06
N SER B 136 23.60 -46.58 -4.22
CA SER B 136 24.31 -47.34 -3.20
C SER B 136 25.75 -46.89 -3.21
N GLU B 137 26.55 -47.44 -2.28
CA GLU B 137 27.96 -47.07 -2.18
C GLU B 137 28.76 -47.44 -3.45
N GLU B 138 28.32 -48.49 -4.16
CA GLU B 138 28.94 -48.92 -5.43
C GLU B 138 28.92 -47.80 -6.46
N GLU B 139 27.76 -47.15 -6.61
CA GLU B 139 27.61 -46.09 -7.59
C GLU B 139 28.27 -44.80 -7.14
N ASN B 140 28.28 -44.54 -5.84
CA ASN B 140 29.07 -43.45 -5.27
C ASN B 140 30.55 -43.59 -5.63
N LYS B 141 31.07 -44.81 -5.52
CA LYS B 141 32.46 -45.13 -5.87
C LYS B 141 32.73 -44.82 -7.35
N GLU B 142 31.85 -45.29 -8.24
CA GLU B 142 32.00 -44.99 -9.69
C GLU B 142 32.11 -43.51 -9.97
N LEU B 143 31.25 -42.73 -9.33
CA LEU B 143 31.21 -41.29 -9.53
C LEU B 143 32.47 -40.66 -9.01
N GLU B 144 32.97 -41.16 -7.88
CA GLU B 144 34.24 -40.69 -7.30
C GLU B 144 35.38 -40.92 -8.29
N SER B 145 35.41 -42.11 -8.89
CA SER B 145 36.42 -42.47 -9.86
C SER B 145 36.32 -41.72 -11.21
N LEU B 146 35.28 -40.93 -11.43
CA LEU B 146 35.25 -39.96 -12.54
C LEU B 146 35.47 -38.54 -11.99
N GLY B 147 36.02 -38.44 -10.78
CA GLY B 147 36.26 -37.16 -10.11
C GLY B 147 35.06 -36.27 -9.91
N VAL B 148 33.92 -36.88 -9.60
CA VAL B 148 32.70 -36.16 -9.25
C VAL B 148 32.65 -36.15 -7.73
N LYS B 149 32.43 -34.97 -7.14
CA LYS B 149 32.25 -34.85 -5.69
C LYS B 149 30.95 -35.52 -5.28
N ILE B 150 31.00 -36.37 -4.26
CA ILE B 150 29.79 -36.96 -3.70
C ILE B 150 29.15 -36.02 -2.71
N LEU B 151 27.85 -35.87 -2.86
CA LEU B 151 27.02 -35.02 -2.01
C LEU B 151 26.81 -35.76 -0.70
N LYS B 152 27.15 -35.15 0.42
CA LYS B 152 27.09 -35.83 1.74
C LYS B 152 25.70 -35.64 2.35
N TYR B 153 25.27 -34.38 2.37
CA TYR B 153 24.00 -34.00 2.92
C TYR B 153 23.23 -33.11 1.94
N GLY B 154 21.91 -33.26 1.92
CA GLY B 154 21.06 -32.43 1.09
C GLY B 154 19.70 -33.06 0.86
N SER B 155 18.89 -32.43 0.03
CA SER B 155 17.73 -33.09 -0.52
C SER B 155 17.66 -32.79 -1.98
N ILE B 156 17.11 -33.74 -2.71
CA ILE B 156 16.92 -33.63 -4.12
C ILE B 156 15.43 -33.88 -4.30
N THR B 157 14.73 -32.85 -4.70
CA THR B 157 13.28 -32.89 -4.87
C THR B 157 12.94 -33.18 -6.31
N GLY B 158 11.69 -33.52 -6.55
CA GLY B 158 11.23 -33.72 -7.90
C GLY B 158 11.57 -35.10 -8.41
N MET B 159 11.41 -35.25 -9.73
CA MET B 159 11.56 -36.53 -10.38
C MET B 159 12.93 -37.16 -10.07
N SER B 160 13.98 -36.33 -10.07
CA SER B 160 15.32 -36.82 -9.84
C SER B 160 15.45 -37.52 -8.51
N GLY B 161 14.98 -36.85 -7.46
CA GLY B 161 14.99 -37.42 -6.14
C GLY B 161 14.17 -38.67 -5.98
N LYS B 162 13.01 -38.73 -6.64
CA LYS B 162 12.16 -39.89 -6.53
C LYS B 162 12.80 -41.05 -7.28
N LEU B 163 13.27 -40.82 -8.50
CA LEU B 163 13.90 -41.89 -9.28
C LEU B 163 15.12 -42.46 -8.59
N LEU B 164 15.94 -41.58 -8.03
CA LEU B 164 17.11 -42.00 -7.29
C LEU B 164 16.75 -43.09 -6.28
N TRP B 165 15.77 -42.80 -5.44
CA TRP B 165 15.35 -43.72 -4.39
C TRP B 165 14.65 -44.95 -4.98
N GLU B 166 13.62 -44.74 -5.78
CA GLU B 166 12.76 -45.80 -6.30
C GLU B 166 13.51 -46.81 -7.15
N ALA B 167 14.37 -46.30 -8.04
CA ALA B 167 15.14 -47.15 -8.92
C ALA B 167 16.16 -47.98 -8.14
N SER B 168 16.84 -47.37 -7.17
CA SER B 168 17.79 -48.12 -6.32
C SER B 168 17.05 -49.18 -5.49
N ARG B 169 15.91 -48.82 -4.92
CA ARG B 169 15.08 -49.78 -4.16
C ARG B 169 14.58 -50.96 -4.99
N ALA B 170 14.50 -50.80 -6.30
CA ALA B 170 14.15 -51.88 -7.21
C ALA B 170 15.39 -52.62 -7.75
N GLY B 171 16.56 -52.40 -7.13
CA GLY B 171 17.78 -53.06 -7.54
C GLY B 171 18.45 -52.54 -8.80
N LEU B 172 18.15 -51.32 -9.21
CA LEU B 172 18.77 -50.73 -10.39
C LEU B 172 19.91 -49.81 -9.96
N LYS B 173 20.89 -49.64 -10.82
CA LYS B 173 22.02 -48.78 -10.54
C LYS B 173 21.54 -47.37 -10.89
N SER B 174 21.47 -46.49 -9.89
CA SER B 174 20.87 -45.18 -10.10
C SER B 174 21.78 -44.07 -9.62
N TYR B 175 21.73 -42.95 -10.34
CA TYR B 175 22.61 -41.82 -10.08
C TYR B 175 21.85 -40.53 -10.29
N VAL B 176 22.33 -39.47 -9.64
CA VAL B 176 21.95 -38.12 -9.99
C VAL B 176 23.21 -37.27 -10.15
N LEU B 177 23.28 -36.51 -11.24
CA LEU B 177 24.31 -35.50 -11.44
C LEU B 177 23.69 -34.14 -11.29
N LEU B 178 24.35 -33.27 -10.52
CA LEU B 178 23.86 -31.92 -10.24
C LEU B 178 24.91 -30.91 -10.66
N GLY B 179 24.64 -30.16 -11.72
CA GLY B 179 25.54 -29.09 -12.13
C GLY B 179 25.27 -27.85 -11.31
N GLU B 180 26.28 -27.37 -10.59
CA GLU B 180 26.21 -26.05 -9.95
C GLU B 180 25.91 -24.98 -10.99
N THR B 181 25.01 -24.07 -10.63
CA THR B 181 24.63 -22.95 -11.49
C THR B 181 24.21 -21.76 -10.61
N PHE B 182 24.01 -20.61 -11.27
CA PHE B 182 23.63 -19.37 -10.57
C PHE B 182 22.34 -19.56 -9.81
N GLY B 183 21.35 -20.13 -10.48
CA GLY B 183 20.07 -20.50 -9.87
C GLY B 183 18.87 -19.70 -10.35
N ASP B 184 19.10 -18.81 -11.32
CA ASP B 184 18.11 -17.81 -11.73
C ASP B 184 17.98 -17.68 -13.24
N ARG B 185 18.61 -18.55 -14.03
CA ARG B 185 18.62 -18.36 -15.50
C ARG B 185 19.04 -19.63 -16.22
N PRO B 186 18.66 -19.77 -17.50
CA PRO B 186 19.16 -20.90 -18.29
C PRO B 186 20.67 -20.86 -18.36
N ASP B 187 21.32 -21.97 -18.07
CA ASP B 187 22.77 -22.04 -17.97
C ASP B 187 23.38 -23.17 -18.82
N PRO B 188 23.60 -22.94 -20.11
CA PRO B 188 24.20 -23.99 -20.94
C PRO B 188 25.61 -24.40 -20.51
N ARG B 189 26.35 -23.51 -19.81
CA ARG B 189 27.67 -23.88 -19.35
C ARG B 189 27.60 -25.00 -18.32
N ALA B 190 26.72 -24.87 -17.34
CA ALA B 190 26.56 -25.91 -16.32
C ALA B 190 26.06 -27.22 -16.93
N ALA B 191 25.21 -27.12 -17.95
CA ALA B 191 24.74 -28.28 -18.67
C ALA B 191 25.92 -28.99 -19.31
N ALA B 192 26.82 -28.20 -19.90
CA ALA B 192 28.04 -28.74 -20.50
C ALA B 192 28.87 -29.52 -19.49
N ASN B 193 29.10 -28.92 -18.33
CA ASN B 193 29.80 -29.64 -17.24
C ASN B 193 29.19 -31.01 -16.99
N VAL B 194 27.86 -31.06 -16.96
CA VAL B 194 27.14 -32.30 -16.71
C VAL B 194 27.31 -33.26 -17.87
N VAL B 195 27.18 -32.77 -19.11
CA VAL B 195 27.37 -33.62 -20.28
C VAL B 195 28.80 -34.20 -20.33
N GLU B 196 29.81 -33.42 -19.93
CA GLU B 196 31.20 -33.88 -19.81
C GLU B 196 31.30 -35.08 -18.89
N VAL B 197 30.66 -34.98 -17.71
CA VAL B 197 30.66 -36.09 -16.76
C VAL B 197 29.94 -37.31 -17.32
N LEU B 198 28.93 -37.07 -18.14
CA LEU B 198 28.16 -38.13 -18.75
C LEU B 198 28.97 -38.84 -19.83
N ASN B 199 29.78 -38.08 -20.57
CA ASN B 199 30.77 -38.66 -21.53
C ASN B 199 31.69 -39.66 -20.85
N LYS B 200 32.29 -39.25 -19.75
CA LYS B 200 33.20 -40.13 -18.98
C LYS B 200 32.42 -41.36 -18.50
N MET B 201 31.24 -41.15 -17.97
CA MET B 201 30.44 -42.23 -17.38
C MET B 201 30.01 -43.28 -18.41
N LEU B 202 29.74 -42.88 -19.64
CA LEU B 202 29.17 -43.76 -20.65
C LEU B 202 30.03 -43.93 -21.90
N GLY B 203 31.20 -43.27 -21.92
CA GLY B 203 32.10 -43.27 -23.06
C GLY B 203 31.44 -42.80 -24.33
N LEU B 204 30.88 -41.60 -24.34
CA LEU B 204 30.12 -41.12 -25.50
C LEU B 204 30.84 -40.16 -26.43
N ASN B 205 31.87 -39.48 -25.92
CA ASN B 205 32.61 -38.51 -26.73
C ASN B 205 31.74 -37.53 -27.55
N VAL B 206 30.81 -36.86 -26.86
CA VAL B 206 30.01 -35.80 -27.45
C VAL B 206 30.68 -34.48 -27.08
N SER B 207 30.95 -33.67 -28.10
CA SER B 207 31.54 -32.38 -27.88
C SER B 207 30.50 -31.45 -27.25
N VAL B 208 30.91 -30.82 -26.16
CA VAL B 208 30.13 -29.77 -25.52
C VAL B 208 30.46 -28.37 -26.08
N GLU B 209 31.11 -28.29 -27.23
CA GLU B 209 31.46 -27.00 -27.83
C GLU B 209 30.23 -26.20 -28.22
N PRO B 210 29.29 -26.81 -28.97
CA PRO B 210 28.09 -26.05 -29.41
C PRO B 210 27.32 -25.41 -28.25
N LEU B 211 27.36 -26.08 -27.10
CA LEU B 211 26.74 -25.61 -25.89
C LEU B 211 27.47 -24.38 -25.36
N LEU B 212 28.79 -24.49 -25.22
CA LEU B 212 29.62 -23.34 -24.80
C LEU B 212 29.54 -22.16 -25.79
N LYS B 213 29.40 -22.47 -27.08
CA LYS B 213 29.24 -21.48 -28.17
C LYS B 213 27.91 -20.76 -27.98
N GLU B 214 26.86 -21.54 -27.77
CA GLU B 214 25.51 -21.03 -27.52
C GLU B 214 25.51 -20.02 -26.36
N ALA B 215 26.20 -20.36 -25.28
CA ALA B 215 26.31 -19.49 -24.12
C ALA B 215 27.01 -18.17 -24.43
N GLU B 216 28.07 -18.23 -25.23
CA GLU B 216 28.81 -17.03 -25.62
C GLU B 216 27.94 -16.16 -26.47
N MET B 217 27.30 -16.74 -27.49
CA MET B 217 26.42 -15.98 -28.39
C MET B 217 25.27 -15.27 -27.68
N ILE B 218 24.70 -15.91 -26.65
CA ILE B 218 23.64 -15.31 -25.84
C ILE B 218 24.18 -14.11 -25.08
N GLU B 219 25.29 -14.30 -24.39
CA GLU B 219 25.95 -13.25 -23.63
C GLU B 219 26.44 -12.10 -24.50
N GLU B 220 27.03 -12.39 -25.66
CA GLU B 220 27.41 -11.36 -26.64
C GLU B 220 26.19 -10.57 -27.08
N GLN B 221 25.11 -11.26 -27.43
CA GLN B 221 23.85 -10.60 -27.81
C GLN B 221 23.29 -9.68 -26.72
N LEU B 222 23.31 -10.14 -25.47
CA LEU B 222 22.84 -9.34 -24.34
C LEU B 222 23.67 -8.07 -24.19
N ARG B 223 24.99 -8.21 -24.17
CA ARG B 223 25.92 -7.09 -24.05
C ARG B 223 25.66 -6.08 -25.15
N ARG B 224 25.53 -6.58 -26.38
CA ARG B 224 25.32 -5.75 -27.55
C ARG B 224 23.98 -5.03 -27.51
N MET B 225 22.93 -5.70 -27.07
CA MET B 225 21.59 -5.08 -26.96
C MET B 225 21.61 -4.03 -25.89
N HIS B 226 22.22 -4.31 -24.73
CA HIS B 226 22.34 -3.33 -23.67
C HIS B 226 23.14 -2.09 -24.15
N GLU B 227 24.22 -2.31 -24.90
CA GLU B 227 25.01 -1.22 -25.51
C GLU B 227 24.11 -0.35 -26.37
N GLN B 228 23.42 -0.97 -27.31
CA GLN B 228 22.58 -0.24 -28.25
C GLN B 228 21.42 0.51 -27.58
N MET B 229 20.84 -0.09 -26.55
CA MET B 229 19.79 0.54 -25.76
C MET B 229 20.28 1.84 -25.12
N GLU B 230 21.40 1.74 -24.42
CA GLU B 230 21.97 2.89 -23.71
C GLU B 230 22.51 3.95 -24.64
N GLU B 231 23.10 3.53 -25.75
CA GLU B 231 23.54 4.43 -26.80
C GLU B 231 22.37 5.15 -27.44
N ALA B 232 21.26 4.45 -27.63
CA ALA B 232 20.03 5.06 -28.17
C ALA B 232 19.43 6.12 -27.24
N ARG B 233 19.39 5.90 -25.92
CA ARG B 233 18.81 6.93 -25.04
C ARG B 233 19.74 8.13 -24.90
N ARG B 234 21.06 7.92 -24.87
CA ARG B 234 22.02 9.02 -24.92
C ARG B 234 21.85 9.87 -26.17
N LYS B 235 21.66 9.21 -27.33
CA LYS B 235 21.42 9.95 -28.56
C LYS B 235 20.15 10.76 -28.45
N MET B 236 19.10 10.18 -27.90
CA MET B 236 17.79 10.85 -27.77
C MET B 236 17.89 12.05 -26.81
N GLU B 237 18.62 11.92 -25.71
CA GLU B 237 18.86 13.04 -24.78
C GLU B 237 19.59 14.20 -25.45
N ARG B 238 20.69 13.88 -26.14
CA ARG B 238 21.47 14.88 -26.91
C ARG B 238 20.56 15.56 -27.95
N GLN B 239 19.70 14.78 -28.57
CA GLN B 239 18.81 15.26 -29.61
C GLN B 239 17.70 16.17 -29.04
N TYR B 240 17.13 15.77 -27.91
CA TYR B 240 16.13 16.57 -27.17
C TYR B 240 16.75 17.94 -26.78
N GLU B 241 17.95 17.91 -26.22
CA GLU B 241 18.62 19.13 -25.81
C GLU B 241 18.92 20.06 -26.98
N THR B 242 19.45 19.55 -28.09
CA THR B 242 19.77 20.44 -29.23
C THR B 242 18.48 21.01 -29.83
N MET B 243 17.41 20.24 -29.83
CA MET B 243 16.13 20.67 -30.38
C MET B 243 15.44 21.73 -29.50
N TYR B 244 15.55 21.61 -28.18
CA TYR B 244 14.63 22.30 -27.28
C TYR B 244 15.24 23.25 -26.25
N LEU B 245 16.52 23.10 -25.90
CA LEU B 245 17.15 24.04 -24.97
C LEU B 245 17.10 25.44 -25.56
N LYS C 8 -19.41 -40.98 -16.83
CA LYS C 8 -18.63 -40.30 -17.94
C LYS C 8 -18.74 -38.78 -17.73
N PRO C 9 -17.60 -38.06 -17.62
CA PRO C 9 -17.67 -36.63 -17.35
C PRO C 9 -18.15 -35.75 -18.51
N VAL C 10 -17.92 -36.19 -19.75
CA VAL C 10 -18.25 -35.41 -20.93
C VAL C 10 -18.97 -36.27 -21.95
N ASN C 11 -20.15 -35.80 -22.38
CA ASN C 11 -20.94 -36.43 -23.42
C ASN C 11 -21.03 -35.51 -24.60
N LEU C 12 -20.64 -36.06 -25.74
CA LEU C 12 -20.76 -35.40 -27.00
C LEU C 12 -22.12 -35.78 -27.55
N VAL C 13 -23.00 -34.81 -27.73
CA VAL C 13 -24.30 -35.02 -28.34
C VAL C 13 -24.19 -34.47 -29.74
N LEU C 14 -23.92 -35.38 -30.68
CA LEU C 14 -23.50 -34.97 -32.03
C LEU C 14 -23.79 -36.14 -33.00
N PRO C 15 -24.70 -35.93 -33.98
CA PRO C 15 -24.91 -36.94 -35.01
C PRO C 15 -23.60 -37.22 -35.80
N GLU C 16 -23.50 -38.44 -36.33
CA GLU C 16 -22.37 -38.81 -37.15
C GLU C 16 -22.49 -38.09 -38.50
N VAL C 17 -21.34 -37.66 -39.00
CA VAL C 17 -21.21 -36.98 -40.27
C VAL C 17 -20.01 -37.67 -40.91
N GLU C 18 -20.31 -38.53 -41.90
CA GLU C 18 -19.31 -39.43 -42.40
C GLU C 18 -18.27 -38.63 -43.13
N ASN C 19 -17.01 -39.00 -42.93
CA ASN C 19 -15.89 -38.35 -43.63
C ASN C 19 -15.82 -36.83 -43.36
N ALA C 20 -16.19 -36.44 -42.14
CA ALA C 20 -16.31 -35.03 -41.74
C ALA C 20 -15.00 -34.26 -41.88
N ILE C 21 -15.13 -33.03 -42.32
CA ILE C 21 -14.10 -32.02 -42.16
C ILE C 21 -14.46 -31.29 -40.87
N PHE C 22 -13.65 -31.49 -39.82
CA PHE C 22 -13.90 -30.90 -38.50
C PHE C 22 -13.01 -29.67 -38.30
N ILE C 23 -13.65 -28.51 -38.08
CA ILE C 23 -12.95 -27.26 -37.81
C ILE C 23 -13.27 -26.77 -36.40
N GLU C 24 -12.24 -26.49 -35.60
CA GLU C 24 -12.42 -26.08 -34.19
C GLU C 24 -11.85 -24.68 -33.96
N GLY C 25 -12.68 -23.78 -33.43
CA GLY C 25 -12.23 -22.41 -33.08
C GLY C 25 -12.65 -22.03 -31.69
N TYR C 26 -11.93 -22.57 -30.70
CA TYR C 26 -12.21 -22.27 -29.28
C TYR C 26 -11.59 -20.93 -28.96
N PRO C 27 -12.10 -20.23 -27.94
CA PRO C 27 -11.54 -18.92 -27.60
C PRO C 27 -10.07 -18.98 -27.27
N GLY C 28 -9.36 -17.92 -27.62
CA GLY C 28 -7.92 -17.90 -27.49
C GLY C 28 -7.45 -16.50 -27.84
N VAL C 29 -6.12 -16.35 -27.86
CA VAL C 29 -5.57 -15.04 -28.13
C VAL C 29 -6.21 -14.40 -29.37
N GLY C 30 -6.58 -13.14 -29.22
CA GLY C 30 -7.16 -12.37 -30.29
C GLY C 30 -8.58 -12.70 -30.67
N LEU C 31 -9.16 -13.75 -30.06
CA LEU C 31 -10.35 -14.42 -30.60
C LEU C 31 -10.25 -14.77 -32.12
N VAL C 32 -9.02 -15.05 -32.59
CA VAL C 32 -8.76 -15.27 -34.01
C VAL C 32 -9.51 -16.52 -34.49
N GLY C 33 -9.15 -17.66 -33.93
CA GLY C 33 -9.87 -18.89 -34.17
C GLY C 33 -11.35 -18.76 -34.04
N HIS C 34 -11.77 -18.12 -32.96
CA HIS C 34 -13.18 -18.04 -32.60
C HIS C 34 -13.96 -17.23 -33.62
N ILE C 35 -13.40 -16.12 -34.05
CA ILE C 35 -14.07 -15.25 -35.02
C ILE C 35 -14.13 -15.94 -36.36
N ALA C 36 -13.01 -16.53 -36.77
CA ALA C 36 -12.93 -17.29 -38.00
C ALA C 36 -13.98 -18.40 -38.06
N ALA C 37 -13.99 -19.25 -37.05
CA ALA C 37 -14.93 -20.35 -37.00
C ALA C 37 -16.37 -19.87 -37.03
N ASN C 38 -16.64 -18.81 -36.29
CA ASN C 38 -18.01 -18.33 -36.14
C ASN C 38 -18.47 -17.74 -37.47
N PHE C 39 -17.54 -17.05 -38.15
CA PHE C 39 -17.83 -16.44 -39.43
C PHE C 39 -18.15 -17.49 -40.48
N LEU C 40 -17.31 -18.52 -40.59
CA LEU C 40 -17.59 -19.64 -41.48
C LEU C 40 -18.91 -20.30 -41.21
N ALA C 41 -19.22 -20.57 -39.96
CA ALA C 41 -20.51 -21.19 -39.65
C ALA C 41 -21.66 -20.35 -40.17
N LYS C 42 -21.56 -19.04 -40.01
CA LYS C 42 -22.62 -18.10 -40.40
C LYS C 42 -22.71 -18.03 -41.94
N GLU C 43 -21.59 -17.75 -42.60
CA GLU C 43 -21.54 -17.57 -44.03
C GLU C 43 -21.91 -18.82 -44.83
N LEU C 44 -21.67 -20.01 -44.30
CA LEU C 44 -22.12 -21.26 -44.91
C LEU C 44 -23.49 -21.73 -44.41
N ASP C 45 -24.28 -20.82 -43.82
CA ASP C 45 -25.64 -21.11 -43.34
C ASP C 45 -25.73 -22.49 -42.66
N MET C 46 -24.83 -22.73 -41.70
CA MET C 46 -24.79 -24.01 -40.99
C MET C 46 -25.90 -24.06 -39.96
N ASP C 47 -26.29 -25.27 -39.60
CA ASP C 47 -27.30 -25.50 -38.60
C ASP C 47 -26.61 -25.91 -37.32
N LEU C 48 -27.27 -25.66 -36.19
CA LEU C 48 -26.80 -26.17 -34.91
C LEU C 48 -27.12 -27.65 -34.89
N ILE C 49 -26.10 -28.49 -34.93
CA ILE C 49 -26.30 -29.96 -34.99
C ILE C 49 -25.99 -30.69 -33.71
N GLY C 50 -25.28 -30.06 -32.78
CA GLY C 50 -24.85 -30.74 -31.57
C GLY C 50 -24.24 -29.86 -30.50
N TYR C 51 -23.83 -30.50 -29.40
CA TYR C 51 -23.21 -29.78 -28.31
C TYR C 51 -22.46 -30.70 -27.35
N VAL C 52 -21.62 -30.09 -26.51
CA VAL C 52 -20.94 -30.79 -25.44
C VAL C 52 -21.73 -30.60 -24.18
N ASP C 53 -21.88 -31.67 -23.42
CA ASP C 53 -22.68 -31.71 -22.24
C ASP C 53 -21.84 -32.26 -21.13
N SER C 54 -21.77 -31.53 -20.02
CA SER C 54 -20.96 -31.93 -18.89
C SER C 54 -21.33 -31.16 -17.67
N LEU C 55 -21.36 -31.86 -16.53
CA LEU C 55 -21.60 -31.21 -15.24
C LEU C 55 -20.58 -30.14 -14.93
N PHE C 56 -19.38 -30.24 -15.53
CA PHE C 56 -18.28 -29.34 -15.25
C PHE C 56 -18.23 -28.13 -16.15
N ILE C 57 -19.14 -28.06 -17.12
CA ILE C 57 -19.38 -26.83 -17.88
C ILE C 57 -20.33 -25.98 -17.05
N PRO C 58 -19.93 -24.74 -16.77
CA PRO C 58 -20.76 -23.97 -15.85
C PRO C 58 -22.11 -23.67 -16.46
N PRO C 59 -23.14 -23.62 -15.63
CA PRO C 59 -24.52 -23.43 -16.09
C PRO C 59 -24.70 -22.11 -16.79
N MET C 60 -25.15 -22.17 -18.04
CA MET C 60 -25.59 -20.99 -18.78
C MET C 60 -26.31 -21.42 -20.05
N SER C 61 -27.05 -20.48 -20.63
CA SER C 61 -27.43 -20.51 -22.04
C SER C 61 -26.94 -19.22 -22.65
N LEU C 62 -26.39 -19.34 -23.83
CA LEU C 62 -26.17 -18.21 -24.70
C LEU C 62 -27.46 -18.03 -25.48
N ILE C 63 -27.79 -16.80 -25.80
CA ILE C 63 -28.92 -16.49 -26.64
C ILE C 63 -28.32 -15.94 -27.93
N LEU C 64 -28.61 -16.62 -29.05
CA LEU C 64 -28.17 -16.18 -30.38
C LEU C 64 -29.35 -16.09 -31.34
N GLU C 65 -29.63 -14.91 -31.88
CA GLU C 65 -30.85 -14.69 -32.70
C GLU C 65 -32.10 -15.19 -31.97
N GLY C 66 -32.22 -14.86 -30.68
CA GLY C 66 -33.35 -15.31 -29.86
C GLY C 66 -33.52 -16.82 -29.66
N ARG C 67 -32.48 -17.61 -29.90
CA ARG C 67 -32.52 -19.04 -29.58
C ARG C 67 -31.51 -19.39 -28.50
N PRO C 68 -31.98 -20.04 -27.41
CA PRO C 68 -31.05 -20.56 -26.43
C PRO C 68 -30.10 -21.56 -27.03
N THR C 69 -28.78 -21.39 -26.85
CA THR C 69 -27.80 -22.39 -27.26
C THR C 69 -26.79 -22.66 -26.14
N PRO C 70 -26.22 -23.87 -26.07
CA PRO C 70 -25.20 -24.14 -25.04
C PRO C 70 -23.87 -23.48 -25.35
N PRO C 71 -23.03 -23.32 -24.35
CA PRO C 71 -21.76 -22.62 -24.56
C PRO C 71 -20.74 -23.37 -25.45
N LEU C 72 -20.80 -24.70 -25.47
CA LEU C 72 -19.96 -25.50 -26.37
C LEU C 72 -20.86 -26.20 -27.34
N ARG C 73 -20.76 -25.83 -28.63
CA ARG C 73 -21.67 -26.33 -29.62
C ARG C 73 -21.00 -26.66 -30.95
N PHE C 74 -21.73 -27.41 -31.77
CA PHE C 74 -21.29 -27.82 -33.09
C PHE C 74 -22.27 -27.35 -34.16
N TYR C 75 -21.73 -26.73 -35.21
CA TYR C 75 -22.49 -26.31 -36.38
C TYR C 75 -22.12 -27.21 -37.56
N GLY C 76 -23.06 -27.46 -38.45
CA GLY C 76 -22.84 -28.32 -39.61
C GLY C 76 -23.55 -27.91 -40.88
N LYS C 77 -22.90 -28.16 -42.01
CA LYS C 77 -23.54 -28.16 -43.33
C LYS C 77 -22.85 -29.27 -44.11
N ASN C 78 -23.63 -30.28 -44.50
CA ASN C 78 -23.17 -31.46 -45.23
C ASN C 78 -21.67 -31.66 -45.30
N ASN C 79 -21.11 -32.44 -44.39
CA ASN C 79 -19.65 -32.83 -44.39
C ASN C 79 -18.66 -31.91 -43.64
N ILE C 80 -19.00 -30.65 -43.44
CA ILE C 80 -18.21 -29.76 -42.56
C ILE C 80 -18.90 -29.65 -41.19
N ILE C 81 -18.13 -29.93 -40.14
CA ILE C 81 -18.52 -29.60 -38.76
C ILE C 81 -17.64 -28.44 -38.24
N ILE C 82 -18.27 -27.45 -37.62
CA ILE C 82 -17.53 -26.37 -36.95
C ILE C 82 -17.83 -26.38 -35.45
N ALA C 83 -16.77 -26.50 -34.65
CA ALA C 83 -16.85 -26.53 -33.18
C ALA C 83 -16.53 -25.17 -32.58
N ILE C 84 -17.48 -24.65 -31.80
CA ILE C 84 -17.41 -23.33 -31.16
C ILE C 84 -17.57 -23.47 -29.65
N ALA C 85 -16.86 -22.64 -28.91
CA ALA C 85 -17.05 -22.49 -27.46
C ALA C 85 -17.07 -21.00 -27.10
N ASP C 86 -17.88 -20.63 -26.11
CA ASP C 86 -17.89 -19.24 -25.61
C ASP C 86 -17.27 -19.04 -24.23
N ILE C 87 -16.56 -20.04 -23.72
CA ILE C 87 -15.92 -19.95 -22.42
C ILE C 87 -14.57 -20.60 -22.48
N PHE C 88 -13.65 -20.14 -21.64
CA PHE C 88 -12.40 -20.83 -21.44
C PHE C 88 -12.74 -21.96 -20.52
N LEU C 89 -11.94 -23.01 -20.55
CA LEU C 89 -12.23 -24.19 -19.75
C LEU C 89 -10.96 -24.65 -19.07
N PRO C 90 -11.10 -25.26 -17.89
CA PRO C 90 -9.90 -25.74 -17.21
C PRO C 90 -9.21 -26.91 -17.96
N PRO C 91 -7.90 -27.04 -17.81
CA PRO C 91 -7.10 -27.99 -18.59
C PRO C 91 -7.60 -29.43 -18.63
N THR C 92 -7.94 -29.98 -17.47
CA THR C 92 -8.37 -31.37 -17.44
C THR C 92 -9.67 -31.59 -18.24
N LEU C 93 -10.58 -30.62 -18.19
CA LEU C 93 -11.84 -30.72 -18.92
C LEU C 93 -11.58 -30.64 -20.43
N VAL C 94 -10.73 -29.72 -20.84
CA VAL C 94 -10.27 -29.63 -22.22
C VAL C 94 -9.77 -31.00 -22.71
N ASN C 95 -8.93 -31.66 -21.91
CA ASN C 95 -8.40 -32.96 -22.28
C ASN C 95 -9.52 -33.99 -22.45
N GLU C 96 -10.48 -33.99 -21.53
CA GLU C 96 -11.64 -34.88 -21.59
C GLU C 96 -12.50 -34.63 -22.82
N ILE C 97 -12.70 -33.36 -23.16
CA ILE C 97 -13.45 -33.03 -24.35
C ILE C 97 -12.67 -33.48 -25.60
N ALA C 98 -11.37 -33.25 -25.62
CA ALA C 98 -10.54 -33.66 -26.75
C ALA C 98 -10.62 -35.17 -26.99
N LYS C 99 -10.64 -35.95 -25.91
CA LYS C 99 -10.75 -37.41 -26.00
C LYS C 99 -12.05 -37.76 -26.73
N GLU C 100 -13.17 -37.21 -26.27
CA GLU C 100 -14.44 -37.49 -26.88
C GLU C 100 -14.54 -37.06 -28.32
N ILE C 101 -13.94 -35.92 -28.64
CA ILE C 101 -13.96 -35.40 -30.01
C ILE C 101 -13.18 -36.35 -30.92
N VAL C 102 -12.00 -36.77 -30.50
CA VAL C 102 -11.17 -37.64 -31.31
C VAL C 102 -11.83 -39.03 -31.50
N ASN C 103 -12.47 -39.56 -30.46
CA ASN C 103 -13.27 -40.78 -30.59
C ASN C 103 -14.32 -40.63 -31.65
N TYR C 104 -15.02 -39.50 -31.65
CA TYR C 104 -16.07 -39.25 -32.65
C TYR C 104 -15.47 -39.17 -34.05
N LEU C 105 -14.32 -38.52 -34.18
CA LEU C 105 -13.68 -38.36 -35.49
C LEU C 105 -13.09 -39.65 -36.05
N LYS C 106 -12.58 -40.55 -35.21
CA LYS C 106 -12.26 -41.94 -35.63
C LYS C 106 -13.49 -42.64 -36.13
N LYS C 107 -14.53 -42.67 -35.31
CA LYS C 107 -15.83 -43.32 -35.61
C LYS C 107 -16.29 -43.00 -37.02
N VAL C 108 -16.26 -41.72 -37.37
CA VAL C 108 -16.82 -41.21 -38.62
C VAL C 108 -15.80 -41.08 -39.77
N ASN C 109 -14.57 -41.56 -39.54
CA ASN C 109 -13.49 -41.52 -40.53
C ASN C 109 -13.34 -40.12 -41.09
N ALA C 110 -13.11 -39.16 -40.21
CA ALA C 110 -12.96 -37.77 -40.60
C ALA C 110 -11.83 -37.61 -41.57
N GLU C 111 -12.07 -36.77 -42.57
CA GLU C 111 -11.13 -36.53 -43.65
C GLU C 111 -10.04 -35.58 -43.15
N LYS C 112 -10.44 -34.51 -42.47
CA LYS C 112 -9.54 -33.48 -41.96
C LYS C 112 -9.98 -32.96 -40.60
N VAL C 113 -8.98 -32.65 -39.75
CA VAL C 113 -9.16 -32.09 -38.43
C VAL C 113 -8.35 -30.80 -38.37
N ILE C 114 -9.06 -29.68 -38.42
CA ILE C 114 -8.41 -28.37 -38.53
C ILE C 114 -8.71 -27.52 -37.31
N SER C 115 -7.68 -27.04 -36.64
CA SER C 115 -7.85 -26.15 -35.47
C SER C 115 -7.49 -24.76 -35.89
N LEU C 116 -8.34 -23.79 -35.53
CA LEU C 116 -8.10 -22.37 -35.79
C LEU C 116 -7.64 -21.65 -34.53
N ALA C 117 -6.57 -20.88 -34.66
CA ALA C 117 -5.92 -20.29 -33.50
C ALA C 117 -5.26 -18.98 -33.83
N GLY C 118 -4.75 -18.34 -32.78
CA GLY C 118 -4.12 -17.03 -32.88
C GLY C 118 -2.72 -17.11 -32.33
N MET C 119 -1.89 -16.18 -32.73
CA MET C 119 -0.53 -16.10 -32.21
C MET C 119 -0.31 -14.65 -31.85
N GLY C 120 -0.25 -14.38 -30.54
CA GLY C 120 -0.07 -13.01 -30.03
C GLY C 120 1.35 -12.59 -30.32
N ILE C 121 1.51 -11.54 -31.09
CA ILE C 121 2.83 -11.24 -31.67
C ILE C 121 2.97 -9.75 -31.92
N GLY C 122 3.24 -9.07 -30.83
CA GLY C 122 3.61 -7.67 -30.80
C GLY C 122 2.62 -6.69 -31.40
N PHE C 123 3.06 -5.45 -31.56
CA PHE C 123 2.22 -4.38 -32.12
C PHE C 123 2.78 -3.80 -33.40
N PHE C 124 4.10 -3.55 -33.42
CA PHE C 124 4.72 -2.86 -34.53
C PHE C 124 5.23 -3.81 -35.59
N LYS C 125 4.36 -4.72 -36.06
CA LYS C 125 4.62 -5.58 -37.23
C LYS C 125 3.76 -5.06 -38.39
N ASP C 126 4.39 -4.93 -39.56
CA ASP C 126 3.74 -4.40 -40.79
C ASP C 126 2.55 -5.24 -41.24
N THR C 127 2.81 -6.52 -41.56
CA THR C 127 1.76 -7.47 -41.94
C THR C 127 1.65 -8.59 -40.91
N PHE C 128 0.43 -9.11 -40.81
CA PHE C 128 0.10 -10.23 -39.96
C PHE C 128 0.01 -11.48 -40.85
N GLU C 129 0.87 -12.44 -40.57
CA GLU C 129 0.94 -13.67 -41.36
C GLU C 129 -0.07 -14.68 -40.80
N VAL C 130 -0.14 -15.82 -41.47
CA VAL C 130 -0.78 -17.00 -40.95
C VAL C 130 0.25 -18.13 -40.96
N TRP C 131 0.50 -18.71 -39.78
CA TRP C 131 1.36 -19.88 -39.70
C TRP C 131 0.51 -21.14 -39.70
N GLY C 132 1.17 -22.27 -39.87
CA GLY C 132 0.52 -23.57 -39.95
C GLY C 132 1.40 -24.67 -39.38
N ILE C 133 0.77 -25.77 -39.02
CA ILE C 133 1.49 -26.97 -38.64
C ILE C 133 0.57 -28.14 -38.91
N GLY C 134 1.16 -29.25 -39.32
CA GLY C 134 0.43 -30.45 -39.66
C GLY C 134 0.80 -31.61 -38.78
N GLY C 135 -0.11 -32.57 -38.70
CA GLY C 135 0.08 -33.78 -37.90
C GLY C 135 1.31 -34.58 -38.29
N SER C 136 1.60 -34.59 -39.59
CA SER C 136 2.72 -35.32 -40.15
C SER C 136 3.31 -34.46 -41.26
N GLU C 137 4.41 -34.93 -41.86
CA GLU C 137 5.08 -34.18 -42.92
C GLU C 137 4.17 -34.00 -44.16
N GLU C 138 3.26 -34.97 -44.39
CA GLU C 138 2.30 -34.89 -45.50
C GLU C 138 1.44 -33.63 -45.41
N GLU C 139 0.93 -33.35 -44.22
CA GLU C 139 0.06 -32.19 -44.01
C GLU C 139 0.86 -30.89 -43.98
N ASN C 140 2.08 -30.94 -43.47
CA ASN C 140 3.01 -29.81 -43.59
C ASN C 140 3.23 -29.41 -45.05
N LYS C 141 3.41 -30.43 -45.90
CA LYS C 141 3.57 -30.21 -47.35
C LYS C 141 2.35 -29.52 -47.95
N GLU C 142 1.15 -30.02 -47.63
CA GLU C 142 -0.10 -29.39 -48.14
C GLU C 142 -0.17 -27.91 -47.79
N LEU C 143 0.17 -27.59 -46.55
CA LEU C 143 0.08 -26.23 -46.07
C LEU C 143 1.12 -25.36 -46.77
N GLU C 144 2.30 -25.93 -47.01
CA GLU C 144 3.36 -25.23 -47.76
C GLU C 144 2.88 -24.89 -49.17
N SER C 145 2.23 -25.86 -49.82
CA SER C 145 1.68 -25.67 -51.15
C SER C 145 0.48 -24.72 -51.24
N LEU C 146 -0.05 -24.24 -50.12
CA LEU C 146 -0.99 -23.11 -50.10
C LEU C 146 -0.27 -21.85 -49.61
N GLY C 147 1.07 -21.86 -49.65
CA GLY C 147 1.89 -20.74 -49.18
C GLY C 147 1.69 -20.31 -47.74
N VAL C 148 1.48 -21.29 -46.86
CA VAL C 148 1.39 -21.06 -45.43
C VAL C 148 2.77 -21.38 -44.87
N LYS C 149 3.32 -20.47 -44.07
CA LYS C 149 4.59 -20.74 -43.39
C LYS C 149 4.42 -21.84 -42.36
N ILE C 150 5.29 -22.84 -42.38
CA ILE C 150 5.30 -23.88 -41.39
C ILE C 150 6.06 -23.43 -40.15
N LEU C 151 5.43 -23.66 -39.00
CA LEU C 151 5.98 -23.32 -37.71
C LEU C 151 7.07 -24.35 -37.37
N LYS C 152 8.27 -23.89 -37.07
CA LYS C 152 9.41 -24.78 -36.83
C LYS C 152 9.49 -25.15 -35.35
N TYR C 153 9.43 -24.12 -34.52
CA TYR C 153 9.48 -24.27 -33.08
C TYR C 153 8.37 -23.43 -32.44
N GLY C 154 7.77 -23.95 -31.39
CA GLY C 154 6.62 -23.29 -30.78
C GLY C 154 5.92 -24.16 -29.78
N SER C 155 4.94 -23.58 -29.10
CA SER C 155 3.97 -24.40 -28.37
C SER C 155 2.60 -23.90 -28.67
N ILE C 156 1.68 -24.83 -28.73
CA ILE C 156 0.29 -24.52 -29.01
C ILE C 156 -0.42 -25.19 -27.87
N THR C 157 -1.01 -24.35 -27.01
CA THR C 157 -1.70 -24.80 -25.82
C THR C 157 -3.18 -24.88 -26.10
N GLY C 158 -3.90 -25.53 -25.21
CA GLY C 158 -5.35 -25.55 -25.34
C GLY C 158 -5.80 -26.63 -26.30
N MET C 159 -7.08 -26.55 -26.64
CA MET C 159 -7.72 -27.56 -27.44
C MET C 159 -6.97 -27.81 -28.76
N SER C 160 -6.50 -26.73 -29.38
CA SER C 160 -5.82 -26.81 -30.65
C SER C 160 -4.60 -27.71 -30.58
N GLY C 161 -3.76 -27.44 -29.60
CA GLY C 161 -2.57 -28.25 -29.35
C GLY C 161 -2.86 -29.70 -29.07
N LYS C 162 -3.90 -29.96 -28.29
CA LYS C 162 -4.24 -31.32 -27.93
C LYS C 162 -4.81 -32.05 -29.14
N LEU C 163 -5.72 -31.43 -29.86
CA LEU C 163 -6.30 -32.05 -31.06
C LEU C 163 -5.27 -32.36 -32.10
N LEU C 164 -4.35 -31.42 -32.32
CA LEU C 164 -3.28 -31.62 -33.27
C LEU C 164 -2.60 -32.97 -33.02
N TRP C 165 -2.16 -33.19 -31.78
CA TRP C 165 -1.44 -34.40 -31.41
C TRP C 165 -2.36 -35.62 -31.42
N GLU C 166 -3.49 -35.54 -30.71
CA GLU C 166 -4.39 -36.69 -30.51
C GLU C 166 -4.97 -37.20 -31.80
N ALA C 167 -5.42 -36.28 -32.66
CA ALA C 167 -6.03 -36.64 -33.93
C ALA C 167 -4.99 -37.28 -34.87
N SER C 168 -3.78 -36.72 -34.93
CA SER C 168 -2.72 -37.32 -35.76
C SER C 168 -2.33 -38.71 -35.23
N ARG C 169 -2.20 -38.84 -33.92
CA ARG C 169 -1.91 -40.14 -33.30
C ARG C 169 -2.96 -41.20 -33.55
N ALA C 170 -4.20 -40.79 -33.83
CA ALA C 170 -5.27 -41.72 -34.19
C ALA C 170 -5.38 -41.92 -35.72
N GLY C 171 -4.37 -41.49 -36.47
CA GLY C 171 -4.35 -41.66 -37.92
C GLY C 171 -5.21 -40.70 -38.72
N LEU C 172 -5.57 -39.56 -38.14
CA LEU C 172 -6.34 -38.54 -38.87
C LEU C 172 -5.41 -37.47 -39.40
N LYS C 173 -5.80 -36.83 -40.48
CA LYS C 173 -5.02 -35.74 -41.05
C LYS C 173 -5.40 -34.51 -40.24
N SER C 174 -4.43 -33.94 -39.54
CA SER C 174 -4.72 -32.84 -38.60
C SER C 174 -3.83 -31.64 -38.86
N TYR C 175 -4.40 -30.46 -38.65
CA TYR C 175 -3.73 -29.21 -38.91
C TYR C 175 -4.09 -28.18 -37.86
N VAL C 176 -3.21 -27.20 -37.70
CA VAL C 176 -3.56 -25.97 -36.99
C VAL C 176 -3.14 -24.78 -37.83
N LEU C 177 -4.05 -23.81 -37.96
CA LEU C 177 -3.74 -22.51 -38.55
C LEU C 177 -3.70 -21.47 -37.44
N LEU C 178 -2.66 -20.64 -37.45
CA LEU C 178 -2.46 -19.62 -36.42
C LEU C 178 -2.35 -18.26 -37.07
N GLY C 179 -3.35 -17.42 -36.86
CA GLY C 179 -3.29 -16.06 -37.37
C GLY C 179 -2.50 -15.19 -36.39
N GLU C 180 -1.41 -14.58 -36.87
CA GLU C 180 -0.73 -13.54 -36.09
C GLU C 180 -1.70 -12.42 -35.75
N THR C 181 -1.64 -11.95 -34.51
CA THR C 181 -2.47 -10.84 -34.03
C THR C 181 -1.72 -10.06 -32.94
N PHE C 182 -2.30 -8.93 -32.52
CA PHE C 182 -1.71 -8.06 -31.49
C PHE C 182 -1.51 -8.84 -30.21
N GLY C 183 -2.56 -9.51 -29.78
CA GLY C 183 -2.49 -10.37 -28.58
C GLY C 183 -3.33 -9.90 -27.42
N ASP C 184 -4.05 -8.79 -27.59
CA ASP C 184 -4.72 -8.11 -26.50
C ASP C 184 -6.17 -7.70 -26.81
N ARG C 185 -6.73 -8.12 -27.94
CA ARG C 185 -8.05 -7.62 -28.35
C ARG C 185 -8.65 -8.49 -29.45
N PRO C 186 -9.99 -8.45 -29.61
CA PRO C 186 -10.62 -9.16 -30.70
C PRO C 186 -10.09 -8.62 -32.03
N ASP C 187 -9.68 -9.51 -32.92
CA ASP C 187 -9.04 -9.14 -34.18
C ASP C 187 -9.69 -9.79 -35.40
N PRO C 188 -10.77 -9.20 -35.92
CA PRO C 188 -11.40 -9.77 -37.10
C PRO C 188 -10.51 -9.82 -38.34
N ARG C 189 -9.52 -8.95 -38.42
CA ARG C 189 -8.61 -8.95 -39.57
C ARG C 189 -7.79 -10.22 -39.60
N ALA C 190 -7.21 -10.60 -38.48
CA ALA C 190 -6.42 -11.85 -38.40
C ALA C 190 -7.30 -13.07 -38.67
N ALA C 191 -8.56 -13.01 -38.22
CA ALA C 191 -9.50 -14.07 -38.49
C ALA C 191 -9.71 -14.20 -39.97
N ALA C 192 -9.84 -13.06 -40.64
CA ALA C 192 -9.99 -13.03 -42.10
C ALA C 192 -8.81 -13.72 -42.80
N ASN C 193 -7.59 -13.37 -42.40
CA ASN C 193 -6.41 -14.05 -42.93
C ASN C 193 -6.53 -15.57 -42.83
N VAL C 194 -7.02 -16.05 -41.68
CA VAL C 194 -7.20 -17.47 -41.44
C VAL C 194 -8.30 -18.04 -42.33
N VAL C 195 -9.43 -17.34 -42.43
CA VAL C 195 -10.53 -17.78 -43.30
C VAL C 195 -10.08 -17.87 -44.77
N GLU C 196 -9.24 -16.91 -45.22
CA GLU C 196 -8.64 -16.94 -46.57
C GLU C 196 -7.87 -18.23 -46.81
N VAL C 197 -7.04 -18.61 -45.84
CA VAL C 197 -6.27 -19.86 -45.94
C VAL C 197 -7.20 -21.08 -45.96
N LEU C 198 -8.30 -20.97 -45.25
CA LEU C 198 -9.27 -22.06 -45.18
C LEU C 198 -10.03 -22.20 -46.51
N ASN C 199 -10.32 -21.08 -47.16
CA ASN C 199 -10.86 -21.09 -48.53
C ASN C 199 -9.99 -21.87 -49.50
N LYS C 200 -8.69 -21.56 -49.51
CA LYS C 200 -7.74 -22.27 -50.38
C LYS C 200 -7.72 -23.75 -50.02
N MET C 201 -7.66 -24.06 -48.73
CA MET C 201 -7.55 -25.45 -48.27
C MET C 201 -8.76 -26.31 -48.62
N LEU C 202 -9.96 -25.74 -48.63
CA LEU C 202 -11.19 -26.50 -48.78
C LEU C 202 -12.04 -26.06 -49.98
N GLY C 203 -11.54 -25.10 -50.75
CA GLY C 203 -12.24 -24.56 -51.91
C GLY C 203 -13.61 -24.02 -51.57
N LEU C 204 -13.70 -23.07 -50.65
CA LEU C 204 -15.01 -22.61 -50.15
C LEU C 204 -15.49 -21.28 -50.72
N ASN C 205 -14.57 -20.44 -51.23
CA ASN C 205 -14.96 -19.13 -51.74
C ASN C 205 -15.93 -18.33 -50.86
N VAL C 206 -15.57 -18.16 -49.59
CA VAL C 206 -16.29 -17.29 -48.68
C VAL C 206 -15.56 -15.95 -48.66
N SER C 207 -16.31 -14.88 -48.92
CA SER C 207 -15.75 -13.55 -48.87
C SER C 207 -15.47 -13.17 -47.43
N VAL C 208 -14.25 -12.71 -47.18
CA VAL C 208 -13.87 -12.14 -45.89
C VAL C 208 -14.11 -10.62 -45.82
N GLU C 209 -14.92 -10.08 -46.73
CA GLU C 209 -15.20 -8.65 -46.74
C GLU C 209 -15.98 -8.22 -45.50
N PRO C 210 -17.10 -8.92 -45.17
CA PRO C 210 -17.89 -8.52 -44.01
C PRO C 210 -17.09 -8.44 -42.70
N LEU C 211 -16.08 -9.31 -42.60
CA LEU C 211 -15.17 -9.34 -41.48
C LEU C 211 -14.30 -8.10 -41.47
N LEU C 212 -13.67 -7.78 -42.60
CA LEU C 212 -12.85 -6.55 -42.71
C LEU C 212 -13.71 -5.27 -42.51
N LYS C 213 -14.96 -5.31 -42.96
CA LYS C 213 -15.93 -4.23 -42.79
C LYS C 213 -16.25 -4.03 -41.32
N GLU C 214 -16.52 -5.14 -40.65
CA GLU C 214 -16.81 -5.19 -39.21
C GLU C 214 -15.68 -4.52 -38.42
N ALA C 215 -14.43 -4.83 -38.77
CA ALA C 215 -13.28 -4.25 -38.11
C ALA C 215 -13.21 -2.74 -38.29
N GLU C 216 -13.49 -2.26 -39.50
CA GLU C 216 -13.46 -0.84 -39.79
C GLU C 216 -14.54 -0.13 -39.00
N MET C 217 -15.76 -0.65 -39.06
CA MET C 217 -16.90 -0.06 -38.32
C MET C 217 -16.69 0.04 -36.81
N ILE C 218 -16.03 -0.95 -36.22
CA ILE C 218 -15.70 -0.93 -34.79
C ILE C 218 -14.71 0.20 -34.50
N GLU C 219 -13.64 0.25 -35.29
CA GLU C 219 -12.63 1.29 -35.16
C GLU C 219 -13.16 2.70 -35.43
N GLU C 220 -13.99 2.86 -36.45
CA GLU C 220 -14.67 4.13 -36.73
C GLU C 220 -15.54 4.55 -35.53
N GLN C 221 -16.33 3.61 -35.01
CA GLN C 221 -17.16 3.87 -33.82
C GLN C 221 -16.36 4.31 -32.60
N LEU C 222 -15.23 3.65 -32.35
CA LEU C 222 -14.36 3.99 -31.24
C LEU C 222 -13.83 5.41 -31.38
N ARG C 223 -13.27 5.72 -32.56
CA ARG C 223 -12.73 7.05 -32.85
C ARG C 223 -13.79 8.11 -32.65
N ARG C 224 -14.99 7.85 -33.16
CA ARG C 224 -16.11 8.78 -33.10
C ARG C 224 -16.58 9.00 -31.66
N MET C 225 -16.63 7.92 -30.87
CA MET C 225 -17.05 8.04 -29.47
C MET C 225 -16.03 8.81 -28.67
N HIS C 226 -14.75 8.51 -28.88
CA HIS C 226 -13.68 9.23 -28.22
C HIS C 226 -13.70 10.73 -28.60
N GLU C 227 -13.95 11.05 -29.86
CA GLU C 227 -14.09 12.44 -30.33
C GLU C 227 -15.20 13.12 -29.55
N GLN C 228 -16.38 12.52 -29.53
CA GLN C 228 -17.52 13.14 -28.87
C GLN C 228 -17.36 13.29 -27.37
N MET C 229 -16.69 12.32 -26.73
CA MET C 229 -16.36 12.37 -25.30
C MET C 229 -15.49 13.58 -24.99
N GLU C 230 -14.40 13.72 -25.73
CA GLU C 230 -13.44 14.80 -25.51
C GLU C 230 -14.01 16.17 -25.86
N GLU C 231 -14.81 16.23 -26.92
CA GLU C 231 -15.52 17.44 -27.30
C GLU C 231 -16.54 17.83 -26.23
N ALA C 232 -17.20 16.86 -25.66
CA ALA C 232 -18.14 17.10 -24.55
C ALA C 232 -17.47 17.67 -23.28
N ARG C 233 -16.30 17.15 -22.88
CA ARG C 233 -15.65 17.70 -21.67
C ARG C 233 -15.06 19.11 -21.92
N ARG C 234 -14.54 19.35 -23.13
CA ARG C 234 -14.13 20.70 -23.53
C ARG C 234 -15.29 21.69 -23.49
N LYS C 235 -16.45 21.28 -23.97
CA LYS C 235 -17.65 22.13 -23.89
C LYS C 235 -18.00 22.42 -22.44
N MET C 236 -17.95 21.40 -21.59
CA MET C 236 -18.29 21.57 -20.18
C MET C 236 -17.29 22.50 -19.45
N GLU C 237 -15.99 22.38 -19.76
CA GLU C 237 -14.98 23.30 -19.23
C GLU C 237 -15.22 24.74 -19.64
N ARG C 238 -15.45 24.97 -20.92
CA ARG C 238 -15.78 26.31 -21.47
C ARG C 238 -17.03 26.86 -20.79
N GLN C 239 -18.00 25.99 -20.54
CA GLN C 239 -19.27 26.36 -19.94
C GLN C 239 -19.09 26.72 -18.45
N TYR C 240 -18.31 25.91 -17.73
CA TYR C 240 -17.95 26.18 -16.33
C TYR C 240 -17.24 27.56 -16.22
N GLU C 241 -16.27 27.80 -17.09
CA GLU C 241 -15.51 29.05 -17.07
C GLU C 241 -16.40 30.26 -17.35
N THR C 242 -17.26 30.19 -18.37
CA THR C 242 -18.12 31.37 -18.70
C THR C 242 -19.12 31.62 -17.55
N MET C 243 -19.60 30.55 -16.92
CA MET C 243 -20.55 30.69 -15.83
C MET C 243 -19.92 31.24 -14.54
N TYR C 244 -18.67 30.87 -14.25
CA TYR C 244 -18.14 31.02 -12.89
C TYR C 244 -16.88 31.87 -12.73
N LEU C 245 -16.10 32.08 -13.79
CA LEU C 245 -14.93 32.97 -13.70
C LEU C 245 -15.38 34.35 -13.31
N LYS D 8 -25.73 -40.72 -4.91
CA LYS D 8 -26.37 -39.53 -5.61
C LYS D 8 -26.10 -38.28 -4.83
N PRO D 9 -25.47 -37.25 -5.43
CA PRO D 9 -25.15 -36.02 -4.69
C PRO D 9 -26.35 -35.14 -4.31
N VAL D 10 -27.43 -35.19 -5.07
CA VAL D 10 -28.59 -34.34 -4.85
C VAL D 10 -29.88 -35.16 -4.93
N ASN D 11 -30.68 -35.04 -3.88
CA ASN D 11 -32.00 -35.68 -3.80
C ASN D 11 -33.05 -34.61 -3.74
N LEU D 12 -33.98 -34.70 -4.69
CA LEU D 12 -35.12 -33.85 -4.74
C LEU D 12 -36.18 -34.58 -3.92
N VAL D 13 -36.63 -33.98 -2.82
CA VAL D 13 -37.72 -34.49 -2.03
C VAL D 13 -38.93 -33.64 -2.37
N LEU D 14 -39.73 -34.14 -3.30
CA LEU D 14 -40.80 -33.36 -3.91
C LEU D 14 -41.88 -34.30 -4.47
N PRO D 15 -43.12 -34.24 -3.91
CA PRO D 15 -44.22 -35.00 -4.48
C PRO D 15 -44.49 -34.62 -5.94
N GLU D 16 -44.99 -35.60 -6.69
CA GLU D 16 -45.34 -35.37 -8.10
C GLU D 16 -46.59 -34.50 -8.16
N VAL D 17 -46.59 -33.59 -9.12
CA VAL D 17 -47.68 -32.66 -9.37
C VAL D 17 -47.83 -32.69 -10.89
N GLU D 18 -48.90 -33.36 -11.34
CA GLU D 18 -49.04 -33.67 -12.74
C GLU D 18 -49.25 -32.38 -13.49
N ASN D 19 -48.60 -32.27 -14.65
CA ASN D 19 -48.75 -31.11 -15.52
C ASN D 19 -48.39 -29.79 -14.82
N ALA D 20 -47.39 -29.86 -13.94
CA ALA D 20 -46.97 -28.73 -13.11
C ALA D 20 -46.54 -27.52 -13.90
N ILE D 21 -46.92 -26.35 -13.41
CA ILE D 21 -46.33 -25.10 -13.84
C ILE D 21 -45.23 -24.83 -12.82
N PHE D 22 -43.97 -24.92 -13.27
CA PHE D 22 -42.80 -24.79 -12.39
C PHE D 22 -42.21 -23.39 -12.57
N ILE D 23 -42.16 -22.63 -11.47
CA ILE D 23 -41.55 -21.29 -11.46
C ILE D 23 -40.33 -21.29 -10.53
N GLU D 24 -39.17 -20.85 -11.04
CA GLU D 24 -37.90 -20.85 -10.27
C GLU D 24 -37.40 -19.41 -10.10
N GLY D 25 -37.16 -19.01 -8.85
CA GLY D 25 -36.59 -17.66 -8.56
C GLY D 25 -35.44 -17.77 -7.57
N TYR D 26 -34.28 -18.20 -8.10
CA TYR D 26 -33.07 -18.34 -7.30
C TYR D 26 -32.45 -16.95 -7.14
N PRO D 27 -31.66 -16.72 -6.09
CA PRO D 27 -31.09 -15.37 -5.90
C PRO D 27 -30.23 -14.95 -7.07
N GLY D 28 -30.19 -13.67 -7.32
CA GLY D 28 -29.71 -13.16 -8.59
C GLY D 28 -29.62 -11.65 -8.49
N VAL D 29 -29.12 -11.03 -9.55
CA VAL D 29 -29.05 -9.59 -9.57
C VAL D 29 -30.38 -8.96 -9.18
N GLY D 30 -30.30 -7.98 -8.30
CA GLY D 30 -31.47 -7.25 -7.84
C GLY D 30 -32.38 -7.99 -6.87
N LEU D 31 -32.10 -9.27 -6.62
CA LEU D 31 -33.09 -10.20 -6.03
C LEU D 31 -34.46 -10.18 -6.77
N VAL D 32 -34.47 -9.87 -8.07
CA VAL D 32 -35.69 -9.68 -8.85
C VAL D 32 -36.48 -11.00 -8.88
N GLY D 33 -35.88 -12.04 -9.47
CA GLY D 33 -36.44 -13.37 -9.47
C GLY D 33 -36.89 -13.81 -8.09
N HIS D 34 -36.02 -13.60 -7.13
CA HIS D 34 -36.21 -14.13 -5.79
C HIS D 34 -37.40 -13.46 -5.11
N ILE D 35 -37.51 -12.15 -5.26
CA ILE D 35 -38.61 -11.41 -4.64
C ILE D 35 -39.93 -11.78 -5.31
N ALA D 36 -39.91 -11.81 -6.64
CA ALA D 36 -41.07 -12.21 -7.43
C ALA D 36 -41.59 -13.59 -7.02
N ALA D 37 -40.71 -14.59 -7.03
CA ALA D 37 -41.10 -15.94 -6.68
C ALA D 37 -41.64 -16.02 -5.26
N ASN D 38 -40.99 -15.31 -4.35
CA ASN D 38 -41.34 -15.39 -2.94
C ASN D 38 -42.71 -14.73 -2.74
N PHE D 39 -42.94 -13.64 -3.45
CA PHE D 39 -44.19 -12.91 -3.38
C PHE D 39 -45.35 -13.76 -3.87
N LEU D 40 -45.20 -14.39 -5.04
CA LEU D 40 -46.20 -15.31 -5.55
C LEU D 40 -46.50 -16.44 -4.59
N ALA D 41 -45.47 -17.06 -4.03
CA ALA D 41 -45.71 -18.15 -3.09
C ALA D 41 -46.57 -17.68 -1.92
N LYS D 42 -46.29 -16.47 -1.42
CA LYS D 42 -47.00 -15.92 -0.28
C LYS D 42 -48.45 -15.57 -0.64
N GLU D 43 -48.61 -14.78 -1.71
CA GLU D 43 -49.92 -14.30 -2.13
C GLU D 43 -50.89 -15.41 -2.56
N LEU D 44 -50.37 -16.52 -3.09
CA LEU D 44 -51.19 -17.68 -3.41
C LEU D 44 -51.27 -18.71 -2.25
N ASP D 45 -50.96 -18.27 -1.02
CA ASP D 45 -51.03 -19.14 0.18
C ASP D 45 -50.53 -20.55 -0.08
N MET D 46 -49.33 -20.66 -0.64
CA MET D 46 -48.74 -21.96 -0.99
C MET D 46 -48.21 -22.64 0.25
N ASP D 47 -48.11 -23.96 0.21
CA ASP D 47 -47.57 -24.75 1.29
C ASP D 47 -46.17 -25.15 0.92
N LEU D 48 -45.35 -25.39 1.93
CA LEU D 48 -44.03 -25.97 1.74
C LEU D 48 -44.24 -27.44 1.39
N ILE D 49 -43.96 -27.82 0.14
CA ILE D 49 -44.21 -29.19 -0.31
C ILE D 49 -42.97 -30.04 -0.47
N GLY D 50 -41.80 -29.41 -0.53
CA GLY D 50 -40.55 -30.16 -0.65
C GLY D 50 -39.29 -29.33 -0.61
N TYR D 51 -38.17 -30.00 -0.85
CA TYR D 51 -36.87 -29.38 -0.74
C TYR D 51 -35.78 -30.14 -1.45
N VAL D 52 -34.64 -29.47 -1.62
CA VAL D 52 -33.43 -30.10 -2.15
C VAL D 52 -32.57 -30.48 -0.98
N ASP D 53 -32.02 -31.68 -1.04
CA ASP D 53 -31.25 -32.27 0.03
C ASP D 53 -29.93 -32.70 -0.58
N SER D 54 -28.83 -32.26 0.03
CA SER D 54 -27.50 -32.60 -0.46
C SER D 54 -26.48 -32.29 0.59
N LEU D 55 -25.49 -33.17 0.71
CA LEU D 55 -24.35 -32.93 1.60
C LEU D 55 -23.58 -31.69 1.24
N PHE D 56 -23.69 -31.23 -0.01
CA PHE D 56 -22.95 -30.08 -0.51
C PHE D 56 -23.69 -28.76 -0.35
N ILE D 57 -24.92 -28.82 0.15
CA ILE D 57 -25.61 -27.62 0.60
C ILE D 57 -25.15 -27.36 2.03
N PRO D 58 -24.66 -26.15 2.29
CA PRO D 58 -24.08 -25.94 3.62
C PRO D 58 -25.15 -26.02 4.68
N PRO D 59 -24.79 -26.53 5.87
CA PRO D 59 -25.72 -26.74 6.96
C PRO D 59 -26.36 -25.45 7.43
N MET D 60 -27.68 -25.38 7.36
CA MET D 60 -28.45 -24.29 7.95
C MET D 60 -29.92 -24.63 7.99
N SER D 61 -30.65 -23.92 8.84
CA SER D 61 -32.11 -23.81 8.72
C SER D 61 -32.44 -22.36 8.65
N LEU D 62 -33.32 -22.03 7.72
CA LEU D 62 -33.98 -20.74 7.73
C LEU D 62 -35.19 -20.89 8.63
N ILE D 63 -35.53 -19.83 9.34
CA ILE D 63 -36.73 -19.82 10.15
C ILE D 63 -37.67 -18.83 9.49
N LEU D 64 -38.84 -19.31 9.04
CA LEU D 64 -39.85 -18.46 8.39
C LEU D 64 -41.20 -18.64 9.07
N GLU D 65 -41.76 -17.56 9.64
CA GLU D 65 -42.95 -17.62 10.47
C GLU D 65 -42.81 -18.71 11.56
N GLY D 66 -41.66 -18.75 12.23
CA GLY D 66 -41.39 -19.74 13.25
C GLY D 66 -41.37 -21.21 12.84
N ARG D 67 -41.21 -21.50 11.55
CA ARG D 67 -41.01 -22.87 11.08
C ARG D 67 -39.62 -23.02 10.46
N PRO D 68 -38.85 -24.00 10.94
CA PRO D 68 -37.59 -24.33 10.27
C PRO D 68 -37.83 -24.76 8.85
N THR D 69 -37.13 -24.16 7.89
CA THR D 69 -37.18 -24.60 6.50
C THR D 69 -35.75 -24.72 5.93
N PRO D 70 -35.53 -25.63 4.96
CA PRO D 70 -34.21 -25.70 4.33
C PRO D 70 -33.97 -24.55 3.37
N PRO D 71 -32.71 -24.30 3.03
CA PRO D 71 -32.38 -23.18 2.17
C PRO D 71 -32.86 -23.28 0.72
N LEU D 72 -32.99 -24.49 0.20
CA LEU D 72 -33.55 -24.71 -1.14
C LEU D 72 -34.83 -25.47 -0.97
N ARG D 73 -35.94 -24.84 -1.32
CA ARG D 73 -37.25 -25.42 -1.07
C ARG D 73 -38.24 -25.17 -2.19
N PHE D 74 -39.33 -25.93 -2.13
CA PHE D 74 -40.41 -25.87 -3.10
C PHE D 74 -41.73 -25.57 -2.39
N TYR D 75 -42.45 -24.58 -2.94
CA TYR D 75 -43.79 -24.23 -2.48
C TYR D 75 -44.80 -24.64 -3.54
N GLY D 76 -46.00 -25.02 -3.10
CA GLY D 76 -47.03 -25.47 -4.02
C GLY D 76 -48.44 -25.10 -3.63
N LYS D 77 -49.26 -24.85 -4.65
CA LYS D 77 -50.72 -24.81 -4.53
C LYS D 77 -51.24 -25.41 -5.81
N ASN D 78 -51.94 -26.54 -5.67
CA ASN D 78 -52.52 -27.31 -6.79
C ASN D 78 -52.05 -26.92 -8.19
N ASN D 79 -51.04 -27.59 -8.70
CA ASN D 79 -50.55 -27.41 -10.12
C ASN D 79 -49.42 -26.38 -10.35
N ILE D 80 -49.28 -25.37 -9.46
CA ILE D 80 -48.12 -24.47 -9.52
C ILE D 80 -47.10 -24.89 -8.45
N ILE D 81 -45.85 -25.10 -8.88
CA ILE D 81 -44.71 -25.25 -7.98
C ILE D 81 -43.80 -24.01 -8.09
N ILE D 82 -43.40 -23.46 -6.94
CA ILE D 82 -42.44 -22.36 -6.91
C ILE D 82 -41.17 -22.81 -6.19
N ALA D 83 -40.04 -22.71 -6.89
CA ALA D 83 -38.72 -23.08 -6.36
C ALA D 83 -37.95 -21.85 -5.88
N ILE D 84 -37.55 -21.88 -4.62
CA ILE D 84 -36.85 -20.79 -3.93
C ILE D 84 -35.54 -21.30 -3.35
N ALA D 85 -34.52 -20.45 -3.38
CA ALA D 85 -33.25 -20.69 -2.70
C ALA D 85 -32.82 -19.44 -1.94
N ASP D 86 -32.19 -19.61 -0.79
CA ASP D 86 -31.63 -18.47 -0.05
C ASP D 86 -30.11 -18.36 -0.06
N ILE D 87 -29.44 -19.14 -0.91
CA ILE D 87 -28.01 -19.12 -1.01
C ILE D 87 -27.59 -19.23 -2.47
N PHE D 88 -26.44 -18.66 -2.78
CA PHE D 88 -25.84 -18.87 -4.09
C PHE D 88 -25.17 -20.21 -3.94
N LEU D 89 -24.95 -20.90 -5.05
CA LEU D 89 -24.39 -22.23 -5.01
C LEU D 89 -23.30 -22.38 -6.04
N PRO D 90 -22.33 -23.26 -5.78
CA PRO D 90 -21.27 -23.44 -6.80
C PRO D 90 -21.78 -24.08 -8.09
N PRO D 91 -21.14 -23.77 -9.23
CA PRO D 91 -21.64 -24.15 -10.54
C PRO D 91 -21.95 -25.64 -10.73
N THR D 92 -21.05 -26.51 -10.30
CA THR D 92 -21.29 -27.94 -10.49
C THR D 92 -22.54 -28.42 -9.75
N LEU D 93 -22.77 -27.87 -8.55
CA LEU D 93 -23.93 -28.25 -7.75
C LEU D 93 -25.21 -27.76 -8.41
N VAL D 94 -25.19 -26.52 -8.89
CA VAL D 94 -26.29 -25.97 -9.68
C VAL D 94 -26.66 -26.93 -10.84
N ASN D 95 -25.65 -27.39 -11.57
CA ASN D 95 -25.89 -28.31 -12.67
C ASN D 95 -26.54 -29.62 -12.20
N GLU D 96 -26.06 -30.15 -11.08
CA GLU D 96 -26.63 -31.35 -10.51
C GLU D 96 -28.08 -31.16 -10.05
N ILE D 97 -28.37 -30.01 -9.47
CA ILE D 97 -29.73 -29.71 -9.07
C ILE D 97 -30.61 -29.57 -10.31
N ALA D 98 -30.12 -28.88 -11.33
CA ALA D 98 -30.87 -28.69 -12.57
C ALA D 98 -31.24 -30.05 -13.21
N LYS D 99 -30.31 -31.00 -13.17
CA LYS D 99 -30.53 -32.34 -13.70
C LYS D 99 -31.73 -32.97 -12.99
N GLU D 100 -31.70 -32.98 -11.66
CA GLU D 100 -32.78 -33.55 -10.88
C GLU D 100 -34.11 -32.86 -11.10
N ILE D 101 -34.09 -31.56 -11.24
CA ILE D 101 -35.31 -30.79 -11.47
C ILE D 101 -35.91 -31.15 -12.82
N VAL D 102 -35.09 -31.20 -13.86
CA VAL D 102 -35.57 -31.53 -15.20
C VAL D 102 -36.10 -32.98 -15.28
N ASN D 103 -35.43 -33.92 -14.61
CA ASN D 103 -35.95 -35.28 -14.47
C ASN D 103 -37.33 -35.29 -13.88
N TYR D 104 -37.53 -34.52 -12.82
CA TYR D 104 -38.84 -34.43 -12.17
C TYR D 104 -39.88 -33.83 -13.11
N LEU D 105 -39.49 -32.81 -13.86
CA LEU D 105 -40.43 -32.14 -14.75
C LEU D 105 -40.82 -32.98 -15.98
N LYS D 106 -39.90 -33.80 -16.50
CA LYS D 106 -40.25 -34.84 -17.50
C LYS D 106 -41.24 -35.82 -16.92
N LYS D 107 -40.89 -36.40 -15.76
CA LYS D 107 -41.73 -37.39 -15.06
C LYS D 107 -43.18 -36.95 -15.01
N VAL D 108 -43.41 -35.70 -14.61
CA VAL D 108 -44.75 -35.17 -14.35
C VAL D 108 -45.38 -34.42 -15.54
N ASN D 109 -44.72 -34.45 -16.69
CA ASN D 109 -45.19 -33.79 -17.92
C ASN D 109 -45.55 -32.34 -17.64
N ALA D 110 -44.59 -31.60 -17.12
CA ALA D 110 -44.81 -30.22 -16.74
C ALA D 110 -45.26 -29.41 -17.94
N GLU D 111 -46.21 -28.53 -17.70
CA GLU D 111 -46.84 -27.75 -18.74
C GLU D 111 -45.92 -26.57 -19.11
N LYS D 112 -45.41 -25.89 -18.08
CA LYS D 112 -44.49 -24.75 -18.26
C LYS D 112 -43.36 -24.77 -17.24
N VAL D 113 -42.18 -24.35 -17.71
CA VAL D 113 -40.97 -24.19 -16.89
C VAL D 113 -40.52 -22.74 -17.03
N ILE D 114 -40.75 -21.96 -15.97
CA ILE D 114 -40.52 -20.53 -16.03
C ILE D 114 -39.46 -20.13 -15.01
N SER D 115 -38.39 -19.47 -15.48
CA SER D 115 -37.34 -18.99 -14.58
C SER D 115 -37.49 -17.50 -14.45
N LEU D 116 -37.41 -17.01 -13.21
CA LEU D 116 -37.47 -15.56 -12.93
C LEU D 116 -36.09 -15.02 -12.61
N ALA D 117 -35.75 -13.92 -13.25
CA ALA D 117 -34.41 -13.38 -13.17
C ALA D 117 -34.40 -11.87 -13.29
N GLY D 118 -33.21 -11.31 -13.12
CA GLY D 118 -32.98 -9.88 -13.15
C GLY D 118 -31.94 -9.60 -14.23
N MET D 119 -31.94 -8.37 -14.71
CA MET D 119 -30.95 -7.93 -15.66
C MET D 119 -30.43 -6.60 -15.13
N GLY D 120 -29.18 -6.62 -14.65
CA GLY D 120 -28.55 -5.43 -14.07
C GLY D 120 -28.23 -4.49 -15.22
N ILE D 121 -28.81 -3.29 -15.18
CA ILE D 121 -28.81 -2.47 -16.39
C ILE D 121 -28.88 -1.01 -15.99
N GLY D 122 -27.69 -0.52 -15.60
CA GLY D 122 -27.45 0.88 -15.40
C GLY D 122 -28.26 1.55 -14.32
N PHE D 123 -28.13 2.87 -14.28
CA PHE D 123 -28.89 3.70 -13.33
C PHE D 123 -29.82 4.70 -14.01
N PHE D 124 -29.34 5.33 -15.06
CA PHE D 124 -30.04 6.40 -15.74
C PHE D 124 -30.91 5.86 -16.89
N LYS D 125 -31.73 4.83 -16.61
CA LYS D 125 -32.78 4.38 -17.52
C LYS D 125 -34.15 4.83 -16.95
N ASP D 126 -34.98 5.40 -17.83
CA ASP D 126 -36.28 6.01 -17.45
C ASP D 126 -37.24 4.98 -16.85
N THR D 127 -37.60 3.98 -17.63
CA THR D 127 -38.43 2.84 -17.21
C THR D 127 -37.63 1.55 -17.26
N PHE D 128 -38.05 0.61 -16.41
CA PHE D 128 -37.46 -0.70 -16.30
C PHE D 128 -38.39 -1.69 -17.02
N GLU D 129 -37.88 -2.32 -18.06
CA GLU D 129 -38.64 -3.26 -18.86
C GLU D 129 -38.56 -4.65 -18.23
N VAL D 130 -39.27 -5.58 -18.86
CA VAL D 130 -39.09 -7.01 -18.64
C VAL D 130 -38.76 -7.64 -19.97
N TRP D 131 -37.62 -8.32 -20.05
CA TRP D 131 -37.27 -9.07 -21.24
C TRP D 131 -37.65 -10.54 -21.03
N GLY D 132 -37.61 -11.28 -22.13
CA GLY D 132 -37.99 -12.67 -22.13
C GLY D 132 -37.21 -13.49 -23.15
N ILE D 133 -37.21 -14.80 -22.93
CA ILE D 133 -36.69 -15.70 -23.93
C ILE D 133 -37.37 -17.04 -23.71
N GLY D 134 -37.61 -17.73 -24.81
CA GLY D 134 -38.33 -19.00 -24.80
C GLY D 134 -37.47 -20.13 -25.32
N GLY D 135 -37.83 -21.34 -24.91
CA GLY D 135 -37.11 -22.54 -25.33
C GLY D 135 -37.07 -22.73 -26.83
N SER D 136 -38.15 -22.35 -27.49
CA SER D 136 -38.29 -22.47 -28.94
C SER D 136 -39.02 -21.23 -29.44
N GLU D 137 -39.18 -21.14 -30.76
CA GLU D 137 -39.85 -19.98 -31.35
C GLU D 137 -41.33 -19.87 -30.90
N GLU D 138 -41.96 -21.01 -30.60
CA GLU D 138 -43.34 -21.04 -30.10
C GLU D 138 -43.49 -20.22 -28.81
N GLU D 139 -42.57 -20.43 -27.88
CA GLU D 139 -42.62 -19.72 -26.60
C GLU D 139 -42.19 -18.27 -26.73
N ASN D 140 -41.25 -18.00 -27.62
CA ASN D 140 -40.92 -16.60 -27.99
C ASN D 140 -42.14 -15.85 -28.47
N LYS D 141 -42.95 -16.50 -29.33
CA LYS D 141 -44.20 -15.92 -29.84
C LYS D 141 -45.16 -15.61 -28.70
N GLU D 142 -45.37 -16.55 -27.78
CA GLU D 142 -46.25 -16.31 -26.61
C GLU D 142 -45.84 -15.08 -25.84
N LEU D 143 -44.56 -14.94 -25.59
CA LEU D 143 -44.03 -13.85 -24.81
C LEU D 143 -44.22 -12.54 -25.55
N GLU D 144 -44.04 -12.58 -26.88
CA GLU D 144 -44.26 -11.40 -27.73
C GLU D 144 -45.72 -10.94 -27.61
N SER D 145 -46.63 -11.91 -27.67
CA SER D 145 -48.06 -11.63 -27.55
C SER D 145 -48.53 -11.17 -26.16
N LEU D 146 -47.67 -11.19 -25.15
CA LEU D 146 -47.92 -10.50 -23.87
C LEU D 146 -47.09 -9.21 -23.80
N GLY D 147 -46.63 -8.73 -24.97
CA GLY D 147 -45.79 -7.53 -25.05
C GLY D 147 -44.51 -7.54 -24.24
N VAL D 148 -43.85 -8.70 -24.19
CA VAL D 148 -42.54 -8.84 -23.57
C VAL D 148 -41.54 -8.78 -24.71
N LYS D 149 -40.51 -7.95 -24.56
CA LYS D 149 -39.42 -7.86 -25.54
C LYS D 149 -38.63 -9.18 -25.52
N ILE D 150 -38.40 -9.75 -26.70
CA ILE D 150 -37.54 -10.92 -26.80
C ILE D 150 -36.09 -10.52 -26.87
N LEU D 151 -35.29 -11.21 -26.06
CA LEU D 151 -33.85 -10.98 -25.97
C LEU D 151 -33.22 -11.62 -27.21
N LYS D 152 -32.45 -10.85 -27.98
CA LYS D 152 -31.89 -11.33 -29.25
C LYS D 152 -30.54 -12.01 -29.03
N TYR D 153 -29.68 -11.31 -28.29
CA TYR D 153 -28.35 -11.76 -27.96
C TYR D 153 -28.10 -11.52 -26.48
N GLY D 154 -27.34 -12.42 -25.86
CA GLY D 154 -27.03 -12.30 -24.43
C GLY D 154 -26.64 -13.64 -23.85
N SER D 155 -26.33 -13.64 -22.55
CA SER D 155 -26.18 -14.90 -21.83
C SER D 155 -26.90 -14.81 -20.54
N ILE D 156 -27.42 -15.94 -20.12
CA ILE D 156 -28.15 -16.07 -18.90
C ILE D 156 -27.44 -17.19 -18.19
N THR D 157 -26.79 -16.84 -17.08
CA THR D 157 -26.00 -17.75 -16.28
C THR D 157 -26.83 -18.27 -15.14
N GLY D 158 -26.32 -19.30 -14.49
CA GLY D 158 -26.99 -19.83 -13.31
C GLY D 158 -28.13 -20.74 -13.65
N MET D 159 -28.91 -21.04 -12.62
CA MET D 159 -29.99 -22.01 -12.72
C MET D 159 -30.94 -21.66 -13.89
N SER D 160 -31.25 -20.37 -14.05
CA SER D 160 -32.17 -19.94 -15.07
C SER D 160 -31.71 -20.34 -16.45
N GLY D 161 -30.47 -20.03 -16.75
CA GLY D 161 -29.86 -20.38 -18.02
C GLY D 161 -29.79 -21.87 -18.27
N LYS D 162 -29.49 -22.65 -17.24
CA LYS D 162 -29.39 -24.08 -17.40
C LYS D 162 -30.78 -24.69 -17.61
N LEU D 163 -31.76 -24.28 -16.79
CA LEU D 163 -33.13 -24.79 -16.95
C LEU D 163 -33.71 -24.46 -18.31
N LEU D 164 -33.49 -23.24 -18.76
CA LEU D 164 -33.97 -22.82 -20.07
C LEU D 164 -33.56 -23.85 -21.13
N TRP D 165 -32.27 -24.16 -21.19
CA TRP D 165 -31.74 -25.08 -22.18
C TRP D 165 -32.20 -26.52 -21.92
N GLU D 166 -31.96 -27.02 -20.71
CA GLU D 166 -32.21 -28.41 -20.36
C GLU D 166 -33.67 -28.80 -20.48
N ALA D 167 -34.55 -27.94 -19.99
CA ALA D 167 -35.99 -28.20 -20.04
C ALA D 167 -36.50 -28.20 -21.49
N SER D 168 -36.06 -27.25 -22.31
CA SER D 168 -36.44 -27.22 -23.73
C SER D 168 -35.92 -28.45 -24.46
N ARG D 169 -34.67 -28.83 -24.21
CA ARG D 169 -34.08 -30.04 -24.79
C ARG D 169 -34.82 -31.33 -24.42
N ALA D 170 -35.52 -31.34 -23.29
CA ALA D 170 -36.34 -32.45 -22.88
C ALA D 170 -37.81 -32.32 -23.36
N GLY D 171 -38.07 -31.40 -24.30
CA GLY D 171 -39.39 -31.22 -24.85
C GLY D 171 -40.38 -30.47 -23.99
N LEU D 172 -39.92 -29.70 -23.01
CA LEU D 172 -40.80 -28.92 -22.15
C LEU D 172 -40.83 -27.48 -22.65
N LYS D 173 -41.95 -26.80 -22.39
CA LYS D 173 -42.09 -25.41 -22.78
C LYS D 173 -41.41 -24.62 -21.68
N SER D 174 -40.34 -23.90 -22.05
CA SER D 174 -39.50 -23.24 -21.05
C SER D 174 -39.30 -21.78 -21.39
N TYR D 175 -39.23 -20.95 -20.35
CA TYR D 175 -39.12 -19.51 -20.50
C TYR D 175 -38.22 -18.96 -19.42
N VAL D 176 -37.65 -17.80 -19.71
CA VAL D 176 -37.05 -16.96 -18.67
C VAL D 176 -37.56 -15.54 -18.80
N LEU D 177 -37.97 -14.97 -17.68
CA LEU D 177 -38.30 -13.55 -17.60
C LEU D 177 -37.22 -12.83 -16.84
N LEU D 178 -36.78 -11.70 -17.38
CA LEU D 178 -35.70 -10.92 -16.78
C LEU D 178 -36.18 -9.51 -16.55
N GLY D 179 -36.35 -9.14 -15.28
CA GLY D 179 -36.72 -7.77 -14.94
C GLY D 179 -35.47 -6.90 -14.93
N GLU D 180 -35.46 -5.86 -15.77
CA GLU D 180 -34.42 -4.83 -15.69
C GLU D 180 -34.41 -4.22 -14.29
N THR D 181 -33.20 -4.03 -13.76
CA THR D 181 -33.00 -3.42 -12.43
C THR D 181 -31.66 -2.68 -12.43
N PHE D 182 -31.42 -1.93 -11.33
CA PHE D 182 -30.19 -1.14 -11.17
C PHE D 182 -28.98 -2.06 -11.23
N GLY D 183 -29.03 -3.14 -10.47
CA GLY D 183 -28.00 -4.17 -10.47
C GLY D 183 -27.19 -4.27 -9.19
N ASP D 184 -27.53 -3.48 -8.19
CA ASP D 184 -26.75 -3.31 -6.97
C ASP D 184 -27.57 -3.35 -5.67
N ARG D 185 -28.86 -3.70 -5.74
CA ARG D 185 -29.71 -3.62 -4.56
C ARG D 185 -31.00 -4.41 -4.74
N PRO D 186 -31.64 -4.80 -3.61
CA PRO D 186 -32.94 -5.45 -3.71
C PRO D 186 -33.93 -4.50 -4.37
N ASP D 187 -34.66 -5.01 -5.37
CA ASP D 187 -35.55 -4.16 -6.18
C ASP D 187 -36.96 -4.74 -6.30
N PRO D 188 -37.82 -4.49 -5.30
CA PRO D 188 -39.19 -4.98 -5.38
C PRO D 188 -39.99 -4.44 -6.56
N ARG D 189 -39.64 -3.26 -7.07
CA ARG D 189 -40.33 -2.71 -8.21
C ARG D 189 -40.14 -3.59 -9.45
N ALA D 190 -38.90 -3.96 -9.73
CA ALA D 190 -38.61 -4.83 -10.88
C ALA D 190 -39.27 -6.21 -10.71
N ALA D 191 -39.33 -6.70 -9.48
CA ALA D 191 -40.00 -7.95 -9.19
C ALA D 191 -41.47 -7.83 -9.54
N ALA D 192 -42.06 -6.69 -9.19
CA ALA D 192 -43.46 -6.41 -9.54
C ALA D 192 -43.70 -6.45 -11.05
N ASN D 193 -42.84 -5.79 -11.80
CA ASN D 193 -42.92 -5.88 -13.27
C ASN D 193 -42.96 -7.32 -13.76
N VAL D 194 -42.14 -8.17 -13.16
CA VAL D 194 -42.07 -9.58 -13.52
C VAL D 194 -43.33 -10.31 -13.11
N VAL D 195 -43.82 -10.05 -11.88
CA VAL D 195 -45.07 -10.67 -11.42
C VAL D 195 -46.27 -10.26 -12.32
N GLU D 196 -46.29 -9.00 -12.78
CA GLU D 196 -47.30 -8.53 -13.75
C GLU D 196 -47.30 -9.37 -15.01
N VAL D 197 -46.11 -9.62 -15.56
CA VAL D 197 -46.00 -10.46 -16.77
C VAL D 197 -46.44 -11.89 -16.49
N LEU D 198 -46.21 -12.35 -15.28
CA LEU D 198 -46.57 -13.69 -14.89
C LEU D 198 -48.10 -13.81 -14.74
N ASN D 199 -48.75 -12.75 -14.23
CA ASN D 199 -50.22 -12.66 -14.22
C ASN D 199 -50.83 -12.85 -15.61
N LYS D 200 -50.33 -12.11 -16.58
CA LYS D 200 -50.80 -12.22 -17.97
C LYS D 200 -50.55 -13.63 -18.47
N MET D 201 -49.37 -14.17 -18.23
CA MET D 201 -48.97 -15.48 -18.76
C MET D 201 -49.81 -16.63 -18.21
N LEU D 202 -50.24 -16.54 -16.95
CA LEU D 202 -50.90 -17.64 -16.27
C LEU D 202 -52.30 -17.30 -15.76
N GLY D 203 -52.78 -16.08 -16.04
CA GLY D 203 -54.07 -15.60 -15.58
C GLY D 203 -54.24 -15.70 -14.08
N LEU D 204 -53.35 -15.07 -13.31
CA LEU D 204 -53.39 -15.24 -11.84
C LEU D 204 -54.01 -14.09 -11.06
N ASN D 205 -54.07 -12.90 -11.65
CA ASN D 205 -54.61 -11.73 -10.97
C ASN D 205 -54.14 -11.52 -9.52
N VAL D 206 -52.81 -11.51 -9.33
CA VAL D 206 -52.19 -11.16 -8.07
C VAL D 206 -51.81 -9.68 -8.12
N SER D 207 -52.27 -8.93 -7.13
CA SER D 207 -51.93 -7.54 -7.04
C SER D 207 -50.48 -7.40 -6.64
N VAL D 208 -49.76 -6.59 -7.41
CA VAL D 208 -48.39 -6.20 -7.06
C VAL D 208 -48.33 -4.91 -6.22
N GLU D 209 -49.45 -4.52 -5.61
CA GLU D 209 -49.48 -3.32 -4.77
C GLU D 209 -48.59 -3.46 -3.54
N PRO D 210 -48.73 -4.57 -2.78
CA PRO D 210 -47.91 -4.73 -1.55
C PRO D 210 -46.41 -4.62 -1.81
N LEU D 211 -46.01 -5.05 -3.00
CA LEU D 211 -44.64 -4.99 -3.45
C LEU D 211 -44.22 -3.54 -3.69
N LEU D 212 -45.03 -2.79 -4.45
CA LEU D 212 -44.77 -1.36 -4.67
C LEU D 212 -44.83 -0.55 -3.35
N LYS D 213 -45.69 -0.96 -2.43
CA LYS D 213 -45.82 -0.35 -1.09
C LYS D 213 -44.53 -0.58 -0.31
N GLU D 214 -44.08 -1.83 -0.32
CA GLU D 214 -42.84 -2.24 0.34
C GLU D 214 -41.65 -1.38 -0.13
N ALA D 215 -41.57 -1.14 -1.43
CA ALA D 215 -40.51 -0.32 -2.00
C ALA D 215 -40.57 1.12 -1.52
N GLU D 216 -41.78 1.68 -1.43
CA GLU D 216 -41.94 3.06 -0.96
C GLU D 216 -41.52 3.15 0.49
N MET D 217 -42.03 2.24 1.32
CA MET D 217 -41.70 2.23 2.75
C MET D 217 -40.19 2.11 3.04
N ILE D 218 -39.47 1.32 2.24
CA ILE D 218 -38.02 1.18 2.36
C ILE D 218 -37.33 2.51 2.04
N GLU D 219 -37.71 3.11 0.91
CA GLU D 219 -37.17 4.39 0.48
C GLU D 219 -37.51 5.54 1.44
N GLU D 220 -38.75 5.59 1.94
CA GLU D 220 -39.15 6.55 2.97
C GLU D 220 -38.30 6.37 4.22
N GLN D 221 -38.14 5.15 4.69
CA GLN D 221 -37.28 4.84 5.84
C GLN D 221 -35.84 5.29 5.67
N LEU D 222 -35.27 5.04 4.50
CA LEU D 222 -33.90 5.46 4.19
C LEU D 222 -33.76 6.98 4.26
N ARG D 223 -34.65 7.69 3.59
CA ARG D 223 -34.66 9.15 3.58
C ARG D 223 -34.76 9.69 5.01
N ARG D 224 -35.66 9.11 5.78
CA ARG D 224 -35.91 9.52 7.16
C ARG D 224 -34.70 9.25 8.06
N MET D 225 -34.05 8.10 7.88
CA MET D 225 -32.87 7.77 8.69
C MET D 225 -31.73 8.69 8.34
N HIS D 226 -31.51 8.94 7.05
CA HIS D 226 -30.49 9.88 6.61
C HIS D 226 -30.76 11.30 7.15
N GLU D 227 -32.02 11.74 7.16
CA GLU D 227 -32.42 13.04 7.75
C GLU D 227 -32.01 13.08 9.21
N GLN D 228 -32.42 12.07 9.98
CA GLN D 228 -32.16 12.06 11.40
C GLN D 228 -30.66 11.99 11.74
N MET D 229 -29.90 11.24 10.94
CA MET D 229 -28.46 11.14 11.09
C MET D 229 -27.80 12.52 10.95
N GLU D 230 -28.12 13.19 9.84
CA GLU D 230 -27.52 14.48 9.54
C GLU D 230 -27.98 15.59 10.50
N GLU D 231 -29.24 15.54 10.89
CA GLU D 231 -29.79 16.45 11.88
C GLU D 231 -29.11 16.24 13.24
N ALA D 232 -28.84 14.99 13.59
CA ALA D 232 -28.13 14.68 14.83
C ALA D 232 -26.68 15.23 14.86
N ARG D 233 -25.92 15.11 13.76
CA ARG D 233 -24.55 15.62 13.79
C ARG D 233 -24.51 17.15 13.76
N ARG D 234 -25.44 17.78 13.03
CA ARG D 234 -25.59 19.25 13.08
C ARG D 234 -25.91 19.73 14.49
N LYS D 235 -26.79 19.03 15.19
CA LYS D 235 -27.10 19.40 16.57
C LYS D 235 -25.85 19.28 17.44
N MET D 236 -25.09 18.19 17.26
CA MET D 236 -23.89 17.99 18.05
C MET D 236 -22.81 19.01 17.79
N GLU D 237 -22.63 19.42 16.52
CA GLU D 237 -21.71 20.52 16.15
C GLU D 237 -22.09 21.83 16.80
N ARG D 238 -23.36 22.20 16.69
CA ARG D 238 -23.91 23.44 17.31
C ARG D 238 -23.68 23.39 18.82
N GLN D 239 -23.86 22.20 19.40
CA GLN D 239 -23.73 22.01 20.83
C GLN D 239 -22.26 22.10 21.29
N TYR D 240 -21.36 21.48 20.52
CA TYR D 240 -19.91 21.56 20.76
C TYR D 240 -19.45 23.03 20.70
N GLU D 241 -19.89 23.76 19.68
CA GLU D 241 -19.51 25.16 19.51
C GLU D 241 -20.01 26.04 20.66
N THR D 242 -21.27 25.91 21.06
CA THR D 242 -21.80 26.76 22.15
C THR D 242 -21.09 26.42 23.48
N MET D 243 -20.76 25.16 23.67
CA MET D 243 -20.09 24.73 24.90
C MET D 243 -18.63 25.19 24.98
N TYR D 244 -17.92 25.21 23.83
CA TYR D 244 -16.46 25.26 23.87
C TYR D 244 -15.78 26.42 23.14
N LEU D 245 -16.45 27.08 22.19
CA LEU D 245 -15.87 28.26 21.54
C LEU D 245 -15.61 29.32 22.60
N LYS E 8 -16.98 -45.72 6.12
CA LYS E 8 -17.45 -44.33 5.81
C LYS E 8 -16.60 -43.18 6.38
N PRO E 9 -16.85 -41.96 5.92
CA PRO E 9 -16.02 -40.82 6.33
C PRO E 9 -16.15 -40.34 7.77
N VAL E 10 -17.31 -40.57 8.39
CA VAL E 10 -17.48 -40.25 9.82
C VAL E 10 -18.06 -41.43 10.58
N ASN E 11 -17.39 -41.80 11.67
CA ASN E 11 -17.84 -42.84 12.58
C ASN E 11 -18.14 -42.23 13.92
N LEU E 12 -19.37 -42.46 14.37
CA LEU E 12 -19.78 -42.08 15.70
C LEU E 12 -19.45 -43.28 16.58
N VAL E 13 -18.57 -43.07 17.56
CA VAL E 13 -18.26 -44.06 18.57
C VAL E 13 -18.99 -43.62 19.82
N LEU E 14 -20.17 -44.18 20.02
CA LEU E 14 -21.09 -43.72 21.04
C LEU E 14 -22.05 -44.86 21.45
N PRO E 15 -21.97 -45.33 22.72
CA PRO E 15 -22.94 -46.32 23.19
C PRO E 15 -24.38 -45.79 23.10
N GLU E 16 -25.32 -46.72 22.92
CA GLU E 16 -26.73 -46.38 22.85
C GLU E 16 -27.21 -45.99 24.25
N VAL E 17 -28.07 -44.97 24.29
CA VAL E 17 -28.66 -44.45 25.51
C VAL E 17 -30.13 -44.28 25.14
N GLU E 18 -30.96 -45.18 25.65
CA GLU E 18 -32.33 -45.27 25.19
C GLU E 18 -33.06 -44.01 25.63
N ASN E 19 -33.88 -43.47 24.73
CA ASN E 19 -34.68 -42.29 25.00
C ASN E 19 -33.85 -41.08 25.46
N ALA E 20 -32.65 -40.96 24.87
CA ALA E 20 -31.67 -39.92 25.23
C ALA E 20 -32.22 -38.51 25.04
N ILE E 21 -31.85 -37.64 25.98
CA ILE E 21 -31.96 -36.21 25.80
C ILE E 21 -30.60 -35.76 25.29
N PHE E 22 -30.55 -35.34 24.03
CA PHE E 22 -29.29 -34.97 23.35
C PHE E 22 -29.17 -33.45 23.31
N ILE E 23 -28.10 -32.92 23.92
CA ILE E 23 -27.81 -31.50 23.91
C ILE E 23 -26.49 -31.24 23.17
N GLU E 24 -26.51 -30.34 22.17
CA GLU E 24 -25.33 -30.05 21.33
C GLU E 24 -24.91 -28.58 21.50
N GLY E 25 -23.64 -28.35 21.85
CA GLY E 25 -23.09 -26.98 21.96
C GLY E 25 -21.76 -26.87 21.22
N TYR E 26 -21.85 -26.79 19.89
CA TYR E 26 -20.67 -26.64 19.04
C TYR E 26 -20.25 -25.18 19.05
N PRO E 27 -18.97 -24.89 18.80
CA PRO E 27 -18.52 -23.49 18.84
C PRO E 27 -19.27 -22.61 17.86
N GLY E 28 -19.44 -21.36 18.25
CA GLY E 28 -20.21 -20.43 17.46
C GLY E 28 -20.17 -19.08 18.13
N VAL E 29 -20.95 -18.15 17.60
CA VAL E 29 -20.89 -16.79 18.10
C VAL E 29 -20.98 -16.74 19.62
N GLY E 30 -20.08 -15.97 20.21
CA GLY E 30 -20.04 -15.77 21.65
C GLY E 30 -19.53 -16.94 22.47
N LEU E 31 -19.27 -18.08 21.82
CA LEU E 31 -19.14 -19.37 22.52
C LEU E 31 -20.30 -19.68 23.49
N VAL E 32 -21.50 -19.16 23.18
CA VAL E 32 -22.67 -19.26 24.08
C VAL E 32 -23.05 -20.74 24.26
N GLY E 33 -23.43 -21.38 23.15
CA GLY E 33 -23.69 -22.81 23.17
C GLY E 33 -22.60 -23.61 23.81
N HIS E 34 -21.38 -23.31 23.44
CA HIS E 34 -20.23 -24.10 23.85
C HIS E 34 -19.99 -23.99 25.34
N ILE E 35 -20.11 -22.80 25.88
CA ILE E 35 -19.89 -22.59 27.32
C ILE E 35 -21.01 -23.25 28.11
N ALA E 36 -22.25 -23.04 27.65
CA ALA E 36 -23.42 -23.66 28.25
C ALA E 36 -23.29 -25.18 28.32
N ALA E 37 -23.04 -25.80 27.18
CA ALA E 37 -22.92 -27.25 27.11
C ALA E 37 -21.80 -27.76 27.99
N ASN E 38 -20.69 -27.05 28.01
CA ASN E 38 -19.51 -27.51 28.72
C ASN E 38 -19.80 -27.41 30.22
N PHE E 39 -20.48 -26.33 30.60
CA PHE E 39 -20.83 -26.10 31.99
C PHE E 39 -21.76 -27.19 32.52
N LEU E 40 -22.83 -27.47 31.78
CA LEU E 40 -23.71 -28.58 32.12
C LEU E 40 -23.01 -29.90 32.26
N ALA E 41 -22.14 -30.24 31.32
CA ALA E 41 -21.42 -31.50 31.42
C ALA E 41 -20.63 -31.58 32.71
N LYS E 42 -20.00 -30.47 33.09
CA LYS E 42 -19.16 -30.41 34.29
C LYS E 42 -20.02 -30.50 35.56
N GLU E 43 -21.02 -29.63 35.66
CA GLU E 43 -21.87 -29.53 36.84
C GLU E 43 -22.71 -30.79 37.10
N LEU E 44 -23.05 -31.55 36.07
CA LEU E 44 -23.73 -32.83 36.23
C LEU E 44 -22.76 -34.03 36.28
N ASP E 45 -21.47 -33.77 36.58
CA ASP E 45 -20.44 -34.81 36.72
C ASP E 45 -20.57 -35.91 35.66
N MET E 46 -20.63 -35.50 34.40
CA MET E 46 -20.79 -36.44 33.28
C MET E 46 -19.49 -37.13 32.97
N ASP E 47 -19.56 -38.29 32.38
CA ASP E 47 -18.40 -39.05 31.96
C ASP E 47 -18.24 -38.86 30.47
N LEU E 48 -17.01 -38.99 30.00
CA LEU E 48 -16.73 -39.04 28.58
C LEU E 48 -17.20 -40.41 28.08
N ILE E 49 -18.25 -40.45 27.28
CA ILE E 49 -18.82 -41.72 26.81
C ILE E 49 -18.55 -42.04 25.37
N GLY E 50 -18.13 -41.05 24.58
CA GLY E 50 -17.88 -41.30 23.16
C GLY E 50 -17.29 -40.12 22.40
N TYR E 51 -17.13 -40.31 21.10
CA TYR E 51 -16.52 -39.30 20.26
C TYR E 51 -16.80 -39.50 18.77
N VAL E 52 -16.51 -38.47 18.00
CA VAL E 52 -16.58 -38.52 16.55
C VAL E 52 -15.19 -38.80 16.03
N ASP E 53 -15.10 -39.70 15.08
CA ASP E 53 -13.86 -40.17 14.53
C ASP E 53 -13.94 -39.99 13.02
N SER E 54 -12.96 -39.32 12.44
CA SER E 54 -12.91 -39.08 11.02
C SER E 54 -11.55 -38.65 10.60
N LEU E 55 -11.10 -39.14 9.45
CA LEU E 55 -9.84 -38.73 8.85
C LEU E 55 -9.81 -37.22 8.56
N PHE E 56 -10.99 -36.61 8.41
CA PHE E 56 -11.10 -35.19 8.05
C PHE E 56 -11.16 -34.27 9.26
N ILE E 57 -11.17 -34.84 10.46
CA ILE E 57 -10.97 -34.06 11.68
C ILE E 57 -9.46 -33.93 11.86
N PRO E 58 -8.97 -32.70 11.99
CA PRO E 58 -7.53 -32.55 12.03
C PRO E 58 -6.94 -33.19 13.27
N PRO E 59 -5.74 -33.74 13.14
CA PRO E 59 -5.08 -34.47 14.22
C PRO E 59 -4.81 -33.60 15.41
N MET E 60 -5.37 -33.97 16.56
CA MET E 60 -5.03 -33.35 17.84
C MET E 60 -5.58 -34.18 18.99
N SER E 61 -5.03 -33.93 20.17
CA SER E 61 -5.69 -34.29 21.44
C SER E 61 -5.82 -33.02 22.23
N LEU E 62 -6.99 -32.85 22.82
CA LEU E 62 -7.18 -31.88 23.87
C LEU E 62 -6.82 -32.58 25.16
N ILE E 63 -6.26 -31.84 26.09
CA ILE E 63 -5.94 -32.38 27.39
C ILE E 63 -6.88 -31.68 28.36
N LEU E 64 -7.72 -32.44 29.06
CA LEU E 64 -8.66 -31.92 30.07
C LEU E 64 -8.49 -32.66 31.39
N GLU E 65 -8.14 -31.95 32.45
CA GLU E 65 -7.78 -32.59 33.76
C GLU E 65 -6.75 -33.70 33.54
N GLY E 66 -5.72 -33.44 32.76
CA GLY E 66 -4.69 -34.44 32.46
C GLY E 66 -5.12 -35.71 31.73
N ARG E 67 -6.29 -35.70 31.08
CA ARG E 67 -6.69 -36.82 30.23
C ARG E 67 -6.80 -36.38 28.76
N PRO E 68 -6.12 -37.11 27.87
CA PRO E 68 -6.30 -36.87 26.45
C PRO E 68 -7.73 -37.10 26.03
N THR E 69 -8.34 -36.13 25.34
CA THR E 69 -9.68 -36.32 24.77
C THR E 69 -9.69 -35.83 23.30
N PRO E 70 -10.55 -36.42 22.45
CA PRO E 70 -10.66 -35.93 21.08
C PRO E 70 -11.40 -34.61 20.98
N PRO E 71 -11.22 -33.89 19.87
CA PRO E 71 -11.83 -32.58 19.74
C PRO E 71 -13.36 -32.58 19.63
N LEU E 72 -13.94 -33.66 19.09
CA LEU E 72 -15.40 -33.81 19.05
C LEU E 72 -15.76 -34.98 19.93
N ARG E 73 -16.48 -34.71 21.02
CA ARG E 73 -16.75 -35.73 22.01
C ARG E 73 -18.16 -35.63 22.58
N PHE E 74 -18.55 -36.71 23.25
CA PHE E 74 -19.84 -36.84 23.89
C PHE E 74 -19.67 -37.13 25.38
N TYR E 75 -20.38 -36.38 26.20
CA TYR E 75 -20.45 -36.58 27.65
C TYR E 75 -21.83 -37.11 28.02
N GLY E 76 -21.89 -37.95 29.05
CA GLY E 76 -23.16 -38.55 29.48
C GLY E 76 -23.29 -38.74 30.97
N LYS E 77 -24.53 -38.61 31.44
CA LYS E 77 -24.97 -39.09 32.75
C LYS E 77 -26.39 -39.58 32.57
N ASN E 78 -26.59 -40.86 32.81
CA ASN E 78 -27.87 -41.56 32.65
C ASN E 78 -28.96 -40.80 31.91
N ASN E 79 -29.08 -41.01 30.61
CA ASN E 79 -30.19 -40.42 29.77
C ASN E 79 -29.93 -39.05 29.10
N ILE E 80 -29.02 -38.23 29.66
CA ILE E 80 -28.58 -37.01 28.99
C ILE E 80 -27.22 -37.23 28.30
N ILE E 81 -27.17 -36.92 27.00
CA ILE E 81 -25.92 -36.84 26.24
C ILE E 81 -25.64 -35.36 25.91
N ILE E 82 -24.40 -34.93 26.14
CA ILE E 82 -23.96 -33.60 25.75
C ILE E 82 -22.83 -33.70 24.72
N ALA E 83 -23.07 -33.09 23.54
CA ALA E 83 -22.10 -33.10 22.43
C ALA E 83 -21.31 -31.78 22.40
N ILE E 84 -19.99 -31.92 22.45
CA ILE E 84 -19.04 -30.79 22.48
C ILE E 84 -18.05 -30.93 21.33
N ALA E 85 -17.65 -29.79 20.77
CA ALA E 85 -16.56 -29.71 19.80
C ALA E 85 -15.63 -28.53 20.16
N ASP E 86 -14.34 -28.70 19.95
CA ASP E 86 -13.38 -27.59 20.16
C ASP E 86 -12.80 -26.96 18.89
N ILE E 87 -13.37 -27.27 17.75
CA ILE E 87 -12.90 -26.75 16.48
C ILE E 87 -14.11 -26.43 15.62
N PHE E 88 -13.93 -25.45 14.72
CA PHE E 88 -14.91 -25.23 13.69
C PHE E 88 -14.62 -26.26 12.66
N LEU E 89 -15.62 -26.61 11.85
CA LEU E 89 -15.46 -27.65 10.87
C LEU E 89 -16.03 -27.20 9.55
N PRO E 90 -15.49 -27.73 8.45
CA PRO E 90 -16.04 -27.35 7.14
C PRO E 90 -17.46 -27.85 6.92
N PRO E 91 -18.27 -27.13 6.13
CA PRO E 91 -19.70 -27.41 6.00
C PRO E 91 -20.06 -28.84 5.64
N THR E 92 -19.39 -29.41 4.65
CA THR E 92 -19.72 -30.76 4.24
C THR E 92 -19.50 -31.79 5.36
N LEU E 93 -18.45 -31.60 6.16
CA LEU E 93 -18.14 -32.50 7.26
C LEU E 93 -19.21 -32.38 8.36
N VAL E 94 -19.59 -31.15 8.67
CA VAL E 94 -20.70 -30.88 9.58
C VAL E 94 -21.96 -31.66 9.15
N ASN E 95 -22.28 -31.62 7.85
CA ASN E 95 -23.44 -32.32 7.34
C ASN E 95 -23.30 -33.85 7.53
N GLU E 96 -22.11 -34.37 7.27
CA GLU E 96 -21.85 -35.79 7.48
C GLU E 96 -21.95 -36.20 8.94
N ILE E 97 -21.47 -35.35 9.83
CA ILE E 97 -21.59 -35.64 11.25
C ILE E 97 -23.07 -35.58 11.67
N ALA E 98 -23.80 -34.59 11.17
CA ALA E 98 -25.22 -34.46 11.49
C ALA E 98 -26.00 -35.69 11.07
N LYS E 99 -25.67 -36.26 9.91
CA LYS E 99 -26.31 -37.47 9.42
C LYS E 99 -26.13 -38.60 10.42
N GLU E 100 -24.89 -38.84 10.82
CA GLU E 100 -24.58 -39.90 11.77
C GLU E 100 -25.25 -39.69 13.13
N ILE E 101 -25.31 -38.45 13.58
CA ILE E 101 -25.93 -38.13 14.85
C ILE E 101 -27.42 -38.42 14.80
N VAL E 102 -28.10 -37.99 13.74
CA VAL E 102 -29.52 -38.20 13.59
C VAL E 102 -29.86 -39.71 13.46
N ASN E 103 -29.05 -40.46 12.73
CA ASN E 103 -29.18 -41.93 12.69
C ASN E 103 -29.14 -42.51 14.07
N TYR E 104 -28.18 -42.08 14.89
CA TYR E 104 -28.06 -42.58 16.25
C TYR E 104 -29.28 -42.20 17.08
N LEU E 105 -29.79 -40.99 16.90
CA LEU E 105 -30.93 -40.53 17.69
C LEU E 105 -32.26 -41.22 17.29
N LYS E 106 -32.44 -41.56 16.02
CA LYS E 106 -33.55 -42.43 15.60
C LYS E 106 -33.42 -43.80 16.27
N LYS E 107 -32.26 -44.43 16.11
CA LYS E 107 -31.98 -45.74 16.68
C LYS E 107 -32.42 -45.85 18.12
N VAL E 108 -32.07 -44.86 18.93
CA VAL E 108 -32.30 -44.88 20.38
C VAL E 108 -33.61 -44.20 20.83
N ASN E 109 -34.43 -43.78 19.87
CA ASN E 109 -35.71 -43.11 20.14
C ASN E 109 -35.53 -41.96 21.10
N ALA E 110 -34.65 -41.03 20.72
CA ALA E 110 -34.30 -39.91 21.57
C ALA E 110 -35.55 -39.09 21.88
N GLU E 111 -35.65 -38.66 23.12
CA GLU E 111 -36.80 -37.96 23.62
C GLU E 111 -36.75 -36.50 23.17
N LYS E 112 -35.58 -35.87 23.32
CA LYS E 112 -35.35 -34.48 22.91
C LYS E 112 -33.99 -34.30 22.24
N VAL E 113 -33.96 -33.40 21.25
CA VAL E 113 -32.75 -32.99 20.54
C VAL E 113 -32.65 -31.48 20.67
N ILE E 114 -31.73 -31.03 21.52
CA ILE E 114 -31.63 -29.61 21.85
C ILE E 114 -30.27 -29.06 21.42
N SER E 115 -30.27 -28.01 20.61
CA SER E 115 -29.04 -27.36 20.17
C SER E 115 -28.91 -26.06 20.91
N LEU E 116 -27.71 -25.81 21.43
CA LEU E 116 -27.39 -24.56 22.12
C LEU E 116 -26.57 -23.64 21.25
N ALA E 117 -26.98 -22.38 21.16
CA ALA E 117 -26.41 -21.45 20.20
C ALA E 117 -26.45 -20.03 20.71
N GLY E 118 -25.84 -19.15 19.93
CA GLY E 118 -25.69 -17.74 20.26
C GLY E 118 -26.25 -16.92 19.15
N MET E 119 -26.63 -15.69 19.45
CA MET E 119 -27.13 -14.77 18.45
C MET E 119 -26.38 -13.47 18.68
N GLY E 120 -25.49 -13.14 17.74
CA GLY E 120 -24.67 -11.93 17.84
C GLY E 120 -25.54 -10.74 17.57
N ILE E 121 -25.67 -9.85 18.54
CA ILE E 121 -26.74 -8.85 18.48
C ILE E 121 -26.33 -7.61 19.25
N GLY E 122 -25.52 -6.82 18.57
CA GLY E 122 -25.14 -5.49 19.00
C GLY E 122 -24.44 -5.37 20.34
N PHE E 123 -24.28 -4.14 20.80
CA PHE E 123 -23.61 -3.85 22.07
C PHE E 123 -24.51 -3.17 23.09
N PHE E 124 -25.25 -2.17 22.64
CA PHE E 124 -25.97 -1.29 23.58
C PHE E 124 -27.40 -1.76 23.82
N LYS E 125 -27.55 -3.03 24.21
CA LYS E 125 -28.85 -3.66 24.48
C LYS E 125 -28.99 -3.86 26.00
N ASP E 126 -30.16 -3.48 26.54
CA ASP E 126 -30.43 -3.45 27.99
C ASP E 126 -30.30 -4.83 28.66
N THR E 127 -31.14 -5.77 28.20
CA THR E 127 -31.02 -7.19 28.56
C THR E 127 -30.64 -8.02 27.34
N PHE E 128 -30.03 -9.17 27.63
CA PHE E 128 -29.78 -10.21 26.64
C PHE E 128 -30.83 -11.30 26.85
N GLU E 129 -31.64 -11.53 25.83
CA GLU E 129 -32.71 -12.49 25.88
C GLU E 129 -32.18 -13.86 25.48
N VAL E 130 -33.06 -14.86 25.57
CA VAL E 130 -32.86 -16.15 24.96
C VAL E 130 -34.03 -16.41 24.04
N TRP E 131 -33.73 -16.64 22.74
CA TRP E 131 -34.74 -17.02 21.79
C TRP E 131 -34.76 -18.52 21.64
N GLY E 132 -35.80 -19.01 20.96
CA GLY E 132 -36.01 -20.44 20.78
C GLY E 132 -36.71 -20.73 19.47
N ILE E 133 -36.56 -21.96 19.02
CA ILE E 133 -37.31 -22.44 17.88
C ILE E 133 -37.43 -23.93 18.01
N GLY E 134 -38.56 -24.46 17.56
CA GLY E 134 -38.87 -25.88 17.70
C GLY E 134 -39.08 -26.52 16.35
N GLY E 135 -38.88 -27.84 16.31
CA GLY E 135 -39.04 -28.62 15.09
C GLY E 135 -40.42 -28.51 14.48
N SER E 136 -41.42 -28.42 15.34
CA SER E 136 -42.83 -28.33 14.94
C SER E 136 -43.51 -27.36 15.88
N GLU E 137 -44.79 -27.08 15.62
CA GLU E 137 -45.55 -26.15 16.46
C GLU E 137 -45.68 -26.65 17.91
N GLU E 138 -45.68 -27.97 18.11
CA GLU E 138 -45.73 -28.58 19.46
C GLU E 138 -44.56 -28.12 20.32
N GLU E 139 -43.36 -28.14 19.75
CA GLU E 139 -42.16 -27.75 20.49
C GLU E 139 -42.07 -26.23 20.66
N ASN E 140 -42.54 -25.49 19.66
CA ASN E 140 -42.70 -24.02 19.80
C ASN E 140 -43.58 -23.68 20.99
N LYS E 141 -44.70 -24.42 21.15
CA LYS E 141 -45.61 -24.23 22.28
C LYS E 141 -44.90 -24.48 23.61
N GLU E 142 -44.16 -25.59 23.72
CA GLU E 142 -43.40 -25.89 24.96
C GLU E 142 -42.48 -24.75 25.35
N LEU E 143 -41.76 -24.22 24.36
CA LEU E 143 -40.80 -23.16 24.62
C LEU E 143 -41.51 -21.89 25.04
N GLU E 144 -42.67 -21.63 24.43
CA GLU E 144 -43.50 -20.47 24.80
C GLU E 144 -43.92 -20.58 26.27
N SER E 145 -44.36 -21.78 26.66
CA SER E 145 -44.78 -22.04 28.03
C SER E 145 -43.66 -22.03 29.08
N LEU E 146 -42.39 -21.92 28.66
CA LEU E 146 -41.30 -21.58 29.58
C LEU E 146 -40.87 -20.14 29.39
N GLY E 147 -41.74 -19.33 28.78
CA GLY E 147 -41.47 -17.91 28.50
C GLY E 147 -40.23 -17.62 27.68
N VAL E 148 -39.97 -18.47 26.68
CA VAL E 148 -38.90 -18.26 25.72
C VAL E 148 -39.56 -17.63 24.50
N LYS E 149 -38.99 -16.53 24.00
CA LYS E 149 -39.51 -15.91 22.77
C LYS E 149 -39.25 -16.84 21.58
N ILE E 150 -40.28 -17.08 20.77
CA ILE E 150 -40.10 -17.84 19.55
C ILE E 150 -39.60 -16.93 18.43
N LEU E 151 -38.59 -17.43 17.73
CA LEU E 151 -37.97 -16.74 16.63
C LEU E 151 -38.89 -16.83 15.42
N LYS E 152 -39.24 -15.68 14.85
CA LYS E 152 -40.19 -15.62 13.74
C LYS E 152 -39.45 -15.76 12.41
N TYR E 153 -38.40 -14.98 12.25
CA TYR E 153 -37.60 -14.97 11.04
C TYR E 153 -36.12 -15.01 11.40
N GLY E 154 -35.34 -15.71 10.60
CA GLY E 154 -33.89 -15.72 10.77
C GLY E 154 -33.24 -16.91 10.11
N SER E 155 -31.93 -17.06 10.32
CA SER E 155 -31.25 -18.27 9.90
C SER E 155 -30.34 -18.72 10.98
N ILE E 156 -30.20 -20.02 11.08
CA ILE E 156 -29.39 -20.66 12.08
C ILE E 156 -28.48 -21.55 11.26
N THR E 157 -27.20 -21.19 11.24
CA THR E 157 -26.21 -21.91 10.46
C THR E 157 -25.50 -22.94 11.33
N GLY E 158 -24.78 -23.83 10.69
CA GLY E 158 -23.97 -24.77 11.42
C GLY E 158 -24.77 -25.96 11.89
N MET E 159 -24.14 -26.72 12.79
CA MET E 159 -24.70 -27.93 13.30
C MET E 159 -26.12 -27.73 13.87
N SER E 160 -26.31 -26.64 14.57
CA SER E 160 -27.60 -26.35 15.19
C SER E 160 -28.72 -26.30 14.20
N GLY E 161 -28.51 -25.51 13.15
CA GLY E 161 -29.46 -25.38 12.07
C GLY E 161 -29.75 -26.69 11.36
N LYS E 162 -28.72 -27.50 11.14
CA LYS E 162 -28.91 -28.75 10.44
C LYS E 162 -29.65 -29.74 11.33
N LEU E 163 -29.24 -29.86 12.60
CA LEU E 163 -29.92 -30.78 13.53
C LEU E 163 -31.38 -30.44 13.71
N LEU E 164 -31.65 -29.14 13.85
CA LEU E 164 -33.03 -28.69 13.98
C LEU E 164 -33.91 -29.31 12.89
N TRP E 165 -33.50 -29.14 11.65
CA TRP E 165 -34.25 -29.64 10.50
C TRP E 165 -34.24 -31.17 10.42
N GLU E 166 -33.05 -31.75 10.43
CA GLU E 166 -32.85 -33.19 10.23
C GLU E 166 -33.53 -34.04 11.28
N ALA E 167 -33.38 -33.63 12.55
CA ALA E 167 -33.95 -34.39 13.65
C ALA E 167 -35.50 -34.31 13.61
N SER E 168 -36.05 -33.11 13.34
CA SER E 168 -37.51 -32.98 13.22
C SER E 168 -38.05 -33.79 12.03
N ARG E 169 -37.36 -33.74 10.89
CA ARG E 169 -37.74 -34.54 9.71
C ARG E 169 -37.70 -36.05 9.96
N ALA E 170 -36.93 -36.51 10.94
CA ALA E 170 -36.91 -37.91 11.33
C ALA E 170 -37.90 -38.21 12.47
N GLY E 171 -38.82 -37.29 12.75
CA GLY E 171 -39.83 -37.49 13.77
C GLY E 171 -39.37 -37.31 15.21
N LEU E 172 -38.26 -36.62 15.43
CA LEU E 172 -37.77 -36.36 16.79
C LEU E 172 -38.17 -34.97 17.22
N LYS E 173 -38.30 -34.78 18.53
CA LYS E 173 -38.66 -33.48 19.07
C LYS E 173 -37.36 -32.69 19.14
N SER E 174 -37.27 -31.61 18.39
CA SER E 174 -36.01 -30.87 18.27
C SER E 174 -36.19 -29.39 18.57
N TYR E 175 -35.17 -28.81 19.17
CA TYR E 175 -35.22 -27.42 19.60
C TYR E 175 -33.85 -26.78 19.40
N VAL E 176 -33.86 -25.46 19.27
CA VAL E 176 -32.65 -24.66 19.41
C VAL E 176 -32.90 -23.51 20.37
N LEU E 177 -31.97 -23.33 21.30
CA LEU E 177 -31.96 -22.14 22.16
C LEU E 177 -30.81 -21.24 21.72
N LEU E 178 -31.10 -19.96 21.59
CA LEU E 178 -30.12 -18.98 21.14
C LEU E 178 -29.99 -17.87 22.15
N GLY E 179 -28.85 -17.80 22.81
CA GLY E 179 -28.59 -16.72 23.74
C GLY E 179 -28.11 -15.50 22.99
N GLU E 180 -28.82 -14.37 23.10
CA GLU E 180 -28.30 -13.09 22.62
C GLU E 180 -26.96 -12.78 23.30
N THR E 181 -26.02 -12.29 22.50
CA THR E 181 -24.69 -11.91 23.00
C THR E 181 -24.13 -10.76 22.13
N PHE E 182 -22.99 -10.21 22.57
CA PHE E 182 -22.33 -9.10 21.86
C PHE E 182 -22.00 -9.51 20.44
N GLY E 183 -21.37 -10.67 20.31
CA GLY E 183 -21.06 -11.26 19.01
C GLY E 183 -19.58 -11.33 18.66
N ASP E 184 -18.73 -10.89 19.58
CA ASP E 184 -17.31 -10.70 19.33
C ASP E 184 -16.39 -11.26 20.44
N ARG E 185 -16.93 -12.00 21.40
CA ARG E 185 -16.14 -12.46 22.54
C ARG E 185 -16.83 -13.58 23.30
N PRO E 186 -16.04 -14.38 24.05
CA PRO E 186 -16.65 -15.39 24.91
C PRO E 186 -17.56 -14.72 25.92
N ASP E 187 -18.78 -15.23 26.05
CA ASP E 187 -19.80 -14.60 26.89
C ASP E 187 -20.46 -15.60 27.86
N PRO E 188 -19.83 -15.84 29.01
CA PRO E 188 -20.44 -16.74 29.98
C PRO E 188 -21.80 -16.29 30.52
N ARG E 189 -22.08 -14.98 30.49
CA ARG E 189 -23.37 -14.49 30.94
C ARG E 189 -24.50 -15.02 30.06
N ALA E 190 -24.33 -14.90 28.75
CA ALA E 190 -25.34 -15.39 27.81
C ALA E 190 -25.50 -16.91 27.90
N ALA E 191 -24.40 -17.61 28.16
CA ALA E 191 -24.43 -19.04 28.37
C ALA E 191 -25.29 -19.35 29.57
N ALA E 192 -25.13 -18.57 30.64
CA ALA E 192 -25.93 -18.72 31.85
C ALA E 192 -27.41 -18.58 31.55
N ASN E 193 -27.79 -17.53 30.81
CA ASN E 193 -29.17 -17.37 30.38
C ASN E 193 -29.72 -18.63 29.73
N VAL E 194 -28.91 -19.24 28.87
CA VAL E 194 -29.30 -20.46 28.16
C VAL E 194 -29.40 -21.63 29.12
N VAL E 195 -28.43 -21.78 30.01
CA VAL E 195 -28.48 -22.86 31.02
C VAL E 195 -29.74 -22.72 31.92
N GLU E 196 -30.11 -21.50 32.28
CA GLU E 196 -31.35 -21.22 33.03
C GLU E 196 -32.57 -21.77 32.31
N VAL E 197 -32.66 -21.50 31.01
CA VAL E 197 -33.77 -22.01 30.19
C VAL E 197 -33.76 -23.53 30.13
N LEU E 198 -32.56 -24.10 30.14
CA LEU E 198 -32.40 -25.54 30.08
C LEU E 198 -32.83 -26.19 31.41
N ASN E 199 -32.55 -25.52 32.53
CA ASN E 199 -33.06 -25.94 33.85
C ASN E 199 -34.58 -26.07 33.85
N LYS E 200 -35.27 -25.02 33.38
CA LYS E 200 -36.74 -25.04 33.32
C LYS E 200 -37.19 -26.18 32.40
N MET E 201 -36.56 -26.31 31.24
CA MET E 201 -36.97 -27.31 30.24
C MET E 201 -36.82 -28.74 30.71
N LEU E 202 -35.81 -29.02 31.52
CA LEU E 202 -35.48 -30.40 31.89
C LEU E 202 -35.50 -30.65 33.41
N GLY E 203 -35.86 -29.63 34.18
CA GLY E 203 -35.87 -29.70 35.64
C GLY E 203 -34.55 -30.12 36.24
N LEU E 204 -33.48 -29.38 35.93
CA LEU E 204 -32.12 -29.80 36.36
C LEU E 204 -31.56 -29.09 37.60
N ASN E 205 -32.08 -27.90 37.90
CA ASN E 205 -31.59 -27.12 39.04
C ASN E 205 -30.05 -27.02 39.17
N VAL E 206 -29.41 -26.59 38.09
CA VAL E 206 -27.98 -26.29 38.09
C VAL E 206 -27.81 -24.78 38.30
N SER E 207 -27.03 -24.42 39.30
CA SER E 207 -26.74 -23.03 39.57
C SER E 207 -25.83 -22.49 38.48
N VAL E 208 -26.23 -21.36 37.91
CA VAL E 208 -25.40 -20.61 36.97
C VAL E 208 -24.52 -19.57 37.67
N GLU E 209 -24.32 -19.69 38.98
CA GLU E 209 -23.49 -18.73 39.73
C GLU E 209 -22.03 -18.77 39.28
N PRO E 210 -21.43 -19.98 39.23
CA PRO E 210 -20.00 -20.08 38.86
C PRO E 210 -19.69 -19.43 37.50
N LEU E 211 -20.67 -19.48 36.61
CA LEU E 211 -20.60 -18.89 35.30
C LEU E 211 -20.60 -17.36 35.40
N LEU E 212 -21.56 -16.81 36.14
CA LEU E 212 -21.60 -15.36 36.38
C LEU E 212 -20.34 -14.85 37.14
N LYS E 213 -19.82 -15.69 38.05
CA LYS E 213 -18.60 -15.40 38.79
C LYS E 213 -17.40 -15.32 37.84
N GLU E 214 -17.31 -16.33 36.98
CA GLU E 214 -16.27 -16.43 35.96
C GLU E 214 -16.23 -15.16 35.09
N ALA E 215 -17.40 -14.67 34.68
CA ALA E 215 -17.49 -13.49 33.87
C ALA E 215 -16.98 -12.24 34.60
N GLU E 216 -17.31 -12.12 35.89
CA GLU E 216 -16.86 -10.99 36.68
C GLU E 216 -15.37 -11.03 36.82
N MET E 217 -14.83 -12.19 37.21
CA MET E 217 -13.38 -12.33 37.37
C MET E 217 -12.55 -12.03 36.14
N ILE E 218 -13.06 -12.38 34.96
CA ILE E 218 -12.41 -12.06 33.69
C ILE E 218 -12.37 -10.54 33.48
N GLU E 219 -13.52 -9.92 33.63
CA GLU E 219 -13.65 -8.47 33.49
C GLU E 219 -12.82 -7.69 34.52
N GLU E 220 -12.85 -8.13 35.79
CA GLU E 220 -12.01 -7.53 36.83
C GLU E 220 -10.53 -7.66 36.45
N GLN E 221 -10.10 -8.84 36.03
CA GLN E 221 -8.72 -9.05 35.59
C GLN E 221 -8.28 -8.14 34.46
N LEU E 222 -9.16 -7.98 33.45
CA LEU E 222 -8.88 -7.10 32.32
C LEU E 222 -8.67 -5.66 32.77
N ARG E 223 -9.64 -5.16 33.57
CA ARG E 223 -9.57 -3.80 34.09
C ARG E 223 -8.27 -3.58 34.86
N ARG E 224 -7.95 -4.55 35.72
CA ARG E 224 -6.78 -4.47 36.57
C ARG E 224 -5.48 -4.50 35.77
N MET E 225 -5.42 -5.34 34.73
CA MET E 225 -4.22 -5.42 33.89
C MET E 225 -4.04 -4.13 33.11
N HIS E 226 -5.12 -3.61 32.54
CA HIS E 226 -5.07 -2.34 31.84
C HIS E 226 -4.61 -1.19 32.77
N GLU E 227 -5.12 -1.17 34.02
CA GLU E 227 -4.69 -0.19 35.03
C GLU E 227 -3.18 -0.28 35.24
N GLN E 228 -2.69 -1.49 35.52
CA GLN E 228 -1.28 -1.67 35.82
C GLN E 228 -0.36 -1.35 34.65
N MET E 229 -0.81 -1.66 33.44
CA MET E 229 -0.08 -1.33 32.20
C MET E 229 0.11 0.18 32.08
N GLU E 230 -0.98 0.91 32.18
CA GLU E 230 -0.97 2.37 32.04
C GLU E 230 -0.22 3.07 33.19
N GLU E 231 -0.38 2.55 34.39
CA GLU E 231 0.36 3.03 35.55
C GLU E 231 1.87 2.78 35.39
N ALA E 232 2.23 1.64 34.82
CA ALA E 232 3.63 1.34 34.53
C ALA E 232 4.27 2.28 33.49
N ARG E 233 3.56 2.63 32.41
CA ARG E 233 4.16 3.55 31.43
C ARG E 233 4.26 4.98 31.96
N ARG E 234 3.26 5.42 32.75
CA ARG E 234 3.35 6.70 33.44
C ARG E 234 4.55 6.76 34.38
N LYS E 235 4.78 5.68 35.12
CA LYS E 235 5.96 5.62 35.99
C LYS E 235 7.24 5.74 35.17
N MET E 236 7.29 5.02 34.05
CA MET E 236 8.48 5.04 33.20
C MET E 236 8.75 6.42 32.58
N GLU E 237 7.68 7.11 32.15
CA GLU E 237 7.79 8.50 31.65
C GLU E 237 8.35 9.45 32.71
N ARG E 238 7.76 9.40 33.90
CA ARG E 238 8.20 10.21 35.06
C ARG E 238 9.68 9.90 35.37
N GLN E 239 10.05 8.63 35.27
CA GLN E 239 11.39 8.17 35.56
C GLN E 239 12.40 8.64 34.51
N TYR E 240 12.02 8.54 33.23
CA TYR E 240 12.83 9.04 32.11
C TYR E 240 13.09 10.56 32.29
N GLU E 241 12.03 11.32 32.60
CA GLU E 241 12.15 12.75 32.77
C GLU E 241 13.06 13.13 33.94
N THR E 242 12.90 12.48 35.11
CA THR E 242 13.74 12.84 36.27
C THR E 242 15.20 12.46 36.00
N MET E 243 15.43 11.37 35.27
CA MET E 243 16.79 10.92 34.95
C MET E 243 17.48 11.82 33.93
N TYR E 244 16.74 12.34 32.95
CA TYR E 244 17.36 12.87 31.74
C TYR E 244 17.09 14.34 31.39
N LEU E 245 15.99 14.93 31.90
CA LEU E 245 15.74 16.35 31.64
C LEU E 245 16.88 17.18 32.17
N LYS F 8 5.25 48.34 0.55
CA LYS F 8 3.84 47.90 0.84
C LYS F 8 3.57 46.60 0.08
N PRO F 9 3.13 45.54 0.77
CA PRO F 9 2.84 44.27 0.07
C PRO F 9 1.60 44.26 -0.83
N VAL F 10 0.60 45.07 -0.50
CA VAL F 10 -0.66 45.09 -1.19
C VAL F 10 -1.10 46.53 -1.49
N ASN F 11 -1.39 46.80 -2.77
CA ASN F 11 -1.93 48.06 -3.22
C ASN F 11 -3.31 47.86 -3.76
N LEU F 12 -4.23 48.63 -3.22
CA LEU F 12 -5.59 48.68 -3.71
C LEU F 12 -5.60 49.77 -4.77
N VAL F 13 -5.91 49.41 -6.01
CA VAL F 13 -6.08 50.36 -7.09
C VAL F 13 -7.57 50.48 -7.31
N LEU F 14 -8.16 51.50 -6.69
CA LEU F 14 -9.60 51.60 -6.59
C LEU F 14 -9.98 53.09 -6.36
N PRO F 15 -10.71 53.71 -7.33
CA PRO F 15 -11.22 55.06 -7.10
C PRO F 15 -12.14 55.14 -5.88
N GLU F 16 -12.18 56.31 -5.26
CA GLU F 16 -13.04 56.53 -4.10
C GLU F 16 -14.49 56.61 -4.58
N VAL F 17 -15.38 56.03 -3.80
CA VAL F 17 -16.80 56.00 -4.06
C VAL F 17 -17.43 56.35 -2.72
N GLU F 18 -17.92 57.57 -2.61
CA GLU F 18 -18.32 58.10 -1.33
C GLU F 18 -19.53 57.33 -0.84
N ASN F 19 -19.53 57.02 0.45
CA ASN F 19 -20.64 56.32 1.09
C ASN F 19 -20.96 54.98 0.43
N ALA F 20 -19.90 54.29 -0.03
CA ALA F 20 -20.03 53.04 -0.79
C ALA F 20 -20.73 51.94 -0.01
N ILE F 21 -21.56 51.19 -0.71
CA ILE F 21 -22.07 49.92 -0.24
C ILE F 21 -21.10 48.88 -0.83
N PHE F 22 -20.30 48.26 0.03
CA PHE F 22 -19.24 47.32 -0.37
C PHE F 22 -19.73 45.89 -0.15
N ILE F 23 -19.79 45.11 -1.23
CA ILE F 23 -20.18 43.70 -1.17
C ILE F 23 -19.02 42.81 -1.62
N GLU F 24 -18.64 41.84 -0.78
CA GLU F 24 -17.47 40.96 -1.03
C GLU F 24 -17.93 39.51 -1.16
N GLY F 25 -17.58 38.87 -2.27
CA GLY F 25 -17.90 37.43 -2.50
C GLY F 25 -16.68 36.67 -2.97
N TYR F 26 -15.78 36.39 -2.02
CA TYR F 26 -14.54 35.65 -2.32
C TYR F 26 -14.91 34.16 -2.36
N PRO F 27 -14.11 33.35 -3.10
CA PRO F 27 -14.44 31.93 -3.21
C PRO F 27 -14.52 31.23 -1.87
N GLY F 28 -15.38 30.24 -1.80
CA GLY F 28 -15.73 29.64 -0.53
C GLY F 28 -16.65 28.47 -0.79
N VAL F 29 -17.03 27.81 0.29
CA VAL F 29 -17.90 26.67 0.18
C VAL F 29 -19.10 26.94 -0.73
N GLY F 30 -19.36 26.02 -1.63
CA GLY F 30 -20.45 26.09 -2.57
C GLY F 30 -20.32 27.09 -3.70
N LEU F 31 -19.24 27.89 -3.67
CA LEU F 31 -19.18 29.15 -4.45
C LEU F 31 -20.41 30.06 -4.27
N VAL F 32 -21.04 30.00 -3.09
CA VAL F 32 -22.30 30.71 -2.81
C VAL F 32 -22.06 32.22 -2.91
N GLY F 33 -21.20 32.74 -2.04
CA GLY F 33 -20.77 34.13 -2.07
C GLY F 33 -20.34 34.56 -3.47
N HIS F 34 -19.51 33.73 -4.08
CA HIS F 34 -18.87 34.08 -5.32
C HIS F 34 -19.89 34.19 -6.45
N ILE F 35 -20.82 33.26 -6.51
CA ILE F 35 -21.85 33.27 -7.56
C ILE F 35 -22.78 34.44 -7.35
N ALA F 36 -23.20 34.64 -6.12
CA ALA F 36 -24.06 35.77 -5.74
C ALA F 36 -23.43 37.11 -6.15
N ALA F 37 -22.20 37.34 -5.72
CA ALA F 37 -21.52 38.59 -6.04
C ALA F 37 -21.37 38.78 -7.53
N ASN F 38 -21.04 37.71 -8.23
CA ASN F 38 -20.74 37.81 -9.66
C ASN F 38 -22.05 38.09 -10.40
N PHE F 39 -23.13 37.48 -9.94
CA PHE F 39 -24.44 37.66 -10.53
C PHE F 39 -24.91 39.11 -10.39
N LEU F 40 -24.83 39.64 -9.18
CA LEU F 40 -25.13 41.05 -8.96
C LEU F 40 -24.32 41.98 -9.82
N ALA F 41 -23.02 41.76 -9.92
CA ALA F 41 -22.19 42.62 -10.75
C ALA F 41 -22.68 42.63 -12.19
N LYS F 42 -23.06 41.45 -12.68
CA LYS F 42 -23.51 41.29 -14.07
C LYS F 42 -24.87 41.96 -14.28
N GLU F 43 -25.84 41.58 -13.45
CA GLU F 43 -27.21 42.08 -13.56
C GLU F 43 -27.36 43.58 -13.38
N LEU F 44 -26.49 44.20 -12.59
CA LEU F 44 -26.46 45.66 -12.45
C LEU F 44 -25.49 46.34 -13.43
N ASP F 45 -25.12 45.65 -14.51
CA ASP F 45 -24.22 46.20 -15.56
C ASP F 45 -23.09 47.03 -14.98
N MET F 46 -22.36 46.47 -14.02
CA MET F 46 -21.27 47.17 -13.35
C MET F 46 -20.05 47.21 -14.24
N ASP F 47 -19.19 48.19 -14.01
CA ASP F 47 -17.95 48.32 -14.75
C ASP F 47 -16.83 47.81 -13.86
N LEU F 48 -15.76 47.36 -14.49
CA LEU F 48 -14.54 47.03 -13.77
C LEU F 48 -13.90 48.35 -13.36
N ILE F 49 -13.89 48.65 -12.07
CA ILE F 49 -13.36 49.94 -11.59
C ILE F 49 -12.01 49.87 -10.91
N GLY F 50 -11.59 48.67 -10.51
CA GLY F 50 -10.29 48.53 -9.87
C GLY F 50 -9.88 47.09 -9.54
N TYR F 51 -8.77 46.97 -8.83
CA TYR F 51 -8.20 45.68 -8.54
C TYR F 51 -7.20 45.71 -7.41
N VAL F 52 -6.87 44.52 -6.90
CA VAL F 52 -5.82 44.36 -5.90
C VAL F 52 -4.56 43.96 -6.63
N ASP F 53 -3.45 44.58 -6.25
CA ASP F 53 -2.18 44.41 -6.90
C ASP F 53 -1.20 44.04 -5.82
N SER F 54 -0.50 42.93 -6.02
CA SER F 54 0.48 42.44 -5.09
C SER F 54 1.39 41.44 -5.73
N LEU F 55 2.68 41.53 -5.42
CA LEU F 55 3.65 40.54 -5.89
C LEU F 55 3.33 39.14 -5.43
N PHE F 56 2.56 39.02 -4.34
CA PHE F 56 2.23 37.72 -3.74
C PHE F 56 0.95 37.12 -4.28
N ILE F 57 0.26 37.83 -5.17
CA ILE F 57 -0.83 37.27 -5.94
C ILE F 57 -0.19 36.58 -7.14
N PRO F 58 -0.50 35.29 -7.34
CA PRO F 58 0.20 34.59 -8.39
C PRO F 58 -0.13 35.16 -9.75
N PRO F 59 0.86 35.15 -10.66
CA PRO F 59 0.72 35.77 -11.97
C PRO F 59 -0.35 35.07 -12.79
N MET F 60 -1.35 35.83 -13.22
CA MET F 60 -2.36 35.38 -14.15
C MET F 60 -3.19 36.54 -14.67
N SER F 61 -3.86 36.31 -15.80
CA SER F 61 -5.01 37.09 -16.20
C SER F 61 -6.17 36.14 -16.39
N LEU F 62 -7.31 36.55 -15.89
CA LEU F 62 -8.58 35.96 -16.27
C LEU F 62 -9.02 36.68 -17.53
N ILE F 63 -9.68 35.95 -18.42
CA ILE F 63 -10.25 36.55 -19.60
C ILE F 63 -11.76 36.46 -19.41
N LEU F 64 -12.44 37.60 -19.38
CA LEU F 64 -13.92 37.66 -19.24
C LEU F 64 -14.52 38.51 -20.33
N GLU F 65 -15.39 37.93 -21.16
CA GLU F 65 -15.91 38.62 -22.36
C GLU F 65 -14.76 39.20 -23.20
N GLY F 66 -13.69 38.42 -23.40
CA GLY F 66 -12.53 38.87 -24.15
C GLY F 66 -11.75 40.07 -23.60
N ARG F 67 -11.91 40.39 -22.31
CA ARG F 67 -11.09 41.40 -21.66
C ARG F 67 -10.21 40.78 -20.57
N PRO F 68 -8.90 41.02 -20.63
CA PRO F 68 -8.03 40.58 -19.54
C PRO F 68 -8.42 41.27 -18.25
N THR F 69 -8.63 40.50 -17.18
CA THR F 69 -8.87 41.09 -15.87
C THR F 69 -8.00 40.39 -14.80
N PRO F 70 -7.62 41.10 -13.73
CA PRO F 70 -6.86 40.46 -12.66
C PRO F 70 -7.70 39.55 -11.81
N PRO F 71 -7.07 38.64 -11.08
CA PRO F 71 -7.83 37.66 -10.29
C PRO F 71 -8.60 38.24 -9.10
N LEU F 72 -8.13 39.35 -8.53
CA LEU F 72 -8.84 40.06 -7.47
C LEU F 72 -9.24 41.42 -8.02
N ARG F 73 -10.53 41.64 -8.16
CA ARG F 73 -11.00 42.87 -8.79
C ARG F 73 -12.25 43.43 -8.14
N PHE F 74 -12.54 44.68 -8.50
CA PHE F 74 -13.68 45.41 -8.00
C PHE F 74 -14.56 45.88 -9.16
N TYR F 75 -15.86 45.62 -9.03
CA TYR F 75 -16.88 46.10 -9.96
C TYR F 75 -17.70 47.20 -9.28
N GLY F 76 -18.16 48.16 -10.07
CA GLY F 76 -18.94 49.27 -9.53
C GLY F 76 -20.04 49.78 -10.45
N LYS F 77 -21.13 50.24 -9.81
CA LYS F 77 -22.14 51.08 -10.44
C LYS F 77 -22.60 52.04 -9.37
N ASN F 78 -22.38 53.33 -9.62
CA ASN F 78 -22.71 54.43 -8.70
C ASN F 78 -23.09 54.03 -7.28
N ASN F 79 -22.13 54.02 -6.38
CA ASN F 79 -22.37 53.76 -4.91
C ASN F 79 -22.27 52.30 -4.42
N ILE F 80 -22.48 51.32 -5.30
CA ILE F 80 -22.21 49.91 -4.96
C ILE F 80 -20.86 49.48 -5.54
N ILE F 81 -20.01 48.93 -4.67
CA ILE F 81 -18.78 48.22 -5.08
C ILE F 81 -18.96 46.72 -4.80
N ILE F 82 -18.61 45.89 -5.78
CA ILE F 82 -18.59 44.44 -5.58
C ILE F 82 -17.18 43.91 -5.76
N ALA F 83 -16.68 43.23 -4.71
CA ALA F 83 -15.33 42.66 -4.69
C ALA F 83 -15.38 41.16 -5.00
N ILE F 84 -14.63 40.77 -6.03
CA ILE F 84 -14.57 39.40 -6.55
C ILE F 84 -13.12 38.92 -6.53
N ALA F 85 -12.94 37.63 -6.23
CA ALA F 85 -11.66 36.96 -6.38
C ALA F 85 -11.86 35.60 -7.06
N ASP F 86 -10.92 35.19 -7.89
CA ASP F 86 -10.97 33.85 -8.51
C ASP F 86 -9.97 32.83 -7.95
N ILE F 87 -9.30 33.17 -6.85
CA ILE F 87 -8.33 32.29 -6.25
C ILE F 87 -8.45 32.33 -4.75
N PHE F 88 -8.11 31.23 -4.11
CA PHE F 88 -7.97 31.21 -2.66
C PHE F 88 -6.62 31.83 -2.42
N LEU F 89 -6.43 32.38 -1.23
CA LEU F 89 -5.19 33.08 -0.92
C LEU F 89 -4.70 32.66 0.44
N PRO F 90 -3.38 32.70 0.65
CA PRO F 90 -2.87 32.34 1.98
C PRO F 90 -3.28 33.35 3.07
N PRO F 91 -3.44 32.87 4.32
CA PRO F 91 -4.01 33.67 5.40
C PRO F 91 -3.38 35.04 5.62
N THR F 92 -2.11 35.12 5.67
CA THR F 92 -1.45 36.41 5.93
C THR F 92 -1.74 37.44 4.84
N LEU F 93 -1.81 36.99 3.59
CA LEU F 93 -2.12 37.90 2.47
C LEU F 93 -3.57 38.39 2.56
N VAL F 94 -4.49 37.47 2.86
CA VAL F 94 -5.88 37.82 3.15
C VAL F 94 -5.95 38.94 4.19
N ASN F 95 -5.21 38.79 5.28
CA ASN F 95 -5.21 39.81 6.34
C ASN F 95 -4.70 41.15 5.82
N GLU F 96 -3.64 41.13 5.02
CA GLU F 96 -3.10 42.35 4.42
C GLU F 96 -4.08 43.01 3.46
N ILE F 97 -4.79 42.20 2.68
CA ILE F 97 -5.80 42.74 1.79
C ILE F 97 -6.95 43.34 2.61
N ALA F 98 -7.37 42.65 3.65
CA ALA F 98 -8.44 43.14 4.52
C ALA F 98 -8.09 44.51 5.12
N LYS F 99 -6.85 44.67 5.53
CA LYS F 99 -6.36 45.94 6.08
C LYS F 99 -6.56 47.06 5.07
N GLU F 100 -6.08 46.85 3.85
CA GLU F 100 -6.21 47.85 2.79
C GLU F 100 -7.66 48.16 2.44
N ILE F 101 -8.50 47.13 2.44
CA ILE F 101 -9.91 47.32 2.12
C ILE F 101 -10.58 48.16 3.19
N VAL F 102 -10.33 47.86 4.46
CA VAL F 102 -10.93 48.61 5.56
C VAL F 102 -10.44 50.06 5.59
N ASN F 103 -9.16 50.30 5.33
CA ASN F 103 -8.62 51.66 5.17
C ASN F 103 -9.41 52.41 4.12
N TYR F 104 -9.64 51.78 2.98
CA TYR F 104 -10.39 52.41 1.90
C TYR F 104 -11.83 52.72 2.32
N LEU F 105 -12.46 51.79 3.04
CA LEU F 105 -13.84 51.97 3.47
C LEU F 105 -14.02 53.04 4.55
N LYS F 106 -13.05 53.19 5.46
CA LYS F 106 -13.01 54.36 6.38
C LYS F 106 -12.89 55.65 5.57
N LYS F 107 -11.89 55.73 4.71
CA LYS F 107 -11.65 56.90 3.86
C LYS F 107 -12.91 57.44 3.23
N VAL F 108 -13.71 56.54 2.65
CA VAL F 108 -14.89 56.90 1.86
C VAL F 108 -16.21 56.88 2.65
N ASN F 109 -16.12 56.66 3.97
CA ASN F 109 -17.29 56.62 4.86
C ASN F 109 -18.34 55.67 4.32
N ALA F 110 -17.94 54.43 4.11
CA ALA F 110 -18.81 53.42 3.53
C ALA F 110 -20.04 53.24 4.40
N GLU F 111 -21.18 53.10 3.73
CA GLU F 111 -22.46 53.01 4.38
C GLU F 111 -22.65 51.58 4.93
N LYS F 112 -22.35 50.60 4.09
CA LYS F 112 -22.47 49.17 4.45
C LYS F 112 -21.30 48.35 3.91
N VAL F 113 -20.90 47.35 4.71
CA VAL F 113 -19.86 46.39 4.37
C VAL F 113 -20.47 45.00 4.50
N ILE F 114 -20.75 44.38 3.36
CA ILE F 114 -21.50 43.12 3.33
C ILE F 114 -20.64 42.02 2.73
N SER F 115 -20.45 40.93 3.46
CA SER F 115 -19.69 39.79 2.97
C SER F 115 -20.67 38.68 2.63
N LEU F 116 -20.49 38.07 1.46
CA LEU F 116 -21.31 36.96 1.02
C LEU F 116 -20.57 35.64 1.14
N ALA F 117 -21.22 34.65 1.74
CA ALA F 117 -20.58 33.40 2.09
C ALA F 117 -21.56 32.24 2.01
N GLY F 118 -21.02 31.05 2.23
CA GLY F 118 -21.74 29.81 2.16
C GLY F 118 -21.55 29.09 3.49
N MET F 119 -22.46 28.18 3.79
CA MET F 119 -22.36 27.36 4.96
C MET F 119 -22.63 25.94 4.48
N GLY F 120 -21.58 25.11 4.48
CA GLY F 120 -21.68 23.72 4.03
C GLY F 120 -22.44 22.95 5.10
N ILE F 121 -23.57 22.38 4.72
CA ILE F 121 -24.51 21.89 5.73
C ILE F 121 -25.32 20.75 5.17
N GLY F 122 -24.66 19.58 5.16
CA GLY F 122 -25.29 18.32 4.90
C GLY F 122 -25.92 18.16 3.53
N PHE F 123 -26.64 17.05 3.38
CA PHE F 123 -27.37 16.77 2.14
C PHE F 123 -28.87 16.66 2.34
N PHE F 124 -29.28 15.98 3.41
CA PHE F 124 -30.68 15.64 3.63
C PHE F 124 -31.38 16.71 4.47
N LYS F 125 -31.28 17.98 4.07
CA LYS F 125 -32.07 19.07 4.62
C LYS F 125 -33.12 19.50 3.59
N ASP F 126 -34.37 19.68 4.03
CA ASP F 126 -35.51 20.07 3.17
C ASP F 126 -35.29 21.40 2.46
N THR F 127 -35.14 22.48 3.24
CA THR F 127 -34.85 23.82 2.69
C THR F 127 -33.47 24.30 3.09
N PHE F 128 -32.92 25.16 2.24
CA PHE F 128 -31.65 25.82 2.48
C PHE F 128 -31.93 27.24 2.90
N GLU F 129 -31.53 27.58 4.12
CA GLU F 129 -31.79 28.88 4.71
C GLU F 129 -30.65 29.83 4.31
N VAL F 130 -30.78 31.07 4.74
CA VAL F 130 -29.71 32.04 4.76
C VAL F 130 -29.53 32.53 6.18
N TRP F 131 -28.34 32.38 6.74
CA TRP F 131 -28.02 32.93 8.05
C TRP F 131 -27.33 34.27 7.89
N GLY F 132 -27.21 34.97 9.00
CA GLY F 132 -26.64 36.31 9.01
C GLY F 132 -25.95 36.63 10.32
N ILE F 133 -25.08 37.62 10.28
CA ILE F 133 -24.49 38.16 11.49
C ILE F 133 -24.09 39.57 11.18
N GLY F 134 -24.19 40.43 12.20
CA GLY F 134 -23.92 41.85 12.06
C GLY F 134 -22.79 42.28 12.98
N GLY F 135 -22.16 43.39 12.60
CA GLY F 135 -21.06 43.95 13.37
C GLY F 135 -21.43 44.30 14.80
N SER F 136 -22.66 44.75 14.99
CA SER F 136 -23.19 45.14 16.29
C SER F 136 -24.63 44.68 16.36
N GLU F 137 -25.27 44.88 17.51
CA GLU F 137 -26.66 44.47 17.70
C GLU F 137 -27.62 45.21 16.74
N GLU F 138 -27.26 46.45 16.37
CA GLU F 138 -28.06 47.23 15.42
C GLU F 138 -28.22 46.51 14.07
N GLU F 139 -27.11 45.98 13.56
CA GLU F 139 -27.13 45.28 12.28
C GLU F 139 -27.77 43.90 12.38
N ASN F 140 -27.57 43.23 13.53
CA ASN F 140 -28.31 41.99 13.82
C ASN F 140 -29.82 42.22 13.75
N LYS F 141 -30.28 43.34 14.32
CA LYS F 141 -31.70 43.71 14.27
C LYS F 141 -32.19 43.89 12.84
N GLU F 142 -31.43 44.64 12.03
CA GLU F 142 -31.80 44.81 10.60
C GLU F 142 -32.00 43.49 9.89
N LEU F 143 -31.08 42.57 10.11
CA LEU F 143 -31.12 41.28 9.45
C LEU F 143 -32.30 40.47 9.93
N GLU F 144 -32.61 40.59 11.22
CA GLU F 144 -33.80 39.93 11.81
C GLU F 144 -35.07 40.44 11.13
N SER F 145 -35.14 41.76 10.96
CA SER F 145 -36.29 42.39 10.31
C SER F 145 -36.41 42.12 8.81
N LEU F 146 -35.44 41.45 8.19
CA LEU F 146 -35.62 40.90 6.83
C LEU F 146 -35.79 39.37 6.93
N GLY F 147 -36.15 38.88 8.13
CA GLY F 147 -36.34 37.45 8.38
C GLY F 147 -35.15 36.55 8.09
N VAL F 148 -33.95 37.05 8.40
CA VAL F 148 -32.72 36.28 8.31
C VAL F 148 -32.44 35.78 9.71
N LYS F 149 -32.17 34.49 9.85
CA LYS F 149 -31.78 33.91 11.14
C LYS F 149 -30.41 34.45 11.54
N ILE F 150 -30.29 34.93 12.78
CA ILE F 150 -28.99 35.33 13.30
C ILE F 150 -28.24 34.13 13.83
N LEU F 151 -26.97 34.06 13.45
CA LEU F 151 -26.06 33.01 13.85
C LEU F 151 -25.65 33.27 15.29
N LYS F 152 -25.85 32.29 16.18
CA LYS F 152 -25.59 32.49 17.61
C LYS F 152 -24.15 32.14 17.95
N TYR F 153 -23.73 30.97 17.48
CA TYR F 153 -22.40 30.45 17.71
C TYR F 153 -21.82 29.91 16.41
N GLY F 154 -20.50 30.08 16.25
CA GLY F 154 -19.81 29.57 15.09
C GLY F 154 -18.51 30.31 14.82
N SER F 155 -17.87 29.98 13.70
CA SER F 155 -16.77 30.79 13.23
C SER F 155 -16.93 30.99 11.76
N ILE F 156 -16.45 32.14 11.31
CA ILE F 156 -16.46 32.51 9.93
C ILE F 156 -15.03 32.84 9.64
N THR F 157 -14.42 31.99 8.81
CA THR F 157 -12.99 32.12 8.48
C THR F 157 -12.85 32.89 7.19
N GLY F 158 -11.64 33.32 6.90
CA GLY F 158 -11.37 33.97 5.63
C GLY F 158 -11.76 35.41 5.59
N MET F 159 -11.77 35.98 4.41
CA MET F 159 -11.99 37.40 4.22
C MET F 159 -13.28 37.88 4.91
N SER F 160 -14.33 37.08 4.80
CA SER F 160 -15.62 37.44 5.37
C SER F 160 -15.52 37.67 6.86
N GLY F 161 -14.94 36.70 7.55
CA GLY F 161 -14.72 36.79 8.98
C GLY F 161 -13.85 37.96 9.41
N LYS F 162 -12.81 38.23 8.64
CA LYS F 162 -11.91 39.32 8.99
C LYS F 162 -12.60 40.65 8.75
N LEU F 163 -13.26 40.82 7.60
CA LEU F 163 -13.95 42.08 7.30
C LEU F 163 -15.05 42.37 8.32
N LEU F 164 -15.79 41.34 8.69
CA LEU F 164 -16.84 41.49 9.69
C LEU F 164 -16.30 42.20 10.92
N TRP F 165 -15.21 41.67 11.48
CA TRP F 165 -14.60 42.21 12.67
C TRP F 165 -13.96 43.59 12.42
N GLU F 166 -13.06 43.65 11.44
CA GLU F 166 -12.27 44.85 11.17
C GLU F 166 -13.09 46.06 10.81
N ALA F 167 -14.09 45.85 9.95
CA ALA F 167 -14.95 46.94 9.50
C ALA F 167 -15.82 47.45 10.66
N SER F 168 -16.38 46.55 11.48
CA SER F 168 -17.16 46.97 12.65
C SER F 168 -16.27 47.71 13.67
N ARG F 169 -15.07 47.21 13.91
CA ARG F 169 -14.11 47.88 14.79
C ARG F 169 -13.70 49.27 14.33
N ALA F 170 -13.81 49.55 13.05
CA ALA F 170 -13.56 50.88 12.49
C ALA F 170 -14.84 51.72 12.41
N GLY F 171 -15.92 51.30 13.08
CA GLY F 171 -17.16 52.04 13.11
C GLY F 171 -18.03 51.95 11.87
N LEU F 172 -17.83 50.93 11.04
CA LEU F 172 -18.66 50.74 9.83
C LEU F 172 -19.73 49.72 10.12
N LYS F 173 -20.85 49.82 9.40
CA LYS F 173 -21.94 48.88 9.56
C LYS F 173 -21.55 47.67 8.71
N SER F 174 -21.35 46.52 9.35
CA SER F 174 -20.85 45.35 8.65
C SER F 174 -21.72 44.13 8.86
N TYR F 175 -21.82 43.30 7.83
CA TYR F 175 -22.68 42.13 7.85
C TYR F 175 -22.02 40.99 7.11
N VAL F 176 -22.43 39.77 7.45
CA VAL F 176 -22.16 38.61 6.63
C VAL F 176 -23.44 37.83 6.40
N LEU F 177 -23.69 37.46 5.16
CA LEU F 177 -24.77 36.55 4.81
C LEU F 177 -24.18 35.22 4.41
N LEU F 178 -24.75 34.14 4.94
CA LEU F 178 -24.27 32.79 4.69
C LEU F 178 -25.39 31.94 4.13
N GLY F 179 -25.30 31.58 2.86
CA GLY F 179 -26.28 30.69 2.26
C GLY F 179 -25.94 29.25 2.59
N GLU F 180 -26.86 28.55 3.25
CA GLU F 180 -26.74 27.09 3.40
C GLU F 180 -26.62 26.42 2.04
N THR F 181 -25.71 25.46 1.94
CA THR F 181 -25.51 24.68 0.71
C THR F 181 -25.00 23.27 1.08
N PHE F 182 -24.93 22.40 0.07
CA PHE F 182 -24.49 21.01 0.24
C PHE F 182 -23.09 20.97 0.84
N GLY F 183 -22.20 21.74 0.23
CA GLY F 183 -20.83 21.90 0.74
C GLY F 183 -19.75 21.32 -0.16
N ASP F 184 -20.14 20.76 -1.30
CA ASP F 184 -19.27 19.99 -2.16
C ASP F 184 -19.36 20.35 -3.65
N ARG F 185 -20.07 21.42 -4.02
CA ARG F 185 -20.31 21.73 -5.44
C ARG F 185 -20.78 23.16 -5.63
N PRO F 186 -20.61 23.71 -6.84
CA PRO F 186 -21.16 25.04 -7.13
C PRO F 186 -22.67 25.00 -6.99
N ASP F 187 -23.23 25.95 -6.26
CA ASP F 187 -24.65 25.95 -5.92
C ASP F 187 -25.34 27.28 -6.25
N PRO F 188 -25.75 27.47 -7.50
CA PRO F 188 -26.45 28.72 -7.84
C PRO F 188 -27.77 28.94 -7.09
N ARG F 189 -28.41 27.88 -6.61
CA ARG F 189 -29.64 28.02 -5.87
C ARG F 189 -29.39 28.75 -4.57
N ALA F 190 -28.39 28.32 -3.81
CA ALA F 190 -28.05 28.98 -2.55
C ALA F 190 -27.60 30.43 -2.77
N ALA F 191 -26.92 30.68 -3.88
CA ALA F 191 -26.52 32.03 -4.26
C ALA F 191 -27.77 32.88 -4.45
N ALA F 192 -28.77 32.31 -5.12
CA ALA F 192 -30.04 32.99 -5.33
C ALA F 192 -30.69 33.38 -4.00
N ASN F 193 -30.77 32.44 -3.07
CA ASN F 193 -31.26 32.75 -1.72
C ASN F 193 -30.59 33.98 -1.13
N VAL F 194 -29.27 34.05 -1.28
CA VAL F 194 -28.48 35.15 -0.76
C VAL F 194 -28.79 36.45 -1.52
N VAL F 195 -28.85 36.37 -2.85
CA VAL F 195 -29.21 37.55 -3.66
C VAL F 195 -30.61 38.10 -3.29
N GLU F 196 -31.56 37.20 -3.01
CA GLU F 196 -32.91 37.59 -2.53
C GLU F 196 -32.83 38.42 -1.26
N VAL F 197 -32.02 37.96 -0.30
CA VAL F 197 -31.83 38.71 0.95
C VAL F 197 -31.17 40.06 0.69
N LEU F 198 -30.31 40.10 -0.29
CA LEU F 198 -29.60 41.32 -0.65
C LEU F 198 -30.56 42.32 -1.31
N ASN F 199 -31.49 41.83 -2.12
CA ASN F 199 -32.59 42.65 -2.67
C ASN F 199 -33.38 43.37 -1.58
N LYS F 200 -33.82 42.60 -0.57
CA LYS F 200 -34.56 43.18 0.55
C LYS F 200 -33.69 44.21 1.27
N MET F 201 -32.44 43.87 1.52
CA MET F 201 -31.52 44.72 2.30
C MET F 201 -31.23 46.05 1.62
N LEU F 202 -31.17 46.06 0.29
CA LEU F 202 -30.71 47.25 -0.45
C LEU F 202 -31.76 47.78 -1.44
N GLY F 203 -32.93 47.14 -1.50
CA GLY F 203 -33.98 47.49 -2.43
C GLY F 203 -33.54 47.46 -3.88
N LEU F 204 -33.01 46.33 -4.35
CA LEU F 204 -32.43 46.27 -5.69
C LEU F 204 -33.29 45.64 -6.77
N ASN F 205 -34.28 44.83 -6.38
CA ASN F 205 -35.14 44.17 -7.36
C ASN F 205 -34.42 43.52 -8.55
N VAL F 206 -33.44 42.66 -8.24
CA VAL F 206 -32.77 41.84 -9.24
C VAL F 206 -33.43 40.47 -9.23
N SER F 207 -33.87 40.04 -10.40
CA SER F 207 -34.48 38.72 -10.53
C SER F 207 -33.39 37.66 -10.39
N VAL F 208 -33.65 36.70 -9.50
CA VAL F 208 -32.81 35.52 -9.38
C VAL F 208 -33.26 34.37 -10.29
N GLU F 209 -34.09 34.66 -11.30
CA GLU F 209 -34.57 33.62 -12.23
C GLU F 209 -33.42 33.04 -13.04
N PRO F 210 -32.58 33.88 -13.68
CA PRO F 210 -31.49 33.34 -14.51
C PRO F 210 -30.57 32.37 -13.77
N LEU F 211 -30.41 32.62 -12.47
CA LEU F 211 -29.63 31.80 -11.58
C LEU F 211 -30.31 30.44 -11.38
N LEU F 212 -31.59 30.45 -11.04
CA LEU F 212 -32.37 29.21 -10.89
C LEU F 212 -32.47 28.43 -12.23
N LYS F 213 -32.53 29.15 -13.34
CA LYS F 213 -32.54 28.59 -14.70
C LYS F 213 -31.23 27.88 -14.97
N GLU F 214 -30.14 28.57 -14.68
CA GLU F 214 -28.78 28.06 -14.83
C GLU F 214 -28.61 26.73 -14.09
N ALA F 215 -29.12 26.65 -12.87
CA ALA F 215 -29.04 25.45 -12.07
C ALA F 215 -29.81 24.28 -12.70
N GLU F 216 -30.99 24.57 -13.25
CA GLU F 216 -31.80 23.54 -13.90
C GLU F 216 -31.08 23.04 -15.14
N MET F 217 -30.61 23.96 -15.98
CA MET F 217 -29.90 23.58 -17.20
C MET F 217 -28.64 22.73 -16.97
N ILE F 218 -27.91 23.00 -15.90
CA ILE F 218 -26.74 22.21 -15.51
C ILE F 218 -27.16 20.79 -15.14
N GLU F 219 -28.17 20.70 -14.27
CA GLU F 219 -28.71 19.42 -13.82
C GLU F 219 -29.34 18.61 -14.97
N GLU F 220 -30.10 19.27 -15.84
CA GLU F 220 -30.63 18.62 -17.05
C GLU F 220 -29.51 18.09 -17.93
N GLN F 221 -28.49 18.90 -18.17
CA GLN F 221 -27.31 18.47 -18.94
C GLN F 221 -26.60 17.26 -18.35
N LEU F 222 -26.42 17.25 -17.03
CA LEU F 222 -25.80 16.13 -16.33
C LEU F 222 -26.60 14.85 -16.52
N ARG F 223 -27.90 14.92 -16.26
CA ARG F 223 -28.81 13.78 -16.41
C ARG F 223 -28.73 13.24 -17.83
N ARG F 224 -28.78 14.15 -18.80
CA ARG F 224 -28.77 13.80 -20.22
C ARG F 224 -27.45 13.16 -20.64
N MET F 225 -26.33 13.68 -20.13
CA MET F 225 -25.01 13.12 -20.46
C MET F 225 -24.87 11.74 -19.85
N HIS F 226 -25.28 11.59 -18.60
CA HIS F 226 -25.26 10.28 -17.94
C HIS F 226 -26.15 9.27 -18.69
N GLU F 227 -27.32 9.68 -19.15
CA GLU F 227 -28.22 8.84 -19.98
C GLU F 227 -27.48 8.37 -21.22
N GLN F 228 -26.91 9.31 -21.96
CA GLN F 228 -26.25 8.96 -23.21
C GLN F 228 -25.01 8.09 -23.02
N MET F 229 -24.28 8.31 -21.95
CA MET F 229 -23.13 7.48 -21.57
C MET F 229 -23.55 6.03 -21.35
N GLU F 230 -24.55 5.83 -20.51
CA GLU F 230 -25.04 4.50 -20.16
C GLU F 230 -25.72 3.80 -21.33
N GLU F 231 -26.45 4.56 -22.13
CA GLU F 231 -27.06 4.05 -23.35
C GLU F 231 -25.99 3.64 -24.36
N ALA F 232 -24.91 4.39 -24.44
CA ALA F 232 -23.78 4.05 -25.31
C ALA F 232 -23.06 2.75 -24.90
N ARG F 233 -22.84 2.51 -23.60
CA ARG F 233 -22.17 1.26 -23.21
C ARG F 233 -23.08 0.04 -23.37
N ARG F 234 -24.38 0.20 -23.10
CA ARG F 234 -25.37 -0.84 -23.39
C ARG F 234 -25.38 -1.20 -24.87
N LYS F 235 -25.34 -0.19 -25.75
CA LYS F 235 -25.28 -0.46 -27.18
C LYS F 235 -24.01 -1.23 -27.53
N MET F 236 -22.88 -0.82 -26.96
CA MET F 236 -21.62 -1.48 -27.24
C MET F 236 -21.58 -2.93 -26.76
N GLU F 237 -22.16 -3.20 -25.57
CA GLU F 237 -22.30 -4.58 -25.06
C GLU F 237 -23.13 -5.44 -25.98
N ARG F 238 -24.32 -4.95 -26.38
CA ARG F 238 -25.20 -5.64 -27.32
C ARG F 238 -24.46 -5.91 -28.64
N GLN F 239 -23.67 -4.95 -29.07
CA GLN F 239 -22.92 -5.02 -30.32
C GLN F 239 -21.78 -6.06 -30.23
N TYR F 240 -21.05 -6.05 -29.12
CA TYR F 240 -20.01 -7.04 -28.82
C TYR F 240 -20.61 -8.47 -28.84
N GLU F 241 -21.74 -8.65 -28.16
CA GLU F 241 -22.40 -9.94 -28.07
C GLU F 241 -22.87 -10.44 -29.44
N THR F 242 -23.52 -9.60 -30.25
CA THR F 242 -24.01 -10.06 -31.56
C THR F 242 -22.81 -10.39 -32.48
N MET F 243 -21.72 -9.64 -32.36
CA MET F 243 -20.53 -9.88 -33.17
C MET F 243 -19.77 -11.15 -32.78
N TYR F 244 -19.71 -11.46 -31.49
CA TYR F 244 -18.71 -12.40 -30.98
C TYR F 244 -19.21 -13.63 -30.23
N LEU F 245 -20.44 -13.61 -29.70
CA LEU F 245 -20.99 -14.83 -29.07
C LEU F 245 -21.04 -15.95 -30.09
N LYS G 8 17.58 45.14 -4.95
CA LYS G 8 16.64 44.72 -6.02
C LYS G 8 16.82 43.21 -6.26
N PRO G 9 15.72 42.43 -6.21
CA PRO G 9 15.81 41.00 -6.44
C PRO G 9 16.11 40.55 -7.88
N VAL G 10 15.70 41.34 -8.86
CA VAL G 10 15.83 40.98 -10.27
C VAL G 10 16.38 42.16 -11.08
N ASN G 11 17.48 41.90 -11.81
CA ASN G 11 18.07 42.87 -12.69
C ASN G 11 17.98 42.37 -14.11
N LEU G 12 17.38 43.22 -14.95
CA LEU G 12 17.31 42.98 -16.35
C LEU G 12 18.58 43.60 -16.95
N VAL G 13 19.41 42.79 -17.56
CA VAL G 13 20.58 43.25 -18.28
C VAL G 13 20.22 43.16 -19.75
N LEU G 14 19.79 44.30 -20.30
CA LEU G 14 19.22 44.33 -21.62
C LEU G 14 19.37 45.75 -22.23
N PRO G 15 20.14 45.90 -23.32
CA PRO G 15 20.19 47.16 -24.04
C PRO G 15 18.82 47.64 -24.51
N GLU G 16 18.66 48.97 -24.57
CA GLU G 16 17.41 49.56 -25.04
C GLU G 16 17.31 49.34 -26.55
N VAL G 17 16.10 49.04 -27.01
CA VAL G 17 15.78 48.82 -28.40
C VAL G 17 14.51 49.61 -28.62
N GLU G 18 14.62 50.74 -29.29
CA GLU G 18 13.52 51.69 -29.37
C GLU G 18 12.40 51.07 -30.16
N ASN G 19 11.18 51.26 -29.68
CA ASN G 19 9.97 50.77 -30.35
C ASN G 19 10.00 49.25 -30.58
N ALA G 20 10.58 48.53 -29.61
CA ALA G 20 10.79 47.09 -29.70
C ALA G 20 9.50 46.31 -29.87
N ILE G 21 9.57 45.28 -30.70
CA ILE G 21 8.54 44.25 -30.74
C ILE G 21 9.08 43.15 -29.82
N PHE G 22 8.41 42.97 -28.67
CA PHE G 22 8.86 42.02 -27.64
C PHE G 22 8.01 40.75 -27.72
N ILE G 23 8.68 39.62 -27.96
CA ILE G 23 8.02 38.31 -28.00
C ILE G 23 8.56 37.42 -26.87
N GLU G 24 7.65 36.86 -26.07
CA GLU G 24 8.03 36.04 -24.89
C GLU G 24 7.50 34.62 -25.03
N GLY G 25 8.37 33.62 -24.95
CA GLY G 25 7.99 32.20 -25.01
C GLY G 25 8.61 31.41 -23.86
N TYR G 26 8.03 31.58 -22.67
CA TYR G 26 8.50 30.86 -21.48
C TYR G 26 7.93 29.44 -21.53
N PRO G 27 8.59 28.48 -20.87
CA PRO G 27 8.11 27.10 -20.90
C PRO G 27 6.69 26.97 -20.39
N GLY G 28 5.98 26.01 -20.95
CA GLY G 28 4.55 25.91 -20.70
C GLY G 28 4.03 24.68 -21.39
N VAL G 29 2.73 24.48 -21.29
CA VAL G 29 2.13 23.30 -21.88
C VAL G 29 2.57 23.13 -23.32
N GLY G 30 2.94 21.91 -23.65
CA GLY G 30 3.36 21.55 -24.99
C GLY G 30 4.72 22.04 -25.44
N LEU G 31 5.38 22.85 -24.60
CA LEU G 31 6.49 23.72 -25.03
C LEU G 31 6.17 24.55 -26.32
N VAL G 32 4.89 24.90 -26.50
CA VAL G 32 4.42 25.57 -27.72
C VAL G 32 5.10 26.93 -27.86
N GLY G 33 4.83 27.81 -26.88
CA GLY G 33 5.48 29.11 -26.80
C GLY G 33 6.99 28.99 -26.96
N HIS G 34 7.56 28.06 -26.22
CA HIS G 34 8.99 27.95 -26.09
C HIS G 34 9.63 27.53 -27.43
N ILE G 35 9.01 26.59 -28.11
CA ILE G 35 9.54 26.11 -29.38
C ILE G 35 9.39 27.21 -30.44
N ALA G 36 8.23 27.84 -30.47
CA ALA G 36 7.97 28.96 -31.37
C ALA G 36 8.99 30.07 -31.21
N ALA G 37 9.16 30.55 -29.99
CA ALA G 37 10.09 31.63 -29.72
C ALA G 37 11.51 31.24 -30.10
N ASN G 38 11.89 30.01 -29.80
CA ASN G 38 13.26 29.57 -30.01
C ASN G 38 13.51 29.45 -31.52
N PHE G 39 12.50 28.98 -32.24
CA PHE G 39 12.58 28.83 -33.68
C PHE G 39 12.76 30.17 -34.37
N LEU G 40 11.92 31.14 -34.01
CA LEU G 40 12.07 32.50 -34.53
C LEU G 40 13.44 33.09 -34.24
N ALA G 41 13.94 32.94 -33.03
CA ALA G 41 15.24 33.48 -32.71
C ALA G 41 16.31 32.88 -33.63
N LYS G 42 16.22 31.59 -33.89
CA LYS G 42 17.20 30.86 -34.70
C LYS G 42 17.09 31.31 -36.18
N GLU G 43 15.88 31.22 -36.73
CA GLU G 43 15.64 31.50 -38.13
C GLU G 43 15.91 32.96 -38.54
N LEU G 44 15.75 33.89 -37.60
CA LEU G 44 16.11 35.29 -37.84
C LEU G 44 17.55 35.61 -37.40
N ASP G 45 18.41 34.60 -37.25
CA ASP G 45 19.83 34.77 -36.87
C ASP G 45 20.03 35.86 -35.82
N MET G 46 19.28 35.76 -34.71
CA MET G 46 19.33 36.76 -33.65
C MET G 46 20.58 36.56 -32.82
N ASP G 47 21.01 37.61 -32.15
CA ASP G 47 22.15 37.56 -31.25
C ASP G 47 21.63 37.50 -29.84
N LEU G 48 22.41 36.92 -28.95
CA LEU G 48 22.14 36.99 -27.53
C LEU G 48 22.46 38.42 -27.08
N ILE G 49 21.45 39.19 -26.72
CA ILE G 49 21.63 40.59 -26.34
C ILE G 49 21.52 40.88 -24.87
N GLY G 50 20.94 39.98 -24.10
CA GLY G 50 20.82 40.17 -22.67
C GLY G 50 20.24 39.01 -21.89
N TYR G 51 20.00 39.25 -20.60
CA TYR G 51 19.54 38.20 -19.72
C TYR G 51 18.94 38.74 -18.42
N VAL G 52 18.26 37.86 -17.71
CA VAL G 52 17.74 38.15 -16.38
C VAL G 52 18.72 37.60 -15.38
N ASP G 53 19.01 38.38 -14.36
CA ASP G 53 19.97 38.08 -13.35
C ASP G 53 19.29 38.20 -12.01
N SER G 54 19.39 37.17 -11.19
CA SER G 54 18.80 37.17 -9.86
C SER G 54 19.35 36.04 -9.04
N LEU G 55 19.58 36.32 -7.76
CA LEU G 55 19.99 35.29 -6.81
C LEU G 55 19.00 34.16 -6.69
N PHE G 56 17.73 34.43 -7.03
CA PHE G 56 16.66 33.44 -6.91
C PHE G 56 16.47 32.58 -8.14
N ILE G 57 17.22 32.86 -9.20
CA ILE G 57 17.30 31.96 -10.33
C ILE G 57 18.35 30.90 -9.98
N PRO G 58 17.98 29.62 -10.07
CA PRO G 58 18.92 28.63 -9.62
C PRO G 58 20.16 28.59 -10.47
N PRO G 59 21.31 28.30 -9.84
CA PRO G 59 22.60 28.34 -10.51
C PRO G 59 22.68 27.32 -11.63
N MET G 60 22.93 27.80 -12.84
CA MET G 60 23.26 26.97 -13.99
C MET G 60 23.76 27.79 -15.15
N SER G 61 24.43 27.13 -16.09
CA SER G 61 24.61 27.64 -17.45
C SER G 61 24.06 26.60 -18.38
N LEU G 62 23.33 27.07 -19.36
CA LEU G 62 22.99 26.27 -20.52
C LEU G 62 24.13 26.43 -21.49
N ILE G 63 24.43 25.39 -22.24
CA ILE G 63 25.43 25.45 -23.27
C ILE G 63 24.66 25.30 -24.58
N LEU G 64 24.75 26.31 -25.44
CA LEU G 64 24.08 26.29 -26.77
C LEU G 64 25.08 26.62 -27.86
N GLU G 65 25.29 25.68 -28.80
CA GLU G 65 26.35 25.80 -29.81
C GLU G 65 27.70 26.13 -29.14
N GLY G 66 28.04 25.43 -28.07
CA GLY G 66 29.27 25.67 -27.35
C GLY G 66 29.46 27.04 -26.69
N ARG G 67 28.39 27.80 -26.49
CA ARG G 67 28.46 29.05 -25.74
C ARG G 67 27.64 28.96 -24.46
N PRO G 68 28.27 29.24 -23.31
CA PRO G 68 27.51 29.35 -22.08
C PRO G 68 26.47 30.43 -22.15
N THR G 69 25.22 30.12 -21.83
CA THR G 69 24.17 31.14 -21.77
C THR G 69 23.36 30.97 -20.45
N PRO G 70 22.82 32.06 -19.90
CA PRO G 70 21.97 31.93 -18.71
C PRO G 70 20.60 31.35 -19.05
N PRO G 71 19.91 30.83 -18.03
CA PRO G 71 18.62 30.19 -18.28
C PRO G 71 17.50 31.11 -18.73
N LEU G 72 17.54 32.38 -18.33
CA LEU G 72 16.58 33.39 -18.81
C LEU G 72 17.34 34.40 -19.63
N ARG G 73 17.05 34.45 -20.93
CA ARG G 73 17.81 35.29 -21.82
C ARG G 73 16.96 35.97 -22.87
N PHE G 74 17.57 36.97 -23.51
CA PHE G 74 16.94 37.76 -24.56
C PHE G 74 17.77 37.69 -25.84
N TYR G 75 17.09 37.41 -26.95
CA TYR G 75 17.67 37.41 -28.28
C TYR G 75 17.13 38.60 -29.06
N GLY G 76 17.96 39.16 -29.95
CA GLY G 76 17.55 40.33 -30.72
C GLY G 76 18.10 40.37 -32.13
N LYS G 77 17.29 40.94 -33.03
CA LYS G 77 17.73 41.38 -34.35
C LYS G 77 16.94 42.64 -34.63
N ASN G 78 17.66 43.76 -34.79
CA ASN G 78 17.10 45.08 -35.04
C ASN G 78 15.60 45.23 -34.83
N ASN G 79 15.18 45.65 -33.64
CA ASN G 79 13.75 45.97 -33.33
C ASN G 79 12.87 44.82 -32.77
N ILE G 80 13.22 43.55 -33.06
CA ILE G 80 12.57 42.43 -32.38
C ILE G 80 13.43 41.88 -31.25
N ILE G 81 12.83 41.79 -30.06
CA ILE G 81 13.42 41.08 -28.92
C ILE G 81 12.62 39.79 -28.66
N ILE G 82 13.32 38.68 -28.48
CA ILE G 82 12.68 37.41 -28.11
C ILE G 82 13.20 36.96 -26.75
N ALA G 83 12.25 36.77 -25.81
CA ALA G 83 12.56 36.36 -24.44
C ALA G 83 12.31 34.85 -24.27
N ILE G 84 13.36 34.15 -23.83
CA ILE G 84 13.38 32.70 -23.65
C ILE G 84 13.77 32.37 -22.21
N ALA G 85 13.16 31.32 -21.68
CA ALA G 85 13.54 30.73 -20.39
C ALA G 85 13.63 29.21 -20.52
N ASP G 86 14.57 28.58 -19.82
CA ASP G 86 14.65 27.12 -19.80
C ASP G 86 14.22 26.47 -18.48
N ILE G 87 13.61 27.22 -17.58
CA ILE G 87 13.16 26.71 -16.31
C ILE G 87 11.81 27.30 -15.96
N PHE G 88 11.04 26.56 -15.19
CA PHE G 88 9.82 27.12 -14.60
C PHE G 88 10.31 27.90 -13.42
N LEU G 89 9.55 28.88 -13.00
CA LEU G 89 9.96 29.74 -11.90
C LEU G 89 8.83 29.93 -10.92
N PRO G 90 9.16 30.13 -9.65
CA PRO G 90 8.09 30.34 -8.67
C PRO G 90 7.32 31.66 -8.90
N PRO G 91 6.03 31.68 -8.52
CA PRO G 91 5.14 32.79 -8.89
C PRO G 91 5.63 34.18 -8.53
N THR G 92 6.11 34.36 -7.32
CA THR G 92 6.55 35.68 -6.90
C THR G 92 7.72 36.20 -7.75
N LEU G 93 8.64 35.30 -8.13
CA LEU G 93 9.77 35.68 -8.94
C LEU G 93 9.31 36.08 -10.36
N VAL G 94 8.41 35.29 -10.92
CA VAL G 94 7.77 35.62 -12.19
C VAL G 94 7.20 37.05 -12.15
N ASN G 95 6.48 37.38 -11.08
CA ASN G 95 5.91 38.71 -10.95
C ASN G 95 6.99 39.80 -10.92
N GLU G 96 8.06 39.54 -10.20
CA GLU G 96 9.19 40.48 -10.14
C GLU G 96 9.88 40.65 -11.49
N ILE G 97 10.03 39.57 -12.23
CA ILE G 97 10.59 39.65 -13.56
C ILE G 97 9.65 40.44 -14.48
N ALA G 98 8.35 40.16 -14.40
CA ALA G 98 7.37 40.86 -15.20
C ALA G 98 7.40 42.37 -14.98
N LYS G 99 7.58 42.77 -13.73
CA LYS G 99 7.68 44.19 -13.36
C LYS G 99 8.85 44.83 -14.13
N GLU G 100 10.03 44.22 -14.03
CA GLU G 100 11.20 44.73 -14.70
C GLU G 100 11.06 44.77 -16.21
N ILE G 101 10.42 43.75 -16.78
CA ILE G 101 10.23 43.69 -18.22
C ILE G 101 9.31 44.83 -18.67
N VAL G 102 8.21 45.03 -17.97
CA VAL G 102 7.25 46.08 -18.34
C VAL G 102 7.88 47.48 -18.18
N ASN G 103 8.67 47.71 -17.12
CA ASN G 103 9.44 48.94 -16.98
C ASN G 103 10.30 49.19 -18.20
N TYR G 104 10.99 48.15 -18.64
CA TYR G 104 11.86 48.28 -19.82
C TYR G 104 11.04 48.60 -21.08
N LEU G 105 9.89 47.97 -21.22
CA LEU G 105 9.06 48.18 -22.40
C LEU G 105 8.39 49.57 -22.43
N LYS G 106 8.02 50.12 -21.27
CA LYS G 106 7.62 51.55 -21.19
C LYS G 106 8.77 52.45 -21.62
N LYS G 107 9.93 52.27 -21.00
CA LYS G 107 11.13 53.06 -21.29
C LYS G 107 11.37 53.21 -22.78
N VAL G 108 11.29 52.10 -23.51
CA VAL G 108 11.65 52.05 -24.92
C VAL G 108 10.45 52.23 -25.89
N ASN G 109 9.27 52.53 -25.33
CA ASN G 109 8.05 52.72 -26.12
C ASN G 109 7.82 51.56 -27.06
N ALA G 110 7.75 50.36 -26.49
CA ALA G 110 7.61 49.15 -27.27
C ALA G 110 6.33 49.21 -28.10
N GLU G 111 6.44 48.75 -29.34
CA GLU G 111 5.36 48.82 -30.29
C GLU G 111 4.36 47.70 -29.99
N LYS G 112 4.87 46.48 -29.77
CA LYS G 112 4.06 45.30 -29.46
C LYS G 112 4.70 44.44 -28.38
N VAL G 113 3.83 43.87 -27.53
CA VAL G 113 4.21 42.93 -26.49
C VAL G 113 3.41 41.64 -26.72
N ILE G 114 4.09 40.62 -27.22
CA ILE G 114 3.42 39.39 -27.64
C ILE G 114 3.91 38.22 -26.81
N SER G 115 2.99 37.51 -26.17
CA SER G 115 3.34 36.32 -25.40
C SER G 115 2.91 35.11 -26.17
N LEU G 116 3.79 34.12 -26.25
CA LEU G 116 3.50 32.84 -26.92
C LEU G 116 3.24 31.74 -25.89
N ALA G 117 2.17 31.00 -26.10
CA ALA G 117 1.70 30.04 -25.12
C ALA G 117 1.01 28.86 -25.81
N GLY G 118 0.64 27.88 -24.99
CA GLY G 118 0.01 26.66 -25.43
C GLY G 118 -1.30 26.51 -24.68
N MET G 119 -2.21 25.72 -25.25
CA MET G 119 -3.46 25.44 -24.62
C MET G 119 -3.63 23.92 -24.72
N GLY G 120 -3.51 23.24 -23.58
CA GLY G 120 -3.62 21.79 -23.54
C GLY G 120 -5.09 21.42 -23.75
N ILE G 121 -5.36 20.67 -24.80
CA ILE G 121 -6.74 20.54 -25.26
C ILE G 121 -6.93 19.20 -25.97
N GLY G 122 -7.05 18.18 -25.12
CA GLY G 122 -7.43 16.85 -25.55
C GLY G 122 -6.53 16.16 -26.54
N PHE G 123 -6.99 15.03 -27.03
CA PHE G 123 -6.26 14.22 -28.00
C PHE G 123 -7.01 14.05 -29.32
N PHE G 124 -8.32 13.81 -29.24
CA PHE G 124 -9.10 13.46 -30.40
C PHE G 124 -9.72 14.70 -31.06
N LYS G 125 -8.91 15.72 -31.32
CA LYS G 125 -9.31 16.89 -32.12
C LYS G 125 -8.59 16.80 -33.48
N ASP G 126 -9.36 17.00 -34.56
CA ASP G 126 -8.86 16.92 -35.95
C ASP G 126 -7.76 17.95 -36.23
N THR G 127 -8.11 19.24 -36.09
CA THR G 127 -7.14 20.32 -36.26
C THR G 127 -6.91 21.06 -34.95
N PHE G 128 -5.68 21.58 -34.85
CA PHE G 128 -5.22 22.37 -33.72
C PHE G 128 -5.25 23.83 -34.16
N GLU G 129 -6.06 24.62 -33.47
CA GLU G 129 -6.23 26.05 -33.77
C GLU G 129 -5.16 26.84 -33.02
N VAL G 130 -5.16 28.14 -33.23
CA VAL G 130 -4.47 29.11 -32.41
C VAL G 130 -5.50 30.10 -31.90
N TRP G 131 -5.60 30.26 -30.59
CA TRP G 131 -6.43 31.29 -29.99
C TRP G 131 -5.60 32.53 -29.69
N GLY G 132 -6.29 33.60 -29.37
CA GLY G 132 -5.65 34.89 -29.11
C GLY G 132 -6.42 35.73 -28.13
N ILE G 133 -5.73 36.70 -27.55
CA ILE G 133 -6.39 37.69 -26.73
C ILE G 133 -5.52 38.92 -26.76
N GLY G 134 -6.15 40.08 -26.72
CA GLY G 134 -5.48 41.36 -26.79
C GLY G 134 -5.71 42.19 -25.56
N GLY G 135 -4.78 43.12 -25.32
CA GLY G 135 -4.85 44.01 -24.16
C GLY G 135 -6.12 44.84 -24.12
N SER G 136 -6.61 45.23 -25.29
CA SER G 136 -7.82 46.04 -25.44
C SER G 136 -8.56 45.54 -26.66
N GLU G 137 -9.74 46.10 -26.91
CA GLU G 137 -10.55 45.68 -28.06
C GLU G 137 -9.83 45.94 -29.40
N GLU G 138 -8.97 46.96 -29.46
CA GLU G 138 -8.19 47.27 -30.66
C GLU G 138 -7.32 46.08 -31.09
N GLU G 139 -6.63 45.48 -30.12
CA GLU G 139 -5.76 44.36 -30.40
C GLU G 139 -6.53 43.08 -30.67
N ASN G 140 -7.67 42.90 -29.99
CA ASN G 140 -8.59 41.82 -30.32
C ASN G 140 -9.03 41.88 -31.77
N LYS G 141 -9.34 43.09 -32.26
CA LYS G 141 -9.73 43.31 -33.66
C LYS G 141 -8.60 42.89 -34.61
N GLU G 142 -7.37 43.33 -34.33
CA GLU G 142 -6.21 42.93 -35.17
C GLU G 142 -6.09 41.43 -35.31
N LEU G 143 -6.24 40.74 -34.19
CA LEU G 143 -6.09 39.30 -34.17
C LEU G 143 -7.21 38.64 -34.94
N GLU G 144 -8.42 39.20 -34.83
CA GLU G 144 -9.58 38.71 -35.59
C GLU G 144 -9.31 38.83 -37.09
N SER G 145 -8.77 39.98 -37.49
CA SER G 145 -8.44 40.22 -38.89
C SER G 145 -7.27 39.39 -39.44
N LEU G 146 -6.57 38.62 -38.60
CA LEU G 146 -5.63 37.58 -39.08
C LEU G 146 -6.27 36.20 -38.88
N GLY G 147 -7.60 36.17 -38.73
CA GLY G 147 -8.35 34.92 -38.50
C GLY G 147 -7.94 34.09 -37.31
N VAL G 148 -7.60 34.77 -36.22
CA VAL G 148 -7.31 34.13 -34.94
C VAL G 148 -8.60 34.23 -34.12
N LYS G 149 -9.03 33.11 -33.56
CA LYS G 149 -10.20 33.09 -32.67
C LYS G 149 -9.86 33.84 -31.39
N ILE G 150 -10.74 34.76 -30.99
CA ILE G 150 -10.58 35.44 -29.70
C ILE G 150 -11.14 34.58 -28.58
N LEU G 151 -10.36 34.47 -27.52
CA LEU G 151 -10.72 33.72 -26.33
C LEU G 151 -11.71 34.55 -25.54
N LYS G 152 -12.88 34.00 -25.23
CA LYS G 152 -13.94 34.76 -24.54
C LYS G 152 -13.78 34.66 -23.04
N TYR G 153 -13.64 33.43 -22.58
CA TYR G 153 -13.48 33.12 -21.16
C TYR G 153 -12.30 32.17 -20.94
N GLY G 154 -11.58 32.40 -19.86
CA GLY G 154 -10.48 31.51 -19.50
C GLY G 154 -9.52 32.19 -18.53
N SER G 155 -8.43 31.50 -18.22
CA SER G 155 -7.34 32.11 -17.49
C SER G 155 -6.06 31.74 -18.14
N ILE G 156 -5.12 32.67 -18.07
CA ILE G 156 -3.81 32.50 -18.61
C ILE G 156 -2.91 32.79 -17.45
N THR G 157 -2.22 31.75 -16.97
CA THR G 157 -1.35 31.87 -15.81
C THR G 157 0.07 32.10 -16.26
N GLY G 158 0.92 32.47 -15.33
CA GLY G 158 2.34 32.62 -15.63
C GLY G 158 2.67 33.92 -16.31
N MET G 159 3.87 33.99 -16.83
CA MET G 159 4.41 35.21 -17.39
C MET G 159 3.48 35.80 -18.46
N SER G 160 2.90 34.94 -19.30
CA SER G 160 2.04 35.40 -20.36
C SER G 160 0.87 36.18 -19.85
N GLY G 161 0.17 35.58 -18.88
CA GLY G 161 -0.96 36.22 -18.23
C GLY G 161 -0.61 37.52 -17.55
N LYS G 162 0.53 37.58 -16.89
CA LYS G 162 0.92 38.78 -16.18
C LYS G 162 1.30 39.87 -17.17
N LEU G 163 2.10 39.55 -18.18
CA LEU G 163 2.49 40.53 -19.20
C LEU G 163 1.30 41.10 -19.91
N LEU G 164 0.37 40.24 -20.28
CA LEU G 164 -0.85 40.67 -20.95
C LEU G 164 -1.49 41.84 -20.20
N TRP G 165 -1.73 41.64 -18.91
CA TRP G 165 -2.37 42.64 -18.07
C TRP G 165 -1.47 43.86 -17.83
N GLU G 166 -0.25 43.61 -17.34
CA GLU G 166 0.67 44.67 -16.94
C GLU G 166 1.07 45.59 -18.09
N ALA G 167 1.37 45.00 -19.23
CA ALA G 167 1.78 45.77 -20.40
C ALA G 167 0.61 46.62 -20.94
N SER G 168 -0.60 46.05 -21.00
CA SER G 168 -1.77 46.82 -21.43
C SER G 168 -2.08 47.96 -20.44
N ARG G 169 -2.00 47.68 -19.15
CA ARG G 169 -2.19 48.71 -18.12
C ARG G 169 -1.17 49.86 -18.18
N ALA G 170 0.00 49.61 -18.76
CA ALA G 170 1.00 50.63 -18.99
C ALA G 170 0.86 51.30 -20.38
N GLY G 171 -0.27 51.08 -21.05
CA GLY G 171 -0.51 51.68 -22.35
C GLY G 171 0.20 51.05 -23.53
N LEU G 172 0.66 49.81 -23.40
CA LEU G 172 1.32 49.11 -24.50
C LEU G 172 0.34 48.19 -25.20
N LYS G 173 0.58 47.94 -26.47
CA LYS G 173 -0.29 47.03 -27.23
C LYS G 173 0.22 45.64 -26.91
N SER G 174 -0.63 44.83 -26.28
CA SER G 174 -0.21 43.52 -25.80
C SER G 174 -1.13 42.41 -26.27
N TYR G 175 -0.54 41.25 -26.51
CA TYR G 175 -1.26 40.11 -27.07
C TYR G 175 -0.74 38.84 -26.45
N VAL G 176 -1.59 37.82 -26.46
CA VAL G 176 -1.15 36.45 -26.23
C VAL G 176 -1.70 35.55 -27.32
N LEU G 177 -0.82 34.71 -27.88
CA LEU G 177 -1.21 33.65 -28.79
C LEU G 177 -1.09 32.32 -28.08
N LEU G 178 -2.12 31.49 -28.21
CA LEU G 178 -2.16 30.18 -27.55
C LEU G 178 -2.37 29.10 -28.59
N GLY G 179 -1.36 28.30 -28.87
CA GLY G 179 -1.49 27.19 -29.79
C GLY G 179 -2.13 26.00 -29.08
N GLU G 180 -3.27 25.54 -29.57
CA GLU G 180 -3.84 24.26 -29.12
C GLU G 180 -2.83 23.15 -29.31
N THR G 181 -2.74 22.29 -28.29
CA THR G 181 -1.83 21.13 -28.32
C THR G 181 -2.42 20.00 -27.46
N PHE G 182 -1.80 18.82 -27.53
CA PHE G 182 -2.24 17.65 -26.76
C PHE G 182 -2.26 17.95 -25.28
N GLY G 183 -1.14 18.50 -24.80
CA GLY G 183 -1.02 18.94 -23.41
C GLY G 183 -0.03 18.14 -22.58
N ASP G 184 0.63 17.16 -23.19
CA ASP G 184 1.45 16.19 -22.49
C ASP G 184 2.83 15.96 -23.12
N ARG G 185 3.23 16.75 -24.12
CA ARG G 185 4.46 16.48 -24.84
C ARG G 185 4.92 17.67 -25.65
N PRO G 186 6.23 17.73 -25.98
CA PRO G 186 6.70 18.79 -26.88
C PRO G 186 6.01 18.68 -28.22
N ASP G 187 5.48 19.80 -28.71
CA ASP G 187 4.66 19.81 -29.92
C ASP G 187 5.13 20.85 -30.94
N PRO G 188 6.12 20.52 -31.76
CA PRO G 188 6.58 21.48 -32.77
C PRO G 188 5.50 21.89 -33.78
N ARG G 189 4.50 21.02 -34.01
CA ARG G 189 3.44 21.37 -34.94
C ARG G 189 2.64 22.56 -34.45
N ALA G 190 2.23 22.53 -33.18
CA ALA G 190 1.47 23.64 -32.60
C ALA G 190 2.30 24.93 -32.56
N ALA G 191 3.61 24.79 -32.33
CA ALA G 191 4.51 25.92 -32.36
C ALA G 191 4.51 26.53 -33.76
N ALA G 192 4.52 25.68 -34.78
CA ALA G 192 4.45 26.13 -36.16
C ALA G 192 3.18 26.95 -36.42
N ASN G 193 2.04 26.43 -35.99
CA ASN G 193 0.80 27.20 -36.08
C ASN G 193 0.93 28.60 -35.52
N VAL G 194 1.58 28.70 -34.37
CA VAL G 194 1.79 29.98 -33.70
C VAL G 194 2.74 30.86 -34.49
N VAL G 195 3.85 30.27 -34.97
CA VAL G 195 4.80 31.04 -35.79
C VAL G 195 4.14 31.56 -37.09
N GLU G 196 3.25 30.77 -37.70
CA GLU G 196 2.45 31.20 -38.88
C GLU G 196 1.65 32.45 -38.56
N VAL G 197 0.97 32.46 -37.41
CA VAL G 197 0.19 33.63 -37.00
C VAL G 197 1.09 34.84 -36.76
N LEU G 198 2.29 34.58 -36.28
CA LEU G 198 3.25 35.62 -35.99
C LEU G 198 3.81 36.21 -37.29
N ASN G 199 4.01 35.37 -38.31
CA ASN G 199 4.36 35.84 -39.66
C ASN G 199 3.37 36.85 -40.21
N LYS G 200 2.07 36.50 -40.14
CA LYS G 200 1.01 37.38 -40.60
C LYS G 200 1.03 38.67 -39.79
N MET G 201 1.15 38.55 -38.47
CA MET G 201 1.07 39.71 -37.57
C MET G 201 2.20 40.69 -37.77
N LEU G 202 3.40 40.22 -38.12
CA LEU G 202 4.58 41.06 -38.16
C LEU G 202 5.29 41.08 -39.48
N GLY G 203 4.72 40.38 -40.48
CA GLY G 203 5.34 40.27 -41.81
C GLY G 203 6.74 39.74 -41.77
N LEU G 204 6.93 38.55 -41.22
CA LEU G 204 8.32 38.02 -41.04
C LEU G 204 8.76 36.97 -42.05
N ASN G 205 7.78 36.33 -42.70
CA ASN G 205 8.03 35.36 -43.75
C ASN G 205 9.06 34.30 -43.37
N VAL G 206 8.87 33.66 -42.22
CA VAL G 206 9.71 32.55 -41.77
C VAL G 206 8.97 31.27 -42.13
N SER G 207 9.65 30.39 -42.84
CA SER G 207 9.08 29.09 -43.18
C SER G 207 9.04 28.25 -41.90
N VAL G 208 7.87 27.69 -41.63
CA VAL G 208 7.69 26.71 -40.57
C VAL G 208 7.93 25.27 -41.06
N GLU G 209 8.58 25.09 -42.20
CA GLU G 209 8.84 23.76 -42.72
C GLU G 209 9.81 22.98 -41.84
N PRO G 210 10.95 23.58 -41.47
CA PRO G 210 11.93 22.87 -40.62
C PRO G 210 11.32 22.34 -39.31
N LEU G 211 10.35 23.07 -38.79
CA LEU G 211 9.61 22.70 -37.61
C LEU G 211 8.74 21.47 -37.88
N LEU G 212 7.95 21.53 -38.94
CA LEU G 212 7.13 20.37 -39.36
C LEU G 212 8.00 19.14 -39.73
N LYS G 213 9.18 19.37 -40.29
CA LYS G 213 10.17 18.34 -40.64
C LYS G 213 10.69 17.70 -39.37
N GLU G 214 11.05 18.53 -38.40
CA GLU G 214 11.52 18.10 -37.08
C GLU G 214 10.50 17.15 -36.42
N ALA G 215 9.24 17.51 -36.49
CA ALA G 215 8.17 16.69 -35.93
C ALA G 215 8.06 15.33 -36.62
N GLU G 216 8.19 15.31 -37.93
CA GLU G 216 8.12 14.06 -38.70
C GLU G 216 9.29 13.19 -38.33
N MET G 217 10.50 13.74 -38.34
CA MET G 217 11.71 12.98 -37.99
C MET G 217 11.68 12.36 -36.58
N ILE G 218 11.10 13.07 -35.62
CA ILE G 218 10.91 12.55 -34.26
C ILE G 218 9.96 11.37 -34.27
N GLU G 219 8.82 11.54 -34.91
CA GLU G 219 7.80 10.49 -35.03
C GLU G 219 8.30 9.28 -35.82
N GLU G 220 9.01 9.50 -36.92
CA GLU G 220 9.66 8.41 -37.68
C GLU G 220 10.64 7.66 -36.79
N GLN G 221 11.49 8.38 -36.07
CA GLN G 221 12.42 7.75 -35.14
C GLN G 221 11.77 6.90 -34.06
N LEU G 222 10.67 7.42 -33.48
CA LEU G 222 9.92 6.70 -32.47
C LEU G 222 9.35 5.39 -33.03
N ARG G 223 8.69 5.49 -34.18
CA ARG G 223 8.09 4.33 -34.86
C ARG G 223 9.16 3.29 -35.13
N ARG G 224 10.30 3.74 -35.65
CA ARG G 224 11.40 2.87 -36.02
C ARG G 224 12.02 2.19 -34.79
N MET G 225 12.16 2.93 -33.69
CA MET G 225 12.74 2.36 -32.47
C MET G 225 11.79 1.34 -31.88
N HIS G 226 10.49 1.67 -31.83
CA HIS G 226 9.49 0.73 -31.36
C HIS G 226 9.45 -0.54 -32.22
N GLU G 227 9.57 -0.41 -33.55
CA GLU G 227 9.65 -1.56 -34.47
C GLU G 227 10.82 -2.43 -34.09
N GLN G 228 12.00 -1.84 -33.99
CA GLN G 228 13.20 -2.62 -33.72
C GLN G 228 13.19 -3.29 -32.34
N MET G 229 12.62 -2.61 -31.36
CA MET G 229 12.45 -3.16 -30.01
C MET G 229 11.60 -4.43 -30.04
N GLU G 230 10.42 -4.32 -30.64
CA GLU G 230 9.48 -5.43 -30.71
C GLU G 230 9.96 -6.58 -31.59
N GLU G 231 10.63 -6.24 -32.68
CA GLU G 231 11.27 -7.22 -33.55
C GLU G 231 12.39 -7.95 -32.81
N ALA G 232 13.14 -7.23 -31.99
CA ALA G 232 14.19 -7.85 -31.18
C ALA G 232 13.66 -8.82 -30.13
N ARG G 233 12.56 -8.51 -29.44
CA ARG G 233 12.03 -9.45 -28.43
C ARG G 233 11.38 -10.68 -29.10
N ARG G 234 10.71 -10.50 -30.24
CA ARG G 234 10.23 -11.63 -31.04
C ARG G 234 11.35 -12.55 -31.48
N LYS G 235 12.47 -11.97 -31.92
CA LYS G 235 13.64 -12.78 -32.29
C LYS G 235 14.14 -13.55 -31.08
N MET G 236 14.21 -12.90 -29.92
CA MET G 236 14.70 -13.54 -28.71
C MET G 236 13.78 -14.67 -28.24
N GLU G 237 12.46 -14.49 -28.33
CA GLU G 237 11.47 -15.54 -28.03
C GLU G 237 11.65 -16.75 -28.94
N ARG G 238 11.73 -16.52 -30.25
CA ARG G 238 11.95 -17.59 -31.24
C ARG G 238 13.26 -18.32 -30.94
N GLN G 239 14.27 -17.56 -30.53
CA GLN G 239 15.60 -18.08 -30.24
C GLN G 239 15.60 -18.93 -28.95
N TYR G 240 14.92 -18.43 -27.91
CA TYR G 240 14.73 -19.16 -26.65
C TYR G 240 14.01 -20.49 -26.92
N GLU G 241 12.94 -20.47 -27.70
CA GLU G 241 12.18 -21.67 -28.01
C GLU G 241 13.00 -22.69 -28.77
N THR G 242 13.73 -22.27 -29.81
CA THR G 242 14.51 -23.25 -30.61
C THR G 242 15.65 -23.84 -29.75
N MET G 243 16.21 -23.03 -28.86
CA MET G 243 17.29 -23.50 -27.99
C MET G 243 16.82 -24.45 -26.90
N TYR G 244 15.63 -24.21 -26.34
CA TYR G 244 15.27 -24.81 -25.04
C TYR G 244 14.00 -25.64 -24.99
N LEU G 245 13.09 -25.51 -25.94
CA LEU G 245 11.93 -26.43 -25.99
C LEU G 245 12.44 -27.84 -26.18
N LYS H 8 25.80 40.82 5.42
CA LYS H 8 26.21 39.93 4.29
C LYS H 8 26.05 38.46 4.70
N PRO H 9 25.34 37.66 3.91
CA PRO H 9 25.14 36.26 4.25
C PRO H 9 26.36 35.35 4.13
N VAL H 10 27.30 35.69 3.24
CA VAL H 10 28.47 34.85 3.03
C VAL H 10 29.76 35.67 3.05
N ASN H 11 30.71 35.22 3.87
CA ASN H 11 32.05 35.81 3.95
C ASN H 11 33.07 34.83 3.48
N LEU H 12 33.84 35.26 2.50
CA LEU H 12 34.96 34.53 2.01
C LEU H 12 36.15 34.97 2.87
N VAL H 13 36.74 34.03 3.60
CA VAL H 13 37.97 34.27 4.33
C VAL H 13 39.08 33.62 3.52
N LEU H 14 39.75 34.44 2.72
CA LEU H 14 40.69 33.94 1.73
C LEU H 14 41.71 35.05 1.36
N PRO H 15 43.00 34.84 1.68
CA PRO H 15 44.03 35.80 1.24
C PRO H 15 44.07 35.95 -0.28
N GLU H 16 44.49 37.12 -0.74
CA GLU H 16 44.64 37.38 -2.15
C GLU H 16 45.84 36.59 -2.70
N VAL H 17 45.68 36.06 -3.90
CA VAL H 17 46.69 35.32 -4.60
C VAL H 17 46.63 35.89 -6.02
N GLU H 18 47.63 36.69 -6.36
CA GLU H 18 47.56 37.49 -7.58
C GLU H 18 47.63 36.56 -8.77
N ASN H 19 46.81 36.83 -9.76
CA ASN H 19 46.77 36.03 -11.00
C ASN H 19 46.51 34.55 -10.75
N ALA H 20 45.65 34.28 -9.75
CA ALA H 20 45.37 32.90 -9.29
C ALA H 20 44.79 32.04 -10.39
N ILE H 21 45.22 30.78 -10.38
CA ILE H 21 44.54 29.73 -11.12
C ILE H 21 43.59 29.10 -10.09
N PHE H 22 42.28 29.32 -10.28
CA PHE H 22 41.25 28.87 -9.33
C PHE H 22 40.60 27.60 -9.90
N ILE H 23 40.69 26.50 -9.13
CA ILE H 23 40.06 25.24 -9.49
C ILE H 23 39.00 24.87 -8.45
N GLU H 24 37.78 24.60 -8.91
CA GLU H 24 36.64 24.29 -8.02
C GLU H 24 36.12 22.88 -8.28
N GLY H 25 36.06 22.07 -7.23
CA GLY H 25 35.50 20.68 -7.33
C GLY H 25 34.49 20.41 -6.23
N TYR H 26 33.29 20.98 -6.41
CA TYR H 26 32.21 20.79 -5.44
C TYR H 26 31.58 19.42 -5.68
N PRO H 27 30.95 18.81 -4.66
CA PRO H 27 30.36 17.49 -4.85
C PRO H 27 29.34 17.46 -5.98
N GLY H 28 29.25 16.32 -6.63
CA GLY H 28 28.56 16.23 -7.89
C GLY H 28 28.46 14.80 -8.31
N VAL H 29 27.78 14.55 -9.43
CA VAL H 29 27.68 13.21 -9.95
C VAL H 29 29.04 12.51 -10.00
N GLY H 30 29.06 11.30 -9.49
CA GLY H 30 30.27 10.48 -9.46
C GLY H 30 31.34 10.87 -8.45
N LEU H 31 31.12 11.99 -7.74
CA LEU H 31 32.18 12.69 -7.03
C LEU H 31 33.45 12.97 -7.91
N VAL H 32 33.26 13.12 -9.22
CA VAL H 32 34.36 13.25 -10.17
C VAL H 32 35.17 14.52 -9.87
N GLY H 33 34.52 15.67 -9.98
CA GLY H 33 35.10 16.95 -9.62
C GLY H 33 35.74 16.90 -8.25
N HIS H 34 35.02 16.35 -7.29
CA HIS H 34 35.41 16.41 -5.91
C HIS H 34 36.67 15.57 -5.66
N ILE H 35 36.72 14.39 -6.27
CA ILE H 35 37.88 13.52 -6.09
C ILE H 35 39.10 14.13 -6.78
N ALA H 36 38.89 14.61 -8.01
CA ALA H 36 39.93 15.28 -8.77
C ALA H 36 40.54 16.45 -8.00
N ALA H 37 39.70 17.36 -7.53
CA ALA H 37 40.17 18.53 -6.80
C ALA H 37 40.90 18.13 -5.55
N ASN H 38 40.38 17.14 -4.84
CA ASN H 38 40.94 16.77 -3.55
C ASN H 38 42.30 16.10 -3.79
N PHE H 39 42.39 15.32 -4.85
CA PHE H 39 43.62 14.65 -5.21
C PHE H 39 44.72 15.63 -5.55
N LEU H 40 44.41 16.60 -6.42
CA LEU H 40 45.35 17.67 -6.72
C LEU H 40 45.82 18.43 -5.49
N ALA H 41 44.90 18.79 -4.62
CA ALA H 41 45.30 19.51 -3.42
C ALA H 41 46.31 18.69 -2.60
N LYS H 42 46.09 17.40 -2.51
CA LYS H 42 46.93 16.49 -1.72
C LYS H 42 48.31 16.33 -2.40
N GLU H 43 48.29 15.95 -3.67
CA GLU H 43 49.51 15.67 -4.43
C GLU H 43 50.41 16.88 -4.62
N LEU H 44 49.86 18.09 -4.65
CA LEU H 44 50.65 19.31 -4.68
C LEU H 44 50.93 19.89 -3.28
N ASP H 45 50.80 19.08 -2.23
CA ASP H 45 51.08 19.46 -0.83
C ASP H 45 50.58 20.88 -0.52
N MET H 46 49.31 21.14 -0.82
CA MET H 46 48.72 22.46 -0.63
C MET H 46 48.41 22.68 0.85
N ASP H 47 48.34 23.93 1.25
CA ASP H 47 47.98 24.29 2.61
C ASP H 47 46.54 24.74 2.61
N LEU H 48 45.89 24.60 3.74
CA LEU H 48 44.57 25.16 3.94
C LEU H 48 44.76 26.67 4.10
N ILE H 49 44.31 27.45 3.12
CA ILE H 49 44.50 28.91 3.13
C ILE H 49 43.27 29.72 3.46
N GLY H 50 42.09 29.12 3.37
CA GLY H 50 40.87 29.82 3.74
C GLY H 50 39.59 28.99 3.65
N TYR H 51 38.46 29.67 3.82
CA TYR H 51 37.19 29.00 3.90
C TYR H 51 36.01 29.93 3.66
N VAL H 52 34.84 29.34 3.44
CA VAL H 52 33.59 30.06 3.35
C VAL H 52 32.92 29.99 4.69
N ASP H 53 32.39 31.12 5.13
CA ASP H 53 31.79 31.28 6.43
C ASP H 53 30.41 31.86 6.22
N SER H 54 29.40 31.21 6.79
CA SER H 54 28.02 31.65 6.65
C SER H 54 27.15 30.96 7.66
N LEU H 55 26.23 31.72 8.24
CA LEU H 55 25.23 31.18 9.17
C LEU H 55 24.38 30.09 8.50
N PHE H 56 24.27 30.12 7.17
CA PHE H 56 23.44 29.19 6.41
C PHE H 56 24.15 27.92 6.00
N ILE H 57 25.44 27.83 6.29
CA ILE H 57 26.17 26.57 6.17
C ILE H 57 25.90 25.80 7.47
N PRO H 58 25.41 24.57 7.35
CA PRO H 58 25.02 23.89 8.58
C PRO H 58 26.23 23.60 9.45
N PRO H 59 26.04 23.64 10.77
CA PRO H 59 27.11 23.49 11.72
C PRO H 59 27.78 22.13 11.63
N MET H 60 29.08 22.14 11.37
CA MET H 60 29.92 20.96 11.46
C MET H 60 31.39 21.33 11.39
N SER H 61 32.24 20.40 11.82
CA SER H 61 33.64 20.36 11.44
C SER H 61 33.90 19.02 10.81
N LEU H 62 34.63 19.06 9.72
CA LEU H 62 35.26 17.88 9.19
C LEU H 62 36.59 17.72 9.88
N ILE H 63 36.98 16.49 10.10
CA ILE H 63 38.28 16.21 10.71
C ILE H 63 39.10 15.56 9.63
N LEU H 64 40.21 16.18 9.25
CA LEU H 64 41.13 15.64 8.20
C LEU H 64 42.56 15.58 8.77
N GLU H 65 43.12 14.37 8.86
CA GLU H 65 44.41 14.16 9.53
C GLU H 65 44.43 14.80 10.93
N GLY H 66 43.36 14.58 11.69
CA GLY H 66 43.24 15.16 13.03
C GLY H 66 43.20 16.67 13.15
N ARG H 67 42.91 17.39 12.06
CA ARG H 67 42.70 18.84 12.13
C ARG H 67 41.26 19.19 11.76
N PRO H 68 40.57 19.91 12.66
CA PRO H 68 39.24 20.40 12.32
C PRO H 68 39.31 21.34 11.11
N THR H 69 38.47 21.09 10.11
CA THR H 69 38.36 22.01 8.98
C THR H 69 36.87 22.27 8.66
N PRO H 70 36.55 23.46 8.11
CA PRO H 70 35.17 23.72 7.71
C PRO H 70 34.77 22.97 6.47
N PRO H 71 33.46 22.81 6.25
CA PRO H 71 32.99 22.03 5.12
C PRO H 71 33.25 22.67 3.75
N LEU H 72 33.33 23.99 3.68
CA LEU H 72 33.71 24.69 2.43
C LEU H 72 35.04 25.36 2.65
N ARG H 73 36.07 24.92 1.96
CA ARG H 73 37.41 25.40 2.19
C ARG H 73 38.23 25.59 0.92
N PHE H 74 39.32 26.32 1.08
CA PHE H 74 40.26 26.61 -0.01
C PHE H 74 41.66 26.14 0.34
N TYR H 75 42.27 25.42 -0.60
CA TYR H 75 43.65 24.96 -0.51
C TYR H 75 44.50 25.74 -1.49
N GLY H 76 45.76 25.99 -1.15
CA GLY H 76 46.67 26.75 -2.00
C GLY H 76 48.11 26.29 -1.98
N LYS H 77 48.76 26.43 -3.13
CA LYS H 77 50.22 26.38 -3.27
C LYS H 77 50.57 27.38 -4.33
N ASN H 78 51.34 28.41 -3.94
CA ASN H 78 51.77 29.50 -4.80
C ASN H 78 51.08 29.62 -6.15
N ASN H 79 50.02 30.42 -6.22
CA ASN H 79 49.31 30.72 -7.53
C ASN H 79 48.13 29.80 -7.93
N ILE H 80 48.10 28.57 -7.42
CA ILE H 80 46.91 27.72 -7.58
C ILE H 80 46.07 27.73 -6.30
N ILE H 81 44.78 28.03 -6.44
CA ILE H 81 43.78 27.82 -5.38
C ILE H 81 42.85 26.67 -5.77
N ILE H 82 42.59 25.76 -4.84
CA ILE H 82 41.62 24.68 -5.04
C ILE H 82 40.49 24.81 -4.03
N ALA H 83 39.26 24.92 -4.56
CA ALA H 83 38.04 25.07 -3.74
C ALA H 83 37.31 23.73 -3.61
N ILE H 84 37.10 23.32 -2.36
CA ILE H 84 36.48 22.03 -1.99
C ILE H 84 35.27 22.30 -1.10
N ALA H 85 34.25 21.47 -1.27
CA ALA H 85 33.10 21.43 -0.38
C ALA H 85 32.75 19.98 -0.04
N ASP H 86 32.31 19.72 1.19
CA ASP H 86 31.84 18.37 1.56
C ASP H 86 30.33 18.23 1.73
N ILE H 87 29.55 19.22 1.31
CA ILE H 87 28.12 19.19 1.43
C ILE H 87 27.50 19.76 0.17
N PHE H 88 26.30 19.30 -0.15
CA PHE H 88 25.51 19.94 -1.19
C PHE H 88 24.91 21.13 -0.50
N LEU H 89 24.56 22.15 -1.26
CA LEU H 89 24.02 23.37 -0.69
C LEU H 89 22.82 23.82 -1.48
N PRO H 90 21.89 24.50 -0.81
CA PRO H 90 20.71 24.99 -1.54
C PRO H 90 21.06 26.08 -2.58
N PRO H 91 20.27 26.15 -3.67
CA PRO H 91 20.61 26.99 -4.82
C PRO H 91 20.92 28.44 -4.53
N THR H 92 20.11 29.08 -3.75
CA THR H 92 20.32 30.50 -3.45
C THR H 92 21.65 30.75 -2.73
N LEU H 93 22.02 29.85 -1.83
CA LEU H 93 23.29 29.98 -1.09
C LEU H 93 24.48 29.79 -2.05
N VAL H 94 24.39 28.78 -2.91
CA VAL H 94 25.36 28.59 -3.98
C VAL H 94 25.57 29.89 -4.77
N ASN H 95 24.49 30.54 -5.17
CA ASN H 95 24.57 31.80 -5.91
C ASN H 95 25.28 32.88 -5.10
N GLU H 96 24.97 32.99 -3.82
CA GLU H 96 25.63 33.93 -2.91
C GLU H 96 27.13 33.65 -2.77
N ILE H 97 27.48 32.38 -2.68
CA ILE H 97 28.88 32.00 -2.61
C ILE H 97 29.58 32.34 -3.94
N ALA H 98 28.93 32.04 -5.05
CA ALA H 98 29.47 32.33 -6.37
C ALA H 98 29.75 33.81 -6.54
N LYS H 99 28.87 34.67 -6.04
CA LYS H 99 29.05 36.12 -6.09
C LYS H 99 30.36 36.49 -5.41
N GLU H 100 30.54 36.03 -4.16
CA GLU H 100 31.74 36.34 -3.42
C GLU H 100 33.00 35.80 -4.08
N ILE H 101 32.92 34.61 -4.66
CA ILE H 101 34.06 34.00 -5.31
C ILE H 101 34.47 34.81 -6.53
N VAL H 102 33.50 35.20 -7.36
CA VAL H 102 33.78 35.98 -8.56
C VAL H 102 34.34 37.36 -8.22
N ASN H 103 33.81 38.01 -7.19
CA ASN H 103 34.37 39.27 -6.68
C ASN H 103 35.84 39.09 -6.34
N TYR H 104 36.17 38.01 -5.65
CA TYR H 104 37.55 37.74 -5.27
C TYR H 104 38.43 37.51 -6.50
N LEU H 105 37.91 36.79 -7.48
CA LEU H 105 38.68 36.49 -8.69
C LEU H 105 38.89 37.72 -9.60
N LYS H 106 37.93 38.63 -9.66
CA LYS H 106 38.17 39.97 -10.28
C LYS H 106 39.27 40.70 -9.55
N LYS H 107 39.11 40.84 -8.24
CA LYS H 107 40.07 41.56 -7.36
C LYS H 107 41.51 41.16 -7.69
N VAL H 108 41.75 39.85 -7.78
CA VAL H 108 43.09 39.29 -7.92
C VAL H 108 43.52 39.02 -9.38
N ASN H 109 42.69 39.43 -10.34
CA ASN H 109 42.95 39.25 -11.75
C ASN H 109 43.32 37.79 -12.07
N ALA H 110 42.42 36.88 -11.69
CA ALA H 110 42.66 35.47 -11.84
C ALA H 110 42.92 35.12 -13.30
N GLU H 111 43.90 34.26 -13.51
CA GLU H 111 44.37 33.93 -14.84
C GLU H 111 43.43 32.89 -15.46
N LYS H 112 43.06 31.88 -14.65
CA LYS H 112 42.11 30.84 -15.06
C LYS H 112 41.12 30.52 -13.94
N VAL H 113 39.88 30.25 -14.34
CA VAL H 113 38.81 29.78 -13.48
C VAL H 113 38.31 28.45 -14.03
N ILE H 114 38.67 27.37 -13.35
CA ILE H 114 38.40 26.03 -13.85
C ILE H 114 37.48 25.28 -12.89
N SER H 115 36.35 24.81 -13.39
CA SER H 115 35.41 24.02 -12.58
C SER H 115 35.55 22.57 -12.98
N LEU H 116 35.63 21.68 -12.00
CA LEU H 116 35.69 20.24 -12.22
C LEU H 116 34.34 19.58 -11.91
N ALA H 117 33.88 18.75 -12.83
CA ALA H 117 32.56 18.18 -12.75
C ALA H 117 32.51 16.79 -13.37
N GLY H 118 31.35 16.18 -13.26
CA GLY H 118 31.09 14.83 -13.74
C GLY H 118 29.91 14.87 -14.67
N MET H 119 29.81 13.87 -15.53
CA MET H 119 28.69 13.75 -16.43
C MET H 119 28.23 12.30 -16.31
N GLY H 120 27.07 12.10 -15.68
CA GLY H 120 26.51 10.77 -15.48
C GLY H 120 26.02 10.24 -16.81
N ILE H 121 26.58 9.14 -17.27
CA ILE H 121 26.41 8.77 -18.68
C ILE H 121 26.51 7.26 -18.82
N GLY H 122 25.41 6.61 -18.45
CA GLY H 122 25.19 5.21 -18.67
C GLY H 122 26.18 4.24 -18.06
N PHE H 123 26.06 2.98 -18.45
CA PHE H 123 26.93 1.92 -17.93
C PHE H 123 27.76 1.25 -19.02
N PHE H 124 27.13 0.95 -20.14
CA PHE H 124 27.75 0.15 -21.20
C PHE H 124 28.41 1.08 -22.24
N LYS H 125 29.26 2.01 -21.77
CA LYS H 125 30.16 2.79 -22.64
C LYS H 125 31.59 2.25 -22.45
N ASP H 126 32.29 2.03 -23.57
CA ASP H 126 33.63 1.42 -23.61
C ASP H 126 34.67 2.26 -22.84
N THR H 127 34.88 3.50 -23.31
CA THR H 127 35.74 4.46 -22.64
C THR H 127 34.93 5.65 -22.12
N PHE H 128 35.47 6.24 -21.05
CA PHE H 128 34.92 7.42 -20.42
C PHE H 128 35.76 8.61 -20.87
N GLU H 129 35.11 9.55 -21.55
CA GLU H 129 35.76 10.73 -22.09
C GLU H 129 35.78 11.82 -21.02
N VAL H 130 36.42 12.93 -21.37
CA VAL H 130 36.30 14.18 -20.64
C VAL H 130 35.80 15.23 -21.62
N TRP H 131 34.67 15.86 -21.31
CA TRP H 131 34.18 16.97 -22.11
C TRP H 131 34.61 18.28 -21.47
N GLY H 132 34.44 19.35 -22.24
CA GLY H 132 34.86 20.67 -21.81
C GLY H 132 33.98 21.76 -22.37
N ILE H 133 34.04 22.92 -21.73
CA ILE H 133 33.40 24.10 -22.28
C ILE H 133 34.14 25.30 -21.72
N GLY H 134 34.22 26.34 -22.54
CA GLY H 134 34.96 27.54 -22.22
C GLY H 134 34.06 28.75 -22.19
N GLY H 135 34.50 29.77 -21.45
CA GLY H 135 33.75 31.00 -21.33
C GLY H 135 33.49 31.70 -22.66
N SER H 136 34.44 31.60 -23.57
CA SER H 136 34.38 32.22 -24.89
C SER H 136 35.01 31.23 -25.88
N GLU H 137 34.97 31.59 -27.16
CA GLU H 137 35.52 30.71 -28.19
C GLU H 137 37.05 30.50 -28.02
N GLU H 138 37.74 31.49 -27.46
CA GLU H 138 39.19 31.39 -27.18
C GLU H 138 39.51 30.20 -26.27
N GLU H 139 38.73 30.04 -25.21
CA GLU H 139 38.95 28.95 -24.25
C GLU H 139 38.49 27.62 -24.80
N ASN H 140 37.42 27.62 -25.60
CA ASN H 140 37.01 26.43 -26.36
C ASN H 140 38.14 25.92 -27.24
N LYS H 141 38.82 26.84 -27.92
CA LYS H 141 39.98 26.52 -28.77
C LYS H 141 41.09 25.86 -27.96
N GLU H 142 41.45 26.44 -26.81
CA GLU H 142 42.47 25.85 -25.93
C GLU H 142 42.16 24.42 -25.56
N LEU H 143 40.91 24.18 -25.19
CA LEU H 143 40.49 22.86 -24.76
C LEU H 143 40.54 21.89 -25.92
N GLU H 144 40.17 22.36 -27.11
CA GLU H 144 40.26 21.54 -28.34
C GLU H 144 41.71 21.11 -28.58
N SER H 145 42.62 22.07 -28.43
CA SER H 145 44.05 21.81 -28.62
C SER H 145 44.70 20.93 -27.55
N LEU H 146 43.98 20.59 -26.47
CA LEU H 146 44.41 19.51 -25.55
C LEU H 146 43.57 18.24 -25.80
N GLY H 147 42.93 18.18 -26.97
CA GLY H 147 42.06 17.05 -27.34
C GLY H 147 40.90 16.75 -26.42
N VAL H 148 40.29 17.81 -25.89
CA VAL H 148 39.07 17.69 -25.09
C VAL H 148 37.92 17.99 -26.03
N LYS H 149 36.91 17.14 -26.03
CA LYS H 149 35.70 17.37 -26.83
C LYS H 149 34.94 18.56 -26.26
N ILE H 150 34.56 19.49 -27.12
CA ILE H 150 33.72 20.61 -26.69
C ILE H 150 32.26 20.21 -26.68
N LEU H 151 31.60 20.56 -25.59
CA LEU H 151 30.20 20.29 -25.37
C LEU H 151 29.40 21.29 -26.20
N LYS H 152 28.51 20.79 -27.06
CA LYS H 152 27.73 21.66 -27.96
C LYS H 152 26.45 22.12 -27.29
N TYR H 153 25.73 21.15 -26.72
CA TYR H 153 24.47 21.39 -26.04
C TYR H 153 24.46 20.67 -24.69
N GLY H 154 23.82 21.29 -23.72
CA GLY H 154 23.72 20.72 -22.38
C GLY H 154 23.36 21.78 -21.35
N SER H 155 23.28 21.36 -20.09
CA SER H 155 23.22 22.28 -19.00
C SER H 155 24.14 21.83 -17.92
N ILE H 156 24.71 22.82 -17.24
CA ILE H 156 25.64 22.57 -16.17
C ILE H 156 25.06 23.32 -15.02
N THR H 157 24.58 22.58 -14.03
CA THR H 157 23.94 23.17 -12.85
C THR H 157 24.92 23.31 -11.74
N GLY H 158 24.55 24.08 -10.73
CA GLY H 158 25.38 24.20 -9.54
C GLY H 158 26.50 25.18 -9.73
N MET H 159 27.44 25.12 -8.80
CA MET H 159 28.53 26.09 -8.72
C MET H 159 29.28 26.17 -10.07
N SER H 160 29.51 25.02 -10.70
CA SER H 160 30.26 24.97 -11.94
C SER H 160 29.63 25.80 -13.01
N GLY H 161 28.34 25.58 -13.21
CA GLY H 161 27.57 26.34 -14.17
C GLY H 161 27.52 27.81 -13.91
N LYS H 162 27.40 28.20 -12.64
CA LYS H 162 27.32 29.61 -12.29
C LYS H 162 28.67 30.26 -12.50
N LEU H 163 29.75 29.63 -12.01
CA LEU H 163 31.09 30.19 -12.20
C LEU H 163 31.45 30.36 -13.66
N LEU H 164 31.14 29.35 -14.45
CA LEU H 164 31.40 29.41 -15.88
C LEU H 164 30.87 30.73 -16.47
N TRP H 165 29.60 31.01 -16.23
CA TRP H 165 28.95 32.19 -16.75
C TRP H 165 29.48 33.47 -16.09
N GLU H 166 29.43 33.51 -14.77
CA GLU H 166 29.76 34.73 -14.00
C GLU H 166 31.20 35.17 -14.19
N ALA H 167 32.13 34.22 -14.14
CA ALA H 167 33.55 34.52 -14.34
C ALA H 167 33.85 35.01 -15.76
N SER H 168 33.26 34.38 -16.76
CA SER H 168 33.43 34.85 -18.17
C SER H 168 32.83 36.25 -18.35
N ARG H 169 31.64 36.48 -17.79
CA ARG H 169 31.01 37.80 -17.84
C ARG H 169 31.82 38.90 -17.14
N ALA H 170 32.68 38.54 -16.21
CA ALA H 170 33.59 39.48 -15.55
C ALA H 170 34.96 39.57 -16.28
N GLY H 171 35.05 39.03 -17.50
CA GLY H 171 36.27 39.07 -18.27
C GLY H 171 37.36 38.11 -17.87
N LEU H 172 37.03 37.04 -17.15
CA LEU H 172 38.02 36.04 -16.74
C LEU H 172 37.95 34.86 -17.69
N LYS H 173 39.06 34.16 -17.84
CA LYS H 173 39.10 32.99 -18.71
C LYS H 173 38.56 31.85 -17.85
N SER H 174 37.44 31.27 -18.26
CA SER H 174 36.76 30.28 -17.45
C SER H 174 36.47 29.01 -18.23
N TYR H 175 36.53 27.89 -17.53
CA TYR H 175 36.38 26.58 -18.15
C TYR H 175 35.61 25.67 -17.20
N VAL H 176 34.97 24.65 -17.78
CA VAL H 176 34.51 23.50 -17.02
C VAL H 176 34.97 22.22 -17.70
N LEU H 177 35.51 21.30 -16.92
CA LEU H 177 35.84 19.96 -17.35
C LEU H 177 34.85 18.99 -16.74
N LEU H 178 34.31 18.09 -17.56
CA LEU H 178 33.31 17.13 -17.13
C LEU H 178 33.78 15.73 -17.45
N GLY H 179 34.12 14.96 -16.42
CA GLY H 179 34.49 13.56 -16.63
C GLY H 179 33.26 12.71 -16.75
N GLU H 180 33.09 12.02 -17.87
CA GLU H 180 32.06 10.97 -17.99
C GLU H 180 32.25 9.92 -16.90
N THR H 181 31.14 9.52 -16.30
CA THR H 181 31.11 8.48 -15.26
C THR H 181 29.77 7.73 -15.31
N PHE H 182 29.68 6.65 -14.53
CA PHE H 182 28.48 5.81 -14.46
C PHE H 182 27.29 6.64 -14.04
N GLY H 183 27.45 7.40 -12.98
CA GLY H 183 26.45 8.34 -12.49
C GLY H 183 25.83 7.98 -11.15
N ASP H 184 26.29 6.90 -10.54
CA ASP H 184 25.67 6.30 -9.36
C ASP H 184 26.65 5.94 -8.25
N ARG H 185 27.92 6.34 -8.35
CA ARG H 185 28.93 5.89 -7.39
C ARG H 185 30.19 6.74 -7.47
N PRO H 186 30.99 6.76 -6.38
CA PRO H 186 32.28 7.45 -6.43
C PRO H 186 33.15 6.81 -7.49
N ASP H 187 33.73 7.63 -8.37
CA ASP H 187 34.48 7.13 -9.52
C ASP H 187 35.87 7.77 -9.64
N PRO H 188 36.86 7.21 -8.90
CA PRO H 188 38.21 7.75 -9.01
C PRO H 188 38.82 7.66 -10.40
N ARG H 189 38.37 6.72 -11.23
CA ARG H 189 38.89 6.60 -12.59
C ARG H 189 38.56 7.83 -13.41
N ALA H 190 37.30 8.24 -13.37
CA ALA H 190 36.87 9.44 -14.11
C ALA H 190 37.56 10.71 -13.58
N ALA H 191 37.81 10.75 -12.27
CA ALA H 191 38.54 11.85 -11.66
C ALA H 191 39.95 11.89 -12.25
N ALA H 192 40.56 10.71 -12.39
CA ALA H 192 41.88 10.60 -12.99
C ALA H 192 41.91 11.17 -14.41
N ASN H 193 40.94 10.78 -15.23
CA ASN H 193 40.81 11.36 -16.57
C ASN H 193 40.83 12.88 -16.54
N VAL H 194 40.11 13.46 -15.59
CA VAL H 194 40.02 14.90 -15.44
C VAL H 194 41.36 15.48 -14.98
N VAL H 195 41.99 14.84 -14.00
CA VAL H 195 43.31 15.28 -13.53
C VAL H 195 44.36 15.25 -14.68
N GLU H 196 44.31 14.22 -15.53
CA GLU H 196 45.16 14.12 -16.73
C GLU H 196 45.00 15.34 -17.62
N VAL H 197 43.76 15.73 -17.88
CA VAL H 197 43.48 16.92 -18.70
C VAL H 197 44.00 18.18 -18.03
N LEU H 198 43.96 18.21 -16.71
CA LEU H 198 44.41 19.34 -15.94
C LEU H 198 45.93 19.44 -15.98
N ASN H 199 46.62 18.29 -15.95
CA ASN H 199 48.08 18.23 -16.17
C ASN H 199 48.49 18.91 -17.49
N LYS H 200 47.83 18.53 -18.58
CA LYS H 200 48.12 19.12 -19.89
C LYS H 200 47.84 20.62 -19.84
N MET H 201 46.71 21.01 -19.27
CA MET H 201 46.27 22.41 -19.25
C MET H 201 47.21 23.32 -18.45
N LEU H 202 47.81 22.80 -17.38
CA LEU H 202 48.59 23.64 -16.47
C LEU H 202 50.05 23.18 -16.32
N GLY H 203 50.45 22.14 -17.05
CA GLY H 203 51.77 21.55 -16.98
C GLY H 203 52.17 21.12 -15.58
N LEU H 204 51.38 20.25 -14.96
CA LEU H 204 51.61 19.90 -13.55
C LEU H 204 52.29 18.57 -13.30
N ASN H 205 52.24 17.65 -14.26
CA ASN H 205 52.85 16.32 -14.08
C ASN H 205 52.56 15.63 -12.74
N VAL H 206 51.27 15.52 -12.40
CA VAL H 206 50.82 14.75 -11.24
C VAL H 206 50.39 13.38 -11.75
N SER H 207 50.97 12.34 -11.14
CA SER H 207 50.60 10.98 -11.48
C SER H 207 49.21 10.69 -10.93
N VAL H 208 48.37 10.17 -11.82
CA VAL H 208 47.06 9.66 -11.46
C VAL H 208 47.07 8.18 -11.07
N GLU H 209 48.24 7.62 -10.78
CA GLU H 209 48.36 6.20 -10.43
C GLU H 209 47.65 5.88 -9.11
N PRO H 210 47.93 6.66 -8.04
CA PRO H 210 47.30 6.36 -6.74
C PRO H 210 45.78 6.31 -6.80
N LEU H 211 45.21 7.13 -7.69
CA LEU H 211 43.79 7.18 -7.91
C LEU H 211 43.31 5.89 -8.58
N LEU H 212 43.97 5.49 -9.67
CA LEU H 212 43.64 4.22 -10.34
C LEU H 212 43.87 2.99 -9.41
N LYS H 213 44.87 3.07 -8.54
CA LYS H 213 45.17 2.05 -7.55
C LYS H 213 44.01 1.94 -6.53
N GLU H 214 43.60 3.10 -6.04
CA GLU H 214 42.50 3.23 -5.11
C GLU H 214 41.23 2.55 -5.66
N ALA H 215 40.94 2.79 -6.94
CA ALA H 215 39.79 2.19 -7.58
C ALA H 215 39.86 0.67 -7.64
N GLU H 216 41.05 0.14 -7.95
CA GLU H 216 41.25 -1.30 -8.02
C GLU H 216 41.05 -1.91 -6.64
N MET H 217 41.70 -1.33 -5.64
CA MET H 217 41.59 -1.84 -4.26
C MET H 217 40.14 -1.87 -3.71
N ILE H 218 39.34 -0.88 -4.07
CA ILE H 218 37.94 -0.82 -3.69
C ILE H 218 37.17 -1.97 -4.34
N GLU H 219 37.34 -2.12 -5.65
CA GLU H 219 36.70 -3.17 -6.41
C GLU H 219 37.15 -4.58 -5.98
N GLU H 220 38.44 -4.77 -5.73
CA GLU H 220 38.96 -6.03 -5.17
C GLU H 220 38.31 -6.34 -3.83
N GLN H 221 38.27 -5.35 -2.94
CA GLN H 221 37.61 -5.51 -1.64
C GLN H 221 36.14 -5.91 -1.75
N LEU H 222 35.40 -5.26 -2.66
CA LEU H 222 33.99 -5.58 -2.87
C LEU H 222 33.81 -7.03 -3.32
N ARG H 223 34.57 -7.43 -4.34
CA ARG H 223 34.53 -8.79 -4.87
C ARG H 223 34.82 -9.80 -3.76
N ARG H 224 35.85 -9.51 -2.97
CA ARG H 224 36.29 -10.40 -1.90
C ARG H 224 35.24 -10.50 -0.78
N MET H 225 34.61 -9.38 -0.44
CA MET H 225 33.57 -9.38 0.60
C MET H 225 32.35 -10.14 0.12
N HIS H 226 31.94 -9.91 -1.11
CA HIS H 226 30.83 -10.66 -1.69
C HIS H 226 31.13 -12.18 -1.73
N GLU H 227 32.35 -12.55 -2.09
CA GLU H 227 32.80 -13.96 -2.06
C GLU H 227 32.61 -14.54 -0.66
N GLN H 228 33.17 -13.87 0.33
CA GLN H 228 33.12 -14.36 1.69
C GLN H 228 31.71 -14.44 2.28
N MET H 229 30.87 -13.48 1.92
CA MET H 229 29.45 -13.48 2.30
C MET H 229 28.74 -14.73 1.79
N GLU H 230 28.87 -14.97 0.50
CA GLU H 230 28.20 -16.10 -0.15
C GLU H 230 28.76 -17.45 0.29
N GLU H 231 30.07 -17.51 0.49
CA GLU H 231 30.73 -18.69 1.02
C GLU H 231 30.26 -18.97 2.46
N ALA H 232 30.08 -17.92 3.24
CA ALA H 232 29.57 -18.07 4.60
C ALA H 232 28.12 -18.61 4.66
N ARG H 233 27.22 -18.15 3.79
CA ARG H 233 25.84 -18.67 3.84
C ARG H 233 25.76 -20.11 3.30
N ARG H 234 26.55 -20.45 2.29
CA ARG H 234 26.68 -21.83 1.83
C ARG H 234 27.18 -22.76 2.94
N LYS H 235 28.18 -22.31 3.71
CA LYS H 235 28.65 -23.09 4.85
C LYS H 235 27.53 -23.28 5.87
N MET H 236 26.79 -22.22 6.15
CA MET H 236 25.71 -22.29 7.13
C MET H 236 24.57 -23.24 6.68
N GLU H 237 24.22 -23.20 5.39
CA GLU H 237 23.24 -24.14 4.81
C GLU H 237 23.68 -25.60 4.95
N ARG H 238 24.93 -25.88 4.56
CA ARG H 238 25.53 -27.23 4.68
C ARG H 238 25.50 -27.67 6.16
N GLN H 239 25.78 -26.73 7.06
CA GLN H 239 25.84 -27.00 8.48
C GLN H 239 24.45 -27.27 9.06
N TYR H 240 23.45 -26.47 8.66
CA TYR H 240 22.05 -26.67 9.02
C TYR H 240 21.58 -28.07 8.59
N GLU H 241 21.87 -28.43 7.34
CA GLU H 241 21.46 -29.71 6.78
C GLU H 241 22.09 -30.89 7.52
N THR H 242 23.41 -30.83 7.78
CA THR H 242 24.07 -31.98 8.45
C THR H 242 23.54 -32.10 9.89
N MET H 243 23.25 -30.98 10.53
CA MET H 243 22.74 -30.99 11.90
C MET H 243 21.30 -31.50 12.02
N TYR H 244 20.46 -31.16 11.04
CA TYR H 244 19.01 -31.26 11.22
C TYR H 244 18.23 -32.14 10.26
N LEU H 245 18.76 -32.46 9.08
CA LEU H 245 18.10 -33.42 8.18
C LEU H 245 18.03 -34.76 8.90
N LYS I 8 18.61 41.42 17.10
CA LYS I 8 19.55 40.27 17.41
C LYS I 8 18.75 39.02 17.74
N PRO I 9 18.94 37.92 16.97
CA PRO I 9 18.08 36.74 17.17
C PRO I 9 18.32 35.93 18.43
N VAL I 10 19.55 35.96 18.96
CA VAL I 10 19.88 35.18 20.16
C VAL I 10 20.61 36.03 21.20
N ASN I 11 20.09 36.01 22.42
CA ASN I 11 20.70 36.69 23.56
C ASN I 11 21.14 35.68 24.57
N LEU I 12 22.42 35.76 24.90
CA LEU I 12 23.00 34.97 25.95
C LEU I 12 22.84 35.77 27.23
N VAL I 13 22.09 35.24 28.18
CA VAL I 13 21.93 35.84 29.49
C VAL I 13 22.81 35.02 30.43
N LEU I 14 24.02 35.51 30.65
CA LEU I 14 25.05 34.72 31.31
C LEU I 14 26.10 35.66 31.94
N PRO I 15 26.22 35.67 33.28
CA PRO I 15 27.31 36.41 33.91
C PRO I 15 28.69 35.99 33.43
N GLU I 16 29.63 36.93 33.46
CA GLU I 16 31.00 36.66 33.05
C GLU I 16 31.67 35.82 34.14
N VAL I 17 32.46 34.85 33.73
CA VAL I 17 33.17 33.95 34.61
C VAL I 17 34.57 33.90 33.98
N GLU I 18 35.50 34.57 34.65
CA GLU I 18 36.80 34.83 34.06
C GLU I 18 37.53 33.50 33.94
N ASN I 19 38.20 33.32 32.80
CA ASN I 19 39.00 32.12 32.55
C ASN I 19 38.19 30.83 32.67
N ALA I 20 36.92 30.90 32.24
CA ALA I 20 35.97 29.79 32.36
C ALA I 20 36.43 28.54 31.64
N ILE I 21 36.16 27.41 32.27
CA ILE I 21 36.21 26.11 31.62
C ILE I 21 34.77 25.86 31.19
N PHE I 22 34.53 25.88 29.87
CA PHE I 22 33.18 25.76 29.31
C PHE I 22 32.99 24.33 28.77
N ILE I 23 32.00 23.63 29.32
CA ILE I 23 31.65 22.28 28.89
C ILE I 23 30.23 22.26 28.31
N GLU I 24 30.08 21.75 27.08
CA GLU I 24 28.79 21.75 26.37
C GLU I 24 28.35 20.32 26.09
N GLY I 25 27.13 19.98 26.52
CA GLY I 25 26.54 18.64 26.24
C GLY I 25 25.12 18.77 25.72
N TYR I 26 25.02 19.14 24.44
CA TYR I 26 23.72 19.29 23.77
C TYR I 26 23.24 17.88 23.37
N PRO I 27 21.93 17.68 23.23
CA PRO I 27 21.45 16.35 22.88
C PRO I 27 22.02 15.84 21.57
N GLY I 28 22.18 14.53 21.49
CA GLY I 28 22.89 13.92 20.39
C GLY I 28 22.80 12.42 20.54
N VAL I 29 23.45 11.72 19.62
CA VAL I 29 23.41 10.27 19.64
C VAL I 29 23.70 9.72 21.03
N GLY I 30 22.86 8.79 21.45
CA GLY I 30 23.01 8.13 22.74
C GLY I 30 22.67 8.94 23.97
N LEU I 31 22.36 10.24 23.77
CA LEU I 31 22.39 11.23 24.87
C LEU I 31 23.70 11.20 25.70
N VAL I 32 24.81 10.83 25.06
CA VAL I 32 26.10 10.64 25.76
C VAL I 32 26.55 11.97 26.36
N GLY I 33 26.81 12.95 25.48
CA GLY I 33 27.12 14.30 25.88
C GLY I 33 26.18 14.83 26.94
N HIS I 34 24.89 14.66 26.67
CA HIS I 34 23.85 15.25 27.48
C HIS I 34 23.84 14.67 28.89
N ILE I 35 23.98 13.35 28.98
CA ILE I 35 23.96 12.69 30.28
C ILE I 35 25.21 13.05 31.07
N ALA I 36 26.36 13.01 30.39
CA ALA I 36 27.63 13.41 30.98
C ALA I 36 27.58 14.82 31.56
N ALA I 37 27.19 15.78 30.74
CA ALA I 37 27.12 17.16 31.18
C ALA I 37 26.16 17.34 32.34
N ASN I 38 25.03 16.66 32.28
CA ASN I 38 23.99 16.85 33.28
C ASN I 38 24.48 16.23 34.60
N PHE I 39 25.17 15.11 34.50
CA PHE I 39 25.70 14.43 35.66
C PHE I 39 26.75 15.29 36.38
N LEU I 40 27.70 15.84 35.62
CA LEU I 40 28.68 16.76 36.18
C LEU I 40 28.04 17.96 36.84
N ALA I 41 27.06 18.57 36.20
CA ALA I 41 26.40 19.72 36.82
C ALA I 41 25.80 19.35 38.17
N LYS I 42 25.20 18.17 38.25
CA LYS I 42 24.53 17.71 39.47
C LYS I 42 25.56 17.39 40.56
N GLU I 43 26.52 16.54 40.22
CA GLU I 43 27.54 16.07 41.16
C GLU I 43 28.44 17.18 41.71
N LEU I 44 28.67 18.25 40.94
CA LEU I 44 29.39 19.41 41.43
C LEU I 44 28.47 20.50 42.02
N ASP I 45 27.24 20.14 42.38
CA ASP I 45 26.27 21.06 43.00
C ASP I 45 26.29 22.46 42.36
N MET I 46 26.17 22.49 41.03
CA MET I 46 26.21 23.75 40.29
C MET I 46 24.90 24.49 40.43
N ASP I 47 24.94 25.79 40.23
CA ASP I 47 23.75 26.62 40.26
C ASP I 47 23.37 26.95 38.83
N LEU I 48 22.10 27.22 38.62
CA LEU I 48 21.62 27.74 37.34
C LEU I 48 22.07 29.19 37.27
N ILE I 49 23.01 29.50 36.39
CA ILE I 49 23.56 30.86 36.28
C ILE I 49 23.10 31.65 35.09
N GLY I 50 22.54 30.98 34.08
CA GLY I 50 22.09 31.67 32.89
C GLY I 50 21.38 30.81 31.86
N TYR I 51 21.06 31.43 30.72
CA TYR I 51 20.30 30.76 29.70
C TYR I 51 20.39 31.45 28.35
N VAL I 52 19.96 30.73 27.32
CA VAL I 52 19.85 31.27 25.97
C VAL I 52 18.40 31.69 25.79
N ASP I 53 18.21 32.86 25.20
CA ASP I 53 16.93 33.46 25.01
C ASP I 53 16.80 33.82 23.56
N SER I 54 15.71 33.40 22.92
CA SER I 54 15.46 33.67 21.51
C SER I 54 14.02 33.38 21.19
N LEU I 55 13.43 34.24 20.36
CA LEU I 55 12.10 34.01 19.84
C LEU I 55 11.97 32.71 19.06
N PHE I 56 13.09 32.21 18.54
CA PHE I 56 13.11 31.00 17.71
C PHE I 56 13.30 29.72 18.50
N ILE I 57 13.50 29.84 19.81
CA ILE I 57 13.45 28.69 20.70
C ILE I 57 11.98 28.48 21.04
N PRO I 58 11.47 27.26 20.80
CA PRO I 58 10.04 27.09 21.00
C PRO I 58 9.65 27.27 22.45
N PRO I 59 8.44 27.83 22.67
CA PRO I 59 7.98 28.14 24.01
C PRO I 59 7.84 26.92 24.87
N MET I 60 8.56 26.89 25.99
CA MET I 60 8.36 25.89 27.04
C MET I 60 9.11 26.29 28.30
N SER I 61 8.73 25.68 29.41
CA SER I 61 9.56 25.59 30.61
C SER I 61 9.74 24.13 30.93
N LEU I 62 10.96 23.78 31.26
CA LEU I 62 11.25 22.52 31.91
C LEU I 62 11.08 22.77 33.40
N ILE I 63 10.62 21.77 34.12
CA ILE I 63 10.54 21.83 35.55
C ILE I 63 11.57 20.85 36.07
N LEU I 64 12.55 21.34 36.83
CA LEU I 64 13.58 20.49 37.46
C LEU I 64 13.67 20.76 38.95
N GLU I 65 13.44 19.73 39.77
CA GLU I 65 13.35 19.90 41.25
C GLU I 65 12.38 21.03 41.60
N GLY I 66 11.22 21.05 40.96
CA GLY I 66 10.22 22.10 41.19
C GLY I 66 10.62 23.54 40.86
N ARG I 67 11.65 23.74 40.04
CA ARG I 67 11.99 25.07 39.54
C ARG I 67 11.81 25.14 38.03
N PRO I 68 11.03 26.12 37.54
CA PRO I 68 10.99 26.37 36.11
C PRO I 68 12.35 26.73 35.58
N THR I 69 12.80 26.05 34.52
CA THR I 69 14.05 26.41 33.85
C THR I 69 13.84 26.44 32.33
N PRO I 70 14.59 27.28 31.59
CA PRO I 70 14.47 27.28 30.13
C PRO I 70 15.14 26.08 29.51
N PRO I 71 14.80 25.76 28.27
CA PRO I 71 15.33 24.56 27.63
C PRO I 71 16.83 24.61 27.30
N LEU I 72 17.39 25.80 27.08
CA LEU I 72 18.82 25.98 26.90
C LEU I 72 19.35 26.79 28.05
N ARG I 73 20.19 26.17 28.87
CA ARG I 73 20.65 26.81 30.09
C ARG I 73 22.10 26.53 30.41
N PHE I 74 22.62 27.34 31.33
CA PHE I 74 23.99 27.25 31.79
C PHE I 74 24.03 27.03 33.31
N TYR I 75 24.82 26.04 33.72
CA TYR I 75 25.09 25.76 35.13
C TYR I 75 26.53 26.16 35.44
N GLY I 76 26.77 26.60 36.67
CA GLY I 76 28.09 27.03 37.08
C GLY I 76 28.44 26.72 38.53
N LYS I 77 29.74 26.45 38.74
CA LYS I 77 30.37 26.44 40.05
C LYS I 77 31.75 26.99 39.84
N ASN I 78 32.04 28.14 40.45
CA ASN I 78 33.31 28.86 40.37
C ASN I 78 34.25 28.38 39.27
N ASN I 79 34.21 29.01 38.11
CA ASN I 79 35.16 28.74 36.97
C ASN I 79 34.76 27.66 35.95
N ILE I 80 33.91 26.71 36.33
CA ILE I 80 33.34 25.76 35.34
C ILE I 80 31.91 26.19 34.98
N ILE I 81 31.67 26.34 33.66
CA ILE I 81 30.33 26.52 33.11
C ILE I 81 29.94 25.24 32.35
N ILE I 82 28.73 24.74 32.61
CA ILE I 82 28.18 23.60 31.86
C ILE I 82 26.93 24.04 31.11
N ALA I 83 26.98 23.85 29.78
CA ALA I 83 25.88 24.23 28.87
C ALA I 83 25.05 22.99 28.52
N ILE I 84 23.74 23.08 28.80
CA ILE I 84 22.77 22.02 28.60
C ILE I 84 21.63 22.51 27.71
N ALA I 85 21.13 21.62 26.87
CA ALA I 85 19.90 21.85 26.09
C ALA I 85 18.99 20.62 26.18
N ASP I 86 17.68 20.84 26.20
CA ASP I 86 16.71 19.72 26.17
C ASP I 86 15.95 19.56 24.86
N ILE I 87 16.38 20.26 23.80
CA ILE I 87 15.73 20.18 22.51
C ILE I 87 16.79 20.17 21.43
N PHE I 88 16.48 19.55 20.30
CA PHE I 88 17.30 19.69 19.12
C PHE I 88 16.89 21.01 18.55
N LEU I 89 17.77 21.63 17.78
CA LEU I 89 17.51 22.92 17.22
C LEU I 89 17.88 22.96 15.76
N PRO I 90 17.20 23.81 14.99
CA PRO I 90 17.55 23.89 13.57
C PRO I 90 18.96 24.49 13.33
N PRO I 91 19.62 24.08 12.23
CA PRO I 91 21.02 24.40 12.00
C PRO I 91 21.39 25.88 12.10
N THR I 92 20.61 26.73 11.47
CA THR I 92 20.94 28.16 11.49
C THR I 92 20.90 28.75 12.89
N LEU I 93 19.97 28.29 13.73
CA LEU I 93 19.86 28.76 15.10
C LEU I 93 21.06 28.29 15.92
N VAL I 94 21.43 27.04 15.76
CA VAL I 94 22.64 26.49 16.35
C VAL I 94 23.85 27.38 16.03
N ASN I 95 24.00 27.76 14.77
CA ASN I 95 25.11 28.61 14.36
C ASN I 95 25.06 29.98 15.07
N GLU I 96 23.88 30.56 15.17
CA GLU I 96 23.69 31.83 15.86
C GLU I 96 24.00 31.71 17.35
N ILE I 97 23.61 30.62 17.97
CA ILE I 97 23.94 30.40 19.37
C ILE I 97 25.45 30.22 19.53
N ALA I 98 26.07 29.47 18.64
CA ALA I 98 27.51 29.25 18.68
C ALA I 98 28.29 30.55 18.60
N LYS I 99 27.82 31.47 17.75
CA LYS I 99 28.43 32.79 17.59
C LYS I 99 28.43 33.51 18.95
N GLU I 100 27.27 33.59 19.57
CA GLU I 100 27.14 34.26 20.85
C GLU I 100 27.96 33.61 21.95
N ILE I 101 28.04 32.30 21.95
CA ILE I 101 28.82 31.56 22.95
C ILE I 101 30.30 31.87 22.78
N VAL I 102 30.80 31.83 21.55
CA VAL I 102 32.21 32.10 21.29
C VAL I 102 32.57 33.55 21.62
N ASN I 103 31.70 34.51 21.32
CA ASN I 103 31.87 35.90 21.74
C ASN I 103 32.04 35.98 23.23
N TYR I 104 31.20 35.28 23.98
CA TYR I 104 31.27 35.28 25.44
C TYR I 104 32.58 34.67 25.91
N LEU I 105 33.02 33.59 25.27
CA LEU I 105 34.24 32.91 25.69
C LEU I 105 35.52 33.70 25.36
N LYS I 106 35.55 34.45 24.26
CA LYS I 106 36.62 35.44 24.01
C LYS I 106 36.62 36.50 25.11
N LYS I 107 35.48 37.13 25.33
CA LYS I 107 35.31 38.17 26.36
C LYS I 107 35.95 37.80 27.68
N VAL I 108 35.68 36.57 28.13
CA VAL I 108 36.10 36.10 29.46
C VAL I 108 37.43 35.32 29.46
N ASN I 109 38.11 35.27 28.31
CA ASN I 109 39.39 34.57 28.16
C ASN I 109 39.29 33.15 28.69
N ALA I 110 38.33 32.39 28.15
CA ALA I 110 38.07 31.04 28.60
C ALA I 110 39.32 30.19 28.43
N GLU I 111 39.57 29.35 29.43
CA GLU I 111 40.77 28.54 29.49
C GLU I 111 40.61 27.33 28.57
N LYS I 112 39.45 26.68 28.67
CA LYS I 112 39.11 25.49 27.86
C LYS I 112 37.66 25.52 27.38
N VAL I 113 37.46 25.03 26.16
CA VAL I 113 36.14 24.86 25.54
C VAL I 113 35.99 23.40 25.16
N ILE I 114 35.18 22.68 25.92
CA ILE I 114 35.07 21.24 25.78
C ILE I 114 33.65 20.84 25.39
N SER I 115 33.51 20.13 24.28
CA SER I 115 32.19 19.66 23.83
C SER I 115 32.11 18.18 24.11
N LEU I 116 30.99 17.76 24.68
CA LEU I 116 30.71 16.34 24.95
C LEU I 116 29.73 15.77 23.93
N ALA I 117 30.08 14.62 23.38
CA ALA I 117 29.33 14.04 22.28
C ALA I 117 29.38 12.53 22.31
N GLY I 118 28.62 11.94 21.39
CA GLY I 118 28.48 10.50 21.26
C GLY I 118 28.86 10.11 19.85
N MET I 119 29.24 8.86 19.68
CA MET I 119 29.55 8.33 18.36
C MET I 119 28.78 7.02 18.26
N GLY I 120 27.75 7.00 17.41
CA GLY I 120 26.90 5.82 17.24
C GLY I 120 27.69 4.81 16.45
N ILE I 121 27.92 3.64 17.05
CA ILE I 121 28.93 2.73 16.52
C ILE I 121 28.56 1.29 16.86
N GLY I 122 27.62 0.79 16.08
CA GLY I 122 27.27 -0.61 16.07
C GLY I 122 26.72 -1.18 17.37
N PHE I 123 26.58 -2.50 17.40
CA PHE I 123 26.11 -3.22 18.59
C PHE I 123 27.14 -4.20 19.13
N PHE I 124 27.77 -4.95 18.22
CA PHE I 124 28.69 -5.99 18.55
C PHE I 124 30.14 -5.49 18.68
N LYS I 125 30.34 -4.41 19.45
CA LYS I 125 31.68 -3.98 19.88
C LYS I 125 31.85 -4.34 21.37
N ASP I 126 32.99 -4.98 21.70
CA ASP I 126 33.29 -5.50 23.04
C ASP I 126 33.33 -4.39 24.10
N THR I 127 34.25 -3.44 23.92
CA THR I 127 34.32 -2.23 24.75
C THR I 127 34.00 -0.97 23.94
N PHE I 128 33.48 0.02 24.66
CA PHE I 128 33.14 1.32 24.12
C PHE I 128 34.25 2.30 24.52
N GLU I 129 34.93 2.85 23.51
CA GLU I 129 36.03 3.76 23.72
C GLU I 129 35.49 5.18 23.87
N VAL I 130 36.42 6.11 24.13
CA VAL I 130 36.17 7.52 24.01
C VAL I 130 37.19 8.08 23.03
N TRP I 131 36.72 8.71 21.96
CA TRP I 131 37.59 9.41 21.03
C TRP I 131 37.65 10.88 21.39
N GLY I 132 38.60 11.58 20.77
CA GLY I 132 38.84 12.99 21.04
C GLY I 132 39.37 13.71 19.82
N ILE I 133 39.24 15.03 19.85
CA ILE I 133 39.87 15.86 18.85
C ILE I 133 40.06 17.22 19.46
N GLY I 134 41.15 17.89 19.08
CA GLY I 134 41.52 19.18 19.62
C GLY I 134 41.57 20.24 18.56
N GLY I 135 41.42 21.48 18.99
CA GLY I 135 41.45 22.64 18.09
C GLY I 135 42.73 22.75 17.29
N SER I 136 43.84 22.38 17.92
CA SER I 136 45.17 22.43 17.31
C SER I 136 45.93 21.20 17.76
N GLU I 137 47.14 21.02 17.24
CA GLU I 137 47.97 19.86 17.60
C GLU I 137 48.31 19.84 19.10
N GLU I 138 48.41 21.02 19.73
CA GLU I 138 48.66 21.12 21.18
C GLU I 138 47.61 20.38 22.00
N GLU I 139 46.34 20.60 21.65
CA GLU I 139 45.23 19.97 22.38
C GLU I 139 45.09 18.50 22.04
N ASN I 140 45.39 18.13 20.79
CA ASN I 140 45.49 16.72 20.41
C ASN I 140 46.51 15.99 21.27
N LYS I 141 47.66 16.62 21.49
CA LYS I 141 48.71 16.06 22.34
C LYS I 141 48.21 15.84 23.78
N GLU I 142 47.55 16.85 24.36
CA GLU I 142 46.98 16.69 25.71
C GLU I 142 46.07 15.49 25.83
N LEU I 143 45.20 15.32 24.84
CA LEU I 143 44.23 14.25 24.85
C LEU I 143 44.92 12.91 24.71
N GLU I 144 45.98 12.88 23.88
CA GLU I 144 46.80 11.66 23.73
C GLU I 144 47.42 11.26 25.06
N SER I 145 47.95 12.26 25.77
CA SER I 145 48.57 12.03 27.07
C SER I 145 47.60 11.67 28.20
N LEU I 146 46.29 11.71 27.96
CA LEU I 146 45.30 11.09 28.86
C LEU I 146 44.77 9.79 28.26
N GLY I 147 45.53 9.23 27.30
CA GLY I 147 45.15 7.99 26.61
C GLY I 147 43.80 8.00 25.91
N VAL I 148 43.47 9.13 25.30
CA VAL I 148 42.27 9.26 24.47
C VAL I 148 42.74 9.10 23.03
N LYS I 149 42.07 8.23 22.27
CA LYS I 149 42.38 8.07 20.85
C LYS I 149 41.99 9.34 20.10
N ILE I 150 42.90 9.86 19.28
CA ILE I 150 42.59 10.98 18.43
C ILE I 150 41.91 10.52 17.15
N LEU I 151 40.83 11.21 16.82
CA LEU I 151 40.02 10.94 15.64
C LEU I 151 40.78 11.50 14.44
N LYS I 152 41.05 10.66 13.44
CA LYS I 152 41.85 11.08 12.28
C LYS I 152 40.96 11.69 11.19
N TYR I 153 39.92 10.95 10.87
CA TYR I 153 38.96 11.33 9.87
C TYR I 153 37.53 11.17 10.39
N GLY I 154 36.67 12.09 9.97
CA GLY I 154 35.28 12.08 10.42
C GLY I 154 34.63 13.45 10.25
N SER I 155 33.38 13.54 10.67
CA SER I 155 32.71 14.81 10.80
C SER I 155 31.97 14.82 12.08
N ILE I 156 31.88 16.00 12.66
CA ILE I 156 31.21 16.22 13.90
C ILE I 156 30.24 17.33 13.60
N THR I 157 28.96 16.98 13.64
CA THR I 157 27.90 17.91 13.31
C THR I 157 27.36 18.56 14.55
N GLY I 158 26.59 19.62 14.37
CA GLY I 158 25.92 20.23 15.50
C GLY I 158 26.82 21.16 16.26
N MET I 159 26.34 21.55 17.44
CA MET I 159 27.01 22.54 18.26
C MET I 159 28.47 22.17 18.52
N SER I 160 28.72 20.89 18.77
CA SER I 160 30.06 20.41 19.06
C SER I 160 31.03 20.73 17.95
N GLY I 161 30.66 20.35 16.75
CA GLY I 161 31.44 20.62 15.57
C GLY I 161 31.69 22.10 15.31
N LYS I 162 30.67 22.91 15.53
CA LYS I 162 30.80 24.33 15.30
C LYS I 162 31.71 24.96 16.36
N LEU I 163 31.48 24.64 17.62
CA LEU I 163 32.31 25.18 18.70
C LEU I 163 33.77 24.81 18.54
N LEU I 164 34.02 23.55 18.19
CA LEU I 164 35.36 23.08 17.96
C LEU I 164 36.12 24.04 17.03
N TRP I 165 35.53 24.31 15.87
CA TRP I 165 36.15 25.16 14.86
C TRP I 165 36.18 26.63 15.31
N GLU I 166 35.03 27.17 15.68
CA GLU I 166 34.88 28.60 16.01
C GLU I 166 35.73 29.03 17.17
N ALA I 167 35.73 28.23 18.24
CA ALA I 167 36.48 28.56 19.44
C ALA I 167 38.01 28.49 19.15
N SER I 168 38.46 27.47 18.42
CA SER I 168 39.88 27.38 18.06
C SER I 168 40.30 28.56 17.15
N ARG I 169 39.46 28.90 16.17
CA ARG I 169 39.70 30.05 15.31
C ARG I 169 39.78 31.38 16.03
N ALA I 170 39.15 31.48 17.20
CA ALA I 170 39.24 32.66 18.07
C ALA I 170 40.39 32.56 19.08
N GLY I 171 41.31 31.60 18.90
CA GLY I 171 42.44 31.43 19.78
C GLY I 171 42.17 30.78 21.12
N LEU I 172 41.06 30.05 21.25
CA LEU I 172 40.76 29.33 22.49
C LEU I 172 41.16 27.88 22.37
N LYS I 173 41.46 27.25 23.49
CA LYS I 173 41.83 25.84 23.50
C LYS I 173 40.51 25.08 23.48
N SER I 174 40.28 24.32 22.42
CA SER I 174 38.99 23.66 22.26
C SER I 174 39.14 22.16 22.00
N TYR I 175 38.18 21.41 22.50
CA TYR I 175 38.22 19.95 22.43
C TYR I 175 36.82 19.42 22.21
N VAL I 176 36.75 18.21 21.65
CA VAL I 176 35.53 17.41 21.69
C VAL I 176 35.86 16.01 22.15
N LEU I 177 35.07 15.51 23.09
CA LEU I 177 35.11 14.10 23.50
C LEU I 177 33.89 13.39 22.97
N LEU I 178 34.10 12.22 22.38
CA LEU I 178 33.03 11.43 21.78
C LEU I 178 33.00 10.06 22.40
N GLY I 179 31.98 9.75 23.18
CA GLY I 179 31.81 8.42 23.73
C GLY I 179 31.17 7.51 22.71
N GLU I 180 31.85 6.42 22.34
CA GLU I 180 31.21 5.35 21.55
C GLU I 180 29.98 4.84 22.26
N THR I 181 28.92 4.63 21.50
CA THR I 181 27.65 4.09 22.04
C THR I 181 26.92 3.30 20.92
N PHE I 182 25.85 2.62 21.31
CA PHE I 182 25.05 1.81 20.38
C PHE I 182 24.54 2.66 19.24
N GLY I 183 23.93 3.79 19.60
CA GLY I 183 23.45 4.76 18.62
C GLY I 183 21.94 4.92 18.57
N ASP I 184 21.23 4.19 19.43
CA ASP I 184 19.78 4.08 19.35
C ASP I 184 19.05 4.23 20.68
N ARG I 185 19.75 4.62 21.75
CA ARG I 185 19.13 4.65 23.08
C ARG I 185 19.97 5.48 24.06
N PRO I 186 19.34 5.96 25.14
CA PRO I 186 20.10 6.65 26.19
C PRO I 186 21.13 5.70 26.78
N ASP I 187 22.37 6.14 26.87
CA ASP I 187 23.48 5.29 27.29
C ASP I 187 24.31 5.90 28.43
N PRO I 188 23.86 5.74 29.67
CA PRO I 188 24.64 6.27 30.79
C PRO I 188 26.04 5.69 30.93
N ARG I 189 26.26 4.48 30.44
CA ARG I 189 27.59 3.87 30.50
C ARG I 189 28.59 4.67 29.68
N ALA I 190 28.23 4.98 28.45
CA ALA I 190 29.12 5.77 27.58
C ALA I 190 29.36 7.17 28.14
N ALA I 191 28.33 7.73 28.78
CA ALA I 191 28.45 9.02 29.43
C ALA I 191 29.49 8.92 30.54
N ALA I 192 29.45 7.83 31.29
CA ALA I 192 30.43 7.58 32.35
C ALA I 192 31.85 7.55 31.80
N ASN I 193 32.06 6.81 30.72
CA ASN I 193 33.37 6.81 30.05
C ASN I 193 33.87 8.23 29.77
N VAL I 194 32.97 9.08 29.29
CA VAL I 194 33.29 10.46 28.97
C VAL I 194 33.59 11.25 30.24
N VAL I 195 32.77 11.09 31.28
CA VAL I 195 33.01 11.77 32.56
C VAL I 195 34.36 11.36 33.17
N GLU I 196 34.74 10.08 33.04
CA GLU I 196 36.06 9.58 33.47
C GLU I 196 37.19 10.35 32.80
N VAL I 197 37.08 10.53 31.48
CA VAL I 197 38.09 11.29 30.72
C VAL I 197 38.12 12.75 31.16
N LEU I 198 36.97 13.27 31.54
CA LEU I 198 36.86 14.65 31.98
C LEU I 198 37.49 14.82 33.37
N ASN I 199 37.34 13.82 34.24
CA ASN I 199 38.06 13.77 35.53
C ASN I 199 39.57 13.91 35.36
N LYS I 200 40.14 13.09 34.48
CA LYS I 200 41.58 13.13 34.20
C LYS I 200 41.94 14.51 33.65
N MET I 201 41.16 15.02 32.71
CA MET I 201 41.46 16.29 32.04
C MET I 201 41.44 17.49 32.97
N LEU I 202 40.57 17.49 33.97
CA LEU I 202 40.34 18.66 34.82
C LEU I 202 40.58 18.39 36.30
N GLY I 203 41.02 17.18 36.65
CA GLY I 203 41.24 16.76 38.02
C GLY I 203 40.04 16.94 38.91
N LEU I 204 38.92 16.32 38.56
CA LEU I 204 37.66 16.55 39.30
C LEU I 204 37.26 15.47 40.29
N ASN I 205 37.78 14.25 40.11
CA ASN I 205 37.42 13.14 41.00
C ASN I 205 35.91 13.00 41.31
N VAL I 206 35.11 12.95 40.26
CA VAL I 206 33.68 12.66 40.37
C VAL I 206 33.49 11.17 40.10
N SER I 207 32.83 10.49 41.03
CA SER I 207 32.53 9.10 40.86
C SER I 207 31.45 8.93 39.80
N VAL I 208 31.73 8.06 38.84
CA VAL I 208 30.74 7.66 37.85
C VAL I 208 29.92 6.43 38.29
N GLU I 209 29.93 6.10 39.59
CA GLU I 209 29.18 4.96 40.10
C GLU I 209 27.67 5.15 39.95
N PRO I 210 27.13 6.30 40.41
CA PRO I 210 25.67 6.51 40.32
C PRO I 210 25.13 6.36 38.89
N LEU I 211 25.96 6.72 37.91
CA LEU I 211 25.64 6.59 36.52
C LEU I 211 25.58 5.12 36.12
N LEU I 212 26.62 4.35 36.45
CA LEU I 212 26.62 2.90 36.19
C LEU I 212 25.48 2.17 36.94
N LYS I 213 25.15 2.64 38.14
CA LYS I 213 24.05 2.11 38.96
C LYS I 213 22.72 2.36 38.26
N GLU I 214 22.55 3.59 37.80
CA GLU I 214 21.36 4.01 37.06
C GLU I 214 21.11 3.11 35.84
N ALA I 215 22.18 2.80 35.11
CA ALA I 215 22.08 1.93 33.95
C ALA I 215 21.64 0.53 34.31
N GLU I 216 22.18 -0.01 35.41
CA GLU I 216 21.81 -1.35 35.85
C GLU I 216 20.36 -1.38 36.26
N MET I 217 19.94 -0.43 37.08
CA MET I 217 18.54 -0.36 37.54
C MET I 217 17.51 -0.27 36.40
N ILE I 218 17.84 0.48 35.35
CA ILE I 218 16.99 0.59 34.17
C ILE I 218 16.87 -0.76 33.47
N GLU I 219 18.01 -1.38 33.22
CA GLU I 219 18.07 -2.69 32.57
C GLU I 219 17.41 -3.80 33.39
N GLU I 220 17.62 -3.81 34.70
CA GLU I 220 16.93 -4.74 35.60
C GLU I 220 15.40 -4.55 35.50
N GLN I 221 14.96 -3.30 35.59
CA GLN I 221 13.54 -2.99 35.44
C GLN I 221 12.92 -3.46 34.12
N LEU I 222 13.65 -3.24 33.03
CA LEU I 222 13.19 -3.67 31.70
C LEU I 222 13.04 -5.17 31.64
N ARG I 223 14.06 -5.90 32.06
CA ARG I 223 14.07 -7.37 32.09
C ARG I 223 12.89 -7.87 32.89
N ARG I 224 12.68 -7.27 34.07
CA ARG I 224 11.63 -7.67 34.98
C ARG I 224 10.23 -7.41 34.39
N MET I 225 10.06 -6.25 33.73
CA MET I 225 8.79 -5.91 33.12
C MET I 225 8.49 -6.86 31.96
N HIS I 226 9.49 -7.12 31.12
CA HIS I 226 9.34 -8.06 30.02
C HIS I 226 8.99 -9.48 30.53
N GLU I 227 9.63 -9.92 31.63
CA GLU I 227 9.30 -11.20 32.26
C GLU I 227 7.84 -11.23 32.67
N GLN I 228 7.41 -10.22 33.39
CA GLN I 228 6.04 -10.18 33.90
C GLN I 228 4.99 -10.09 32.81
N MET I 229 5.30 -9.37 31.75
CA MET I 229 4.43 -9.28 30.55
C MET I 229 4.19 -10.68 29.95
N GLU I 230 5.29 -11.38 29.68
CA GLU I 230 5.21 -12.69 29.06
C GLU I 230 4.61 -13.76 29.98
N GLU I 231 4.92 -13.67 31.27
CA GLU I 231 4.32 -14.52 32.29
C GLU I 231 2.82 -14.27 32.39
N ALA I 232 2.40 -13.01 32.28
CA ALA I 232 0.98 -12.66 32.29
C ALA I 232 0.20 -13.23 31.09
N ARG I 233 0.76 -13.19 29.88
CA ARG I 233 0.02 -13.74 28.74
C ARG I 233 -0.03 -15.27 28.77
N ARG I 234 1.05 -15.92 29.22
CA ARG I 234 1.03 -17.36 29.46
C ARG I 234 -0.03 -17.77 30.48
N LYS I 235 -0.16 -17.00 31.56
CA LYS I 235 -1.20 -17.26 32.54
C LYS I 235 -2.58 -17.12 31.91
N MET I 236 -2.78 -16.07 31.10
CA MET I 236 -4.06 -15.84 30.47
C MET I 236 -4.43 -16.94 29.47
N GLU I 237 -3.45 -17.43 28.70
CA GLU I 237 -3.65 -18.57 27.78
C GLU I 237 -4.08 -19.84 28.53
N ARG I 238 -3.34 -20.17 29.59
CA ARG I 238 -3.64 -21.33 30.46
C ARG I 238 -5.07 -21.18 31.04
N GLN I 239 -5.42 -19.96 31.42
CA GLN I 239 -6.70 -19.65 32.03
C GLN I 239 -7.84 -19.77 31.00
N TYR I 240 -7.64 -19.24 29.79
CA TYR I 240 -8.58 -19.38 28.68
C TYR I 240 -8.85 -20.87 28.37
N GLU I 241 -7.77 -21.65 28.27
CA GLU I 241 -7.88 -23.08 27.97
C GLU I 241 -8.65 -23.84 29.05
N THR I 242 -8.33 -23.61 30.33
CA THR I 242 -9.02 -24.36 31.40
C THR I 242 -10.51 -23.97 31.46
N MET I 243 -10.80 -22.70 31.18
CA MET I 243 -12.18 -22.20 31.19
C MET I 243 -13.01 -22.72 30.02
N TYR I 244 -12.41 -22.86 28.85
CA TYR I 244 -13.19 -22.97 27.60
C TYR I 244 -12.98 -24.23 26.76
N LEU I 245 -11.85 -24.93 26.90
CA LEU I 245 -11.65 -26.18 26.15
C LEU I 245 -12.73 -27.16 26.54
N LYS J 8 5.86 46.13 14.19
CA LYS J 8 5.60 45.22 15.36
C LYS J 8 4.68 44.09 14.88
N PRO J 9 5.07 42.83 15.07
CA PRO J 9 4.23 41.71 14.63
C PRO J 9 2.95 41.47 15.44
N VAL J 10 2.96 41.83 16.71
CA VAL J 10 1.83 41.58 17.60
C VAL J 10 1.51 42.83 18.43
N ASN J 11 0.25 43.24 18.37
CA ASN J 11 -0.27 44.34 19.16
C ASN J 11 -1.30 43.84 20.12
N LEU J 12 -1.06 44.12 21.39
CA LEU J 12 -2.00 43.82 22.43
C LEU J 12 -2.89 45.04 22.54
N VAL J 13 -4.18 44.87 22.29
CA VAL J 13 -5.16 45.92 22.50
C VAL J 13 -5.89 45.57 23.78
N LEU J 14 -5.45 46.19 24.86
CA LEU J 14 -5.89 45.82 26.19
C LEU J 14 -5.72 47.02 27.16
N PRO J 15 -6.81 47.55 27.71
CA PRO J 15 -6.69 48.57 28.75
C PRO J 15 -5.89 48.10 29.96
N GLU J 16 -5.21 49.04 30.62
CA GLU J 16 -4.45 48.74 31.82
C GLU J 16 -5.43 48.44 32.97
N VAL J 17 -5.08 47.45 33.78
CA VAL J 17 -5.85 47.03 34.93
C VAL J 17 -4.80 46.86 36.02
N GLU J 18 -4.78 47.81 36.95
CA GLU J 18 -3.69 47.92 37.89
C GLU J 18 -3.74 46.70 38.81
N ASN J 19 -2.58 46.14 39.09
CA ASN J 19 -2.46 45.00 40.00
C ASN J 19 -3.31 43.79 39.57
N ALA J 20 -3.40 43.60 38.25
CA ALA J 20 -4.27 42.57 37.64
C ALA J 20 -3.89 41.17 38.09
N ILE J 21 -4.92 40.37 38.28
CA ILE J 21 -4.76 38.92 38.38
C ILE J 21 -5.03 38.42 36.95
N PHE J 22 -3.97 37.92 36.30
CA PHE J 22 -4.04 37.48 34.90
C PHE J 22 -4.14 35.95 34.86
N ILE J 23 -5.22 35.45 34.28
CA ILE J 23 -5.43 34.01 34.09
C ILE J 23 -5.47 33.68 32.58
N GLU J 24 -4.62 32.72 32.16
CA GLU J 24 -4.52 32.35 30.74
C GLU J 24 -4.93 30.88 30.53
N GLY J 25 -5.87 30.65 29.64
CA GLY J 25 -6.31 29.28 29.29
C GLY J 25 -6.37 29.06 27.79
N TYR J 26 -5.18 28.91 27.20
CA TYR J 26 -5.06 28.67 25.76
C TYR J 26 -5.37 27.20 25.49
N PRO J 27 -5.81 26.87 24.26
CA PRO J 27 -6.12 25.48 23.95
C PRO J 27 -4.95 24.54 24.19
N GLY J 28 -5.29 23.32 24.60
CA GLY J 28 -4.27 22.38 24.98
C GLY J 28 -4.90 21.06 25.26
N VAL J 29 -4.10 20.11 25.70
CA VAL J 29 -4.61 18.78 25.99
C VAL J 29 -5.87 18.85 26.85
N GLY J 30 -6.86 18.10 26.43
CA GLY J 30 -8.15 18.02 27.10
C GLY J 30 -9.05 19.21 27.02
N LEU J 31 -8.57 20.29 26.40
CA LEU J 31 -9.17 21.65 26.57
C LEU J 31 -9.40 22.03 28.06
N VAL J 32 -8.54 21.53 28.96
CA VAL J 32 -8.70 21.70 30.41
C VAL J 32 -8.61 23.20 30.76
N GLY J 33 -7.44 23.78 30.49
CA GLY J 33 -7.24 25.21 30.64
C GLY J 33 -8.33 26.03 30.00
N HIS J 34 -8.65 25.67 28.76
CA HIS J 34 -9.55 26.45 27.94
C HIS J 34 -10.95 26.45 28.51
N ILE J 35 -11.41 25.29 28.96
CA ILE J 35 -12.76 25.17 29.50
C ILE J 35 -12.84 25.91 30.83
N ALA J 36 -11.83 25.71 31.67
CA ALA J 36 -11.72 26.39 32.95
C ALA J 36 -11.77 27.91 32.79
N ALA J 37 -10.90 28.44 31.96
CA ALA J 37 -10.84 29.88 31.73
C ALA J 37 -12.15 30.42 31.19
N ASN J 38 -12.75 29.68 30.28
CA ASN J 38 -13.96 30.16 29.60
C ASN J 38 -15.11 30.15 30.61
N PHE J 39 -15.13 29.12 31.47
CA PHE J 39 -16.15 29.00 32.49
C PHE J 39 -16.09 30.15 33.48
N LEU J 40 -14.89 30.41 34.00
CA LEU J 40 -14.70 31.57 34.88
C LEU J 40 -15.12 32.87 34.25
N ALA J 41 -14.75 33.11 33.01
CA ALA J 41 -15.14 34.35 32.36
C ALA J 41 -16.66 34.49 32.33
N LYS J 42 -17.36 33.40 32.06
CA LYS J 42 -18.81 33.38 31.94
C LYS J 42 -19.46 33.59 33.32
N GLU J 43 -19.08 32.75 34.28
CA GLU J 43 -19.66 32.77 35.61
C GLU J 43 -19.42 34.07 36.39
N LEU J 44 -18.32 34.77 36.11
CA LEU J 44 -18.06 36.08 36.70
C LEU J 44 -18.56 37.24 35.81
N ASP J 45 -19.46 36.96 34.87
CA ASP J 45 -20.07 37.98 33.97
C ASP J 45 -19.04 39.01 33.49
N MET J 46 -17.92 38.51 32.95
CA MET J 46 -16.85 39.38 32.48
C MET J 46 -17.22 39.99 31.15
N ASP J 47 -16.60 41.12 30.84
CA ASP J 47 -16.81 41.80 29.58
C ASP J 47 -15.62 41.52 28.71
N LEU J 48 -15.84 41.59 27.40
CA LEU J 48 -14.75 41.53 26.44
C LEU J 48 -14.03 42.87 26.51
N ILE J 49 -12.81 42.88 27.02
CA ILE J 49 -12.05 44.14 27.21
C ILE J 49 -10.93 44.37 26.21
N GLY J 50 -10.51 43.31 25.52
CA GLY J 50 -9.42 43.42 24.58
C GLY J 50 -9.12 42.21 23.74
N TYR J 51 -8.06 42.31 22.95
CA TYR J 51 -7.68 41.23 22.05
C TYR J 51 -6.26 41.34 21.55
N VAL J 52 -5.78 40.25 20.97
CA VAL J 52 -4.48 40.22 20.30
C VAL J 52 -4.73 40.43 18.83
N ASP J 53 -3.91 41.27 18.22
CA ASP J 53 -4.05 41.66 16.85
C ASP J 53 -2.73 41.42 16.16
N SER J 54 -2.77 40.68 15.06
CA SER J 54 -1.55 40.34 14.34
C SER J 54 -1.90 39.82 12.96
N LEU J 55 -1.11 40.24 11.97
CA LEU J 55 -1.24 39.73 10.62
C LEU J 55 -1.06 38.23 10.55
N PHE J 56 -0.34 37.64 11.52
CA PHE J 56 -0.02 36.22 11.54
C PHE J 56 -1.05 35.36 12.23
N ILE J 57 -2.07 35.99 12.81
CA ILE J 57 -3.24 35.27 13.30
C ILE J 57 -4.15 35.08 12.09
N PRO J 58 -4.54 33.84 11.81
CA PRO J 58 -5.29 33.63 10.58
C PRO J 58 -6.65 34.30 10.64
N PRO J 59 -7.11 34.80 9.49
CA PRO J 59 -8.33 35.60 9.43
C PRO J 59 -9.54 34.80 9.84
N MET J 60 -10.25 35.27 10.85
CA MET J 60 -11.56 34.75 11.22
C MET J 60 -12.23 35.66 12.22
N SER J 61 -13.55 35.48 12.36
CA SER J 61 -14.30 35.92 13.54
C SER J 61 -14.96 34.71 14.13
N LEU J 62 -14.89 34.62 15.44
CA LEU J 62 -15.75 33.72 16.19
C LEU J 62 -17.02 34.48 16.47
N ILE J 63 -18.13 33.77 16.49
CA ILE J 63 -19.40 34.37 16.83
C ILE J 63 -19.80 33.75 18.16
N LEU J 64 -19.94 34.60 19.19
CA LEU J 64 -20.37 34.14 20.54
C LEU J 64 -21.57 34.94 21.01
N GLU J 65 -22.70 34.27 21.24
CA GLU J 65 -23.96 34.95 21.57
C GLU J 65 -24.27 36.07 20.55
N GLY J 66 -24.12 35.76 19.26
CA GLY J 66 -24.34 36.72 18.20
C GLY J 66 -23.45 37.96 18.16
N ARG J 67 -22.29 37.93 18.84
CA ARG J 67 -21.31 39.01 18.70
C ARG J 67 -20.02 38.49 18.06
N PRO J 68 -19.58 39.12 16.97
CA PRO J 68 -18.26 38.80 16.41
C PRO J 68 -17.17 39.07 17.43
N THR J 69 -16.31 38.09 17.67
CA THR J 69 -15.14 38.29 18.53
C THR J 69 -13.88 37.73 17.84
N PRO J 70 -12.70 38.29 18.13
CA PRO J 70 -11.47 37.73 17.57
C PRO J 70 -11.06 36.44 18.25
N PRO J 71 -10.22 35.65 17.58
CA PRO J 71 -9.85 34.34 18.13
C PRO J 71 -8.99 34.39 19.39
N LEU J 72 -8.19 35.45 19.56
CA LEU J 72 -7.42 35.65 20.80
C LEU J 72 -7.96 36.88 21.49
N ARG J 73 -8.55 36.69 22.66
CA ARG J 73 -9.22 37.78 23.34
C ARG J 73 -9.02 37.78 24.84
N PHE J 74 -9.35 38.90 25.45
CA PHE J 74 -9.24 39.11 26.89
C PHE J 74 -10.59 39.51 27.49
N TYR J 75 -10.96 38.82 28.56
CA TYR J 75 -12.17 39.12 29.32
C TYR J 75 -11.76 39.73 30.67
N GLY J 76 -12.57 40.63 31.19
CA GLY J 76 -12.27 41.28 32.46
C GLY J 76 -13.48 41.58 33.33
N LYS J 77 -13.26 41.51 34.63
CA LYS J 77 -14.16 42.07 35.64
C LYS J 77 -13.26 42.60 36.74
N ASN J 78 -13.32 43.91 36.96
CA ASN J 78 -12.51 44.63 37.96
C ASN J 78 -11.37 43.83 38.59
N ASN J 79 -10.17 43.96 38.04
CA ASN J 79 -8.92 43.33 38.62
C ASN J 79 -8.54 41.91 38.13
N ILE J 80 -9.51 41.12 37.66
CA ILE J 80 -9.19 39.84 37.02
C ILE J 80 -9.26 40.00 35.48
N ILE J 81 -8.18 39.61 34.80
CA ILE J 81 -8.18 39.44 33.35
C ILE J 81 -8.09 37.94 33.01
N ILE J 82 -8.93 37.50 32.08
CA ILE J 82 -8.86 36.12 31.57
C ILE J 82 -8.55 36.14 30.08
N ALA J 83 -7.45 35.45 29.72
CA ALA J 83 -6.98 35.36 28.33
C ALA J 83 -7.40 34.02 27.71
N ILE J 84 -8.11 34.12 26.58
CA ILE J 84 -8.66 32.97 25.85
C ILE J 84 -8.17 33.00 24.41
N ALA J 85 -7.94 31.82 23.85
CA ALA J 85 -7.66 31.64 22.43
C ALA J 85 -8.49 30.48 21.88
N ASP J 86 -8.94 30.58 20.64
CA ASP J 86 -9.63 29.45 19.99
C ASP J 86 -8.84 28.72 18.91
N ILE J 87 -7.54 29.00 18.79
CA ILE J 87 -6.70 28.36 17.83
C ILE J 87 -5.36 28.05 18.43
N PHE J 88 -4.72 27.00 17.93
CA PHE J 88 -3.32 26.73 18.25
C PHE J 88 -2.55 27.68 17.39
N LEU J 89 -1.35 28.01 17.81
CA LEU J 89 -0.54 28.98 17.09
C LEU J 89 0.87 28.48 16.95
N PRO J 90 1.56 28.92 15.89
CA PRO J 90 2.95 28.47 15.73
C PRO J 90 3.89 29.02 16.82
N PRO J 91 4.95 28.28 17.15
CA PRO J 91 5.79 28.59 18.31
C PRO J 91 6.34 30.03 18.36
N THR J 92 6.87 30.52 17.27
CA THR J 92 7.45 31.85 17.26
C THR J 92 6.41 32.93 17.56
N LEU J 93 5.18 32.75 17.07
CA LEU J 93 4.10 33.71 17.31
C LEU J 93 3.70 33.69 18.79
N VAL J 94 3.57 32.49 19.35
CA VAL J 94 3.35 32.30 20.78
C VAL J 94 4.38 33.11 21.59
N ASN J 95 5.65 32.98 21.23
CA ASN J 95 6.70 33.69 21.93
C ASN J 95 6.52 35.22 21.83
N GLU J 96 6.17 35.70 20.64
CA GLU J 96 5.91 37.12 20.44
C GLU J 96 4.71 37.61 21.24
N ILE J 97 3.66 36.81 21.32
CA ILE J 97 2.51 37.17 22.12
C ILE J 97 2.91 37.19 23.61
N ALA J 98 3.66 36.19 24.04
CA ALA J 98 4.10 36.11 25.43
C ALA J 98 4.90 37.35 25.84
N LYS J 99 5.76 37.83 24.94
CA LYS J 99 6.56 39.03 25.16
C LYS J 99 5.63 40.22 25.46
N GLU J 100 4.66 40.44 24.57
CA GLU J 100 3.73 41.54 24.73
C GLU J 100 2.89 41.43 26.01
N ILE J 101 2.49 40.22 26.35
CA ILE J 101 1.70 39.98 27.55
C ILE J 101 2.51 40.32 28.80
N VAL J 102 3.75 39.84 28.85
CA VAL J 102 4.62 40.10 30.01
C VAL J 102 4.96 41.59 30.15
N ASN J 103 5.19 42.28 29.03
CA ASN J 103 5.35 43.74 29.05
C ASN J 103 4.16 44.40 29.69
N TYR J 104 2.96 43.98 29.31
CA TYR J 104 1.74 44.55 29.86
C TYR J 104 1.63 44.27 31.35
N LEU J 105 1.99 43.06 31.77
CA LEU J 105 1.88 42.68 33.17
C LEU J 105 2.93 43.38 34.08
N LYS J 106 4.13 43.65 33.57
CA LYS J 106 5.09 44.55 34.26
C LYS J 106 4.49 45.94 34.40
N LYS J 107 4.05 46.52 33.29
CA LYS J 107 3.47 47.87 33.25
C LYS J 107 2.46 48.07 34.37
N VAL J 108 1.55 47.11 34.54
CA VAL J 108 0.42 47.23 35.46
C VAL J 108 0.67 46.60 36.85
N ASN J 109 1.90 46.15 37.10
CA ASN J 109 2.30 45.54 38.37
C ASN J 109 1.33 44.44 38.75
N ALA J 110 1.18 43.47 37.87
CA ALA J 110 0.23 42.39 38.07
C ALA J 110 0.56 41.63 39.35
N GLU J 111 -0.48 41.28 40.08
CA GLU J 111 -0.35 40.65 41.37
C GLU J 111 -0.05 39.17 41.18
N LYS J 112 -0.80 38.52 40.28
CA LYS J 112 -0.62 37.09 39.96
C LYS J 112 -0.76 36.84 38.46
N VAL J 113 0.06 35.89 37.98
CA VAL J 113 0.03 35.40 36.61
C VAL J 113 -0.19 33.90 36.65
N ILE J 114 -1.41 33.48 36.31
CA ILE J 114 -1.80 32.09 36.46
C ILE J 114 -2.14 31.48 35.10
N SER J 115 -1.47 30.38 34.75
CA SER J 115 -1.73 29.69 33.50
C SER J 115 -2.50 28.43 33.81
N LEU J 116 -3.57 28.18 33.06
CA LEU J 116 -4.38 26.97 33.20
C LEU J 116 -4.08 25.98 32.08
N ALA J 117 -3.84 24.73 32.46
CA ALA J 117 -3.36 23.74 31.53
C ALA J 117 -3.86 22.34 31.89
N GLY J 118 -3.55 21.40 31.02
CA GLY J 118 -3.97 20.02 31.15
C GLY J 118 -2.74 19.13 31.12
N MET J 119 -2.87 17.94 31.67
CA MET J 119 -1.81 16.97 31.64
C MET J 119 -2.45 15.67 31.19
N GLY J 120 -2.12 15.26 29.96
CA GLY J 120 -2.69 14.04 29.36
C GLY J 120 -2.05 12.86 30.04
N ILE J 121 -2.87 12.04 30.68
CA ILE J 121 -2.34 11.05 31.63
C ILE J 121 -3.25 9.85 31.71
N GLY J 122 -3.10 9.02 30.67
CA GLY J 122 -3.72 7.71 30.61
C GLY J 122 -5.21 7.65 30.69
N PHE J 123 -5.73 6.44 30.82
CA PHE J 123 -7.18 6.22 30.92
C PHE J 123 -7.62 5.60 32.24
N PHE J 124 -6.88 4.59 32.68
CA PHE J 124 -7.27 3.80 33.83
C PHE J 124 -6.63 4.36 35.11
N LYS J 125 -6.82 5.66 35.36
CA LYS J 125 -6.52 6.29 36.66
C LYS J 125 -7.85 6.58 37.37
N ASP J 126 -7.91 6.24 38.66
CA ASP J 126 -9.12 6.35 39.50
C ASP J 126 -9.60 7.81 39.62
N THR J 127 -8.75 8.66 40.19
CA THR J 127 -9.02 10.09 40.32
C THR J 127 -8.03 10.90 39.49
N PHE J 128 -8.51 12.07 39.06
CA PHE J 128 -7.74 13.03 38.29
C PHE J 128 -7.32 14.15 39.24
N GLU J 129 -6.01 14.31 39.41
CA GLU J 129 -5.45 15.31 40.31
C GLU J 129 -5.32 16.65 39.58
N VAL J 130 -4.89 17.66 40.34
CA VAL J 130 -4.42 18.90 39.78
C VAL J 130 -3.01 19.12 40.28
N TRP J 131 -2.05 19.25 39.37
CA TRP J 131 -0.69 19.59 39.74
C TRP J 131 -0.48 21.09 39.60
N GLY J 132 0.65 21.55 40.13
CA GLY J 132 0.98 22.96 40.13
C GLY J 132 2.48 23.18 40.06
N ILE J 133 2.86 24.39 39.67
CA ILE J 133 4.23 24.80 39.73
C ILE J 133 4.24 26.32 39.82
N GLY J 134 5.21 26.84 40.56
CA GLY J 134 5.31 28.27 40.81
C GLY J 134 6.60 28.83 40.26
N GLY J 135 6.59 30.14 40.01
CA GLY J 135 7.75 30.83 39.50
C GLY J 135 8.98 30.73 40.39
N SER J 136 8.74 30.71 41.69
CA SER J 136 9.79 30.61 42.69
C SER J 136 9.29 29.71 43.81
N GLU J 137 10.15 29.44 44.79
CA GLU J 137 9.76 28.59 45.91
C GLU J 137 8.60 29.17 46.73
N GLU J 138 8.49 30.50 46.78
CA GLU J 138 7.38 31.18 47.47
C GLU J 138 6.02 30.76 46.93
N GLU J 139 5.90 30.72 45.60
CA GLU J 139 4.63 30.35 44.96
C GLU J 139 4.38 28.86 45.04
N ASN J 140 5.45 28.06 44.97
CA ASN J 140 5.33 26.62 45.24
C ASN J 140 4.74 26.36 46.63
N LYS J 141 5.21 27.11 47.63
CA LYS J 141 4.68 27.02 49.00
C LYS J 141 3.20 27.34 49.05
N GLU J 142 2.78 28.44 48.42
CA GLU J 142 1.34 28.79 48.37
C GLU J 142 0.48 27.67 47.83
N LEU J 143 0.95 27.07 46.75
CA LEU J 143 0.20 26.02 46.08
C LEU J 143 0.13 24.78 46.97
N GLU J 144 1.24 24.50 47.67
CA GLU J 144 1.29 23.38 48.63
C GLU J 144 0.24 23.59 49.73
N SER J 145 0.17 24.82 50.25
CA SER J 145 -0.78 25.17 51.29
C SER J 145 -2.25 25.21 50.84
N LEU J 146 -2.54 25.05 49.55
CA LEU J 146 -3.91 24.76 49.07
C LEU J 146 -4.02 23.29 48.67
N GLY J 147 -3.09 22.46 49.16
CA GLY J 147 -3.05 21.02 48.85
C GLY J 147 -2.96 20.67 47.38
N VAL J 148 -2.20 21.45 46.62
CA VAL J 148 -1.90 21.15 45.23
C VAL J 148 -0.55 20.48 45.21
N LYS J 149 -0.46 19.33 44.52
CA LYS J 149 0.83 18.63 44.38
C LYS J 149 1.77 19.49 43.52
N ILE J 150 3.00 19.69 43.98
CA ILE J 150 4.00 20.37 43.17
C ILE J 150 4.67 19.39 42.23
N LEU J 151 4.79 19.82 40.98
CA LEU J 151 5.40 19.05 39.91
C LEU J 151 6.92 19.11 40.11
N LYS J 152 7.58 17.97 40.20
CA LYS J 152 9.01 17.91 40.52
C LYS J 152 9.85 17.99 39.24
N TYR J 153 9.47 17.14 38.28
CA TYR J 153 10.12 17.06 37.00
C TYR J 153 9.05 17.04 35.90
N GLY J 154 9.37 17.67 34.76
CA GLY J 154 8.40 17.75 33.68
C GLY J 154 8.70 18.86 32.72
N SER J 155 7.89 18.96 31.67
CA SER J 155 7.96 20.12 30.79
C SER J 155 6.58 20.60 30.51
N ILE J 156 6.47 21.90 30.37
CA ILE J 156 5.22 22.55 30.12
C ILE J 156 5.50 23.38 28.89
N THR J 157 4.87 22.99 27.79
CA THR J 157 5.07 23.62 26.50
C THR J 157 4.00 24.65 26.27
N GLY J 158 4.20 25.48 25.26
CA GLY J 158 3.20 26.44 24.89
C GLY J 158 3.22 27.68 25.76
N MET J 159 2.16 28.46 25.61
CA MET J 159 2.05 29.74 26.28
C MET J 159 2.25 29.61 27.79
N SER J 160 1.70 28.55 28.37
CA SER J 160 1.78 28.36 29.81
C SER J 160 3.22 28.28 30.28
N GLY J 161 3.99 27.42 29.62
CA GLY J 161 5.39 27.27 29.91
C GLY J 161 6.20 28.53 29.73
N LYS J 162 5.91 29.30 28.68
CA LYS J 162 6.65 30.51 28.41
C LYS J 162 6.29 31.58 29.46
N LEU J 163 5.00 31.76 29.74
CA LEU J 163 4.58 32.74 30.73
C LEU J 163 5.14 32.45 32.10
N LEU J 164 5.11 31.18 32.49
CA LEU J 164 5.66 30.76 33.76
C LEU J 164 7.08 31.33 33.94
N TRP J 165 7.94 31.08 32.97
CA TRP J 165 9.32 31.51 33.04
C TRP J 165 9.44 33.04 32.90
N GLU J 166 8.86 33.59 31.84
CA GLU J 166 9.02 35.01 31.50
C GLU J 166 8.47 35.93 32.58
N ALA J 167 7.28 35.61 33.09
CA ALA J 167 6.65 36.42 34.12
C ALA J 167 7.45 36.37 35.44
N SER J 168 7.92 35.19 35.84
CA SER J 168 8.76 35.07 37.04
C SER J 168 10.08 35.84 36.87
N ARG J 169 10.70 35.71 35.71
CA ARG J 169 11.93 36.45 35.40
C ARG J 169 11.77 37.97 35.41
N ALA J 170 10.55 38.45 35.21
CA ALA J 170 10.24 39.88 35.31
C ALA J 170 9.77 40.27 36.72
N GLY J 171 9.97 39.40 37.71
CA GLY J 171 9.61 39.67 39.09
C GLY J 171 8.12 39.56 39.43
N LEU J 172 7.35 38.85 38.62
CA LEU J 172 5.92 38.65 38.89
C LEU J 172 5.72 37.29 39.54
N LYS J 173 4.65 37.17 40.32
CA LYS J 173 4.32 35.92 40.96
C LYS J 173 3.56 35.13 39.91
N SER J 174 4.13 33.98 39.49
CA SER J 174 3.56 33.23 38.38
C SER J 174 3.34 31.77 38.76
N TYR J 175 2.27 31.20 38.21
CA TYR J 175 1.87 29.84 38.53
C TYR J 175 1.35 29.16 37.28
N VAL J 176 1.41 27.83 37.28
CA VAL J 176 0.65 27.03 36.34
C VAL J 176 -0.09 25.94 37.09
N LEU J 177 -1.38 25.79 36.78
CA LEU J 177 -2.17 24.67 37.25
C LEU J 177 -2.43 23.72 36.09
N LEU J 178 -2.23 22.43 36.34
CA LEU J 178 -2.38 21.39 35.33
C LEU J 178 -3.38 20.36 35.79
N GLY J 179 -4.54 20.32 35.17
CA GLY J 179 -5.52 19.29 35.47
C GLY J 179 -5.18 18.02 34.72
N GLU J 180 -4.98 16.93 35.46
CA GLU J 180 -4.91 15.61 34.84
C GLU J 180 -6.17 15.31 34.04
N THR J 181 -5.99 14.75 32.85
CA THR J 181 -7.10 14.37 31.97
C THR J 181 -6.69 13.17 31.10
N PHE J 182 -7.67 12.61 30.38
CA PHE J 182 -7.44 11.45 29.51
C PHE J 182 -6.37 11.76 28.48
N GLY J 183 -6.53 12.90 27.82
CA GLY J 183 -5.55 13.37 26.84
C GLY J 183 -6.02 13.40 25.40
N ASP J 184 -7.28 13.02 25.18
CA ASP J 184 -7.81 12.79 23.84
C ASP J 184 -9.19 13.40 23.57
N ARG J 185 -9.71 14.22 24.49
CA ARG J 185 -11.07 14.73 24.36
C ARG J 185 -11.32 15.90 25.29
N PRO J 186 -12.34 16.73 24.96
CA PRO J 186 -12.71 17.81 25.87
C PRO J 186 -13.14 17.23 27.20
N ASP J 187 -12.59 17.75 28.30
CA ASP J 187 -12.82 17.21 29.62
C ASP J 187 -13.28 18.27 30.64
N PRO J 188 -14.57 18.59 30.66
CA PRO J 188 -15.06 19.56 31.63
C PRO J 188 -14.84 19.17 33.10
N ARG J 189 -14.73 17.88 33.39
CA ARG J 189 -14.49 17.45 34.76
C ARG J 189 -13.14 17.93 35.25
N ALA J 190 -12.09 17.71 34.45
CA ALA J 190 -10.75 18.16 34.82
C ALA J 190 -10.68 19.70 34.92
N ALA J 191 -11.43 20.38 34.08
CA ALA J 191 -11.52 21.83 34.13
C ALA J 191 -12.11 22.25 35.47
N ALA J 192 -13.14 21.52 35.91
CA ALA J 192 -13.77 21.77 37.20
C ALA J 192 -12.76 21.63 38.34
N ASN J 193 -12.00 20.55 38.34
CA ASN J 193 -10.92 20.39 39.32
C ASN J 193 -10.02 21.62 39.40
N VAL J 194 -9.67 22.15 38.23
CA VAL J 194 -8.80 23.32 38.14
C VAL J 194 -9.53 24.56 38.66
N VAL J 195 -10.78 24.75 38.28
CA VAL J 195 -11.57 25.88 38.78
C VAL J 195 -11.71 25.83 40.31
N GLU J 196 -11.89 24.64 40.89
CA GLU J 196 -11.92 24.44 42.35
C GLU J 196 -10.65 24.97 43.00
N VAL J 197 -9.49 24.61 42.43
CA VAL J 197 -8.21 25.09 42.96
C VAL J 197 -8.09 26.61 42.83
N LEU J 198 -8.67 27.15 41.78
CA LEU J 198 -8.63 28.57 41.52
C LEU J 198 -9.53 29.32 42.52
N ASN J 199 -10.68 28.73 42.88
CA ASN J 199 -11.53 29.24 43.97
C ASN J 199 -10.75 29.41 45.28
N LYS J 200 -10.05 28.36 45.69
CA LYS J 200 -9.24 28.41 46.92
C LYS J 200 -8.17 29.48 46.78
N MET J 201 -7.49 29.52 45.65
CA MET J 201 -6.37 30.45 45.44
C MET J 201 -6.79 31.91 45.46
N LEU J 202 -8.00 32.23 44.98
CA LEU J 202 -8.42 33.62 44.81
C LEU J 202 -9.69 33.97 45.58
N GLY J 203 -10.23 33.02 46.34
CA GLY J 203 -11.47 33.18 47.10
C GLY J 203 -12.64 33.61 46.24
N LEU J 204 -12.97 32.82 45.21
CA LEU J 204 -14.01 33.23 44.25
C LEU J 204 -15.37 32.59 44.44
N ASN J 205 -15.42 31.44 45.09
CA ASN J 205 -16.71 30.72 45.27
C ASN J 205 -17.59 30.61 44.01
N VAL J 206 -17.00 30.11 42.93
CA VAL J 206 -17.74 29.79 41.71
C VAL J 206 -18.07 28.31 41.75
N SER J 207 -19.35 27.99 41.60
CA SER J 207 -19.79 26.62 41.57
C SER J 207 -19.35 25.98 40.24
N VAL J 208 -18.71 24.84 40.37
CA VAL J 208 -18.38 23.99 39.23
C VAL J 208 -19.49 23.00 38.87
N GLU J 209 -20.70 23.20 39.36
CA GLU J 209 -21.82 22.28 39.08
C GLU J 209 -22.19 22.28 37.60
N PRO J 210 -22.41 23.46 37.00
CA PRO J 210 -22.79 23.52 35.57
C PRO J 210 -21.82 22.78 34.65
N LEU J 211 -20.55 22.79 35.03
CA LEU J 211 -19.49 22.10 34.33
C LEU J 211 -19.67 20.59 34.45
N LEU J 212 -19.84 20.09 35.68
CA LEU J 212 -20.10 18.67 35.90
C LEU J 212 -21.42 18.20 35.25
N LYS J 213 -22.42 19.08 35.22
CA LYS J 213 -23.71 18.84 34.57
C LYS J 213 -23.51 18.67 33.07
N GLU J 214 -22.76 19.61 32.49
CA GLU J 214 -22.42 19.62 31.07
C GLU J 214 -21.77 18.28 30.66
N ALA J 215 -20.85 17.79 31.48
CA ALA J 215 -20.18 16.54 31.21
C ALA J 215 -21.12 15.35 31.22
N GLU J 216 -22.06 15.33 32.17
CA GLU J 216 -23.03 14.25 32.28
C GLU J 216 -23.92 14.26 31.05
N MET J 217 -24.46 15.44 30.71
CA MET J 217 -25.34 15.55 29.56
C MET J 217 -24.72 15.12 28.23
N ILE J 218 -23.43 15.41 28.05
CA ILE J 218 -22.69 14.99 26.86
C ILE J 218 -22.59 13.46 26.82
N GLU J 219 -22.17 12.87 27.93
CA GLU J 219 -22.04 11.43 28.05
C GLU J 219 -23.36 10.69 27.92
N GLU J 220 -24.43 11.21 28.55
CA GLU J 220 -25.79 10.66 28.38
C GLU J 220 -26.20 10.70 26.92
N GLN J 221 -26.00 11.83 26.26
CA GLN J 221 -26.30 11.96 24.83
C GLN J 221 -25.57 10.97 23.95
N LEU J 222 -24.28 10.77 24.21
CA LEU J 222 -23.46 9.81 23.47
C LEU J 222 -24.01 8.39 23.62
N ARG J 223 -24.24 7.99 24.87
CA ARG J 223 -24.79 6.66 25.18
C ARG J 223 -26.12 6.46 24.46
N ARG J 224 -26.97 7.46 24.52
CA ARG J 224 -28.30 7.42 23.92
C ARG J 224 -28.24 7.33 22.39
N MET J 225 -27.31 8.08 21.78
CA MET J 225 -27.16 8.06 20.32
C MET J 225 -26.63 6.69 19.88
N HIS J 226 -25.64 6.18 20.59
CA HIS J 226 -25.10 4.85 20.31
C HIS J 226 -26.19 3.76 20.45
N GLU J 227 -27.04 3.87 21.50
CA GLU J 227 -28.17 2.95 21.68
C GLU J 227 -29.08 2.99 20.46
N GLN J 228 -29.50 4.19 20.07
CA GLN J 228 -30.45 4.33 18.98
C GLN J 228 -29.89 3.88 17.63
N MET J 229 -28.59 4.12 17.41
CA MET J 229 -27.89 3.66 16.21
C MET J 229 -27.95 2.12 16.10
N GLU J 230 -27.54 1.45 17.16
CA GLU J 230 -27.50 0.00 17.17
C GLU J 230 -28.88 -0.65 17.15
N GLU J 231 -29.83 -0.03 17.84
CA GLU J 231 -31.22 -0.47 17.79
C GLU J 231 -31.81 -0.31 16.40
N ALA J 232 -31.45 0.78 15.71
CA ALA J 232 -31.88 0.99 14.33
C ALA J 232 -31.34 -0.05 13.34
N ARG J 233 -30.06 -0.44 13.44
CA ARG J 233 -29.55 -1.44 12.50
C ARG J 233 -30.11 -2.86 12.79
N ARG J 234 -30.30 -3.19 14.06
CA ARG J 234 -30.98 -4.44 14.43
C ARG J 234 -32.41 -4.49 13.86
N LYS J 235 -33.14 -3.36 13.96
CA LYS J 235 -34.46 -3.31 13.36
C LYS J 235 -34.39 -3.53 11.85
N MET J 236 -33.44 -2.88 11.20
CA MET J 236 -33.28 -2.99 9.74
C MET J 236 -32.92 -4.41 9.31
N GLU J 237 -32.04 -5.09 10.07
CA GLU J 237 -31.72 -6.51 9.82
C GLU J 237 -32.93 -7.41 9.93
N ARG J 238 -33.69 -7.28 11.01
CA ARG J 238 -34.94 -8.03 11.25
C ARG J 238 -35.92 -7.77 10.08
N GLN J 239 -35.97 -6.52 9.64
CA GLN J 239 -36.88 -6.10 8.59
C GLN J 239 -36.46 -6.66 7.22
N TYR J 240 -35.16 -6.62 6.92
CA TYR J 240 -34.59 -7.22 5.71
C TYR J 240 -34.91 -8.73 5.66
N GLU J 241 -34.68 -9.43 6.78
CA GLU J 241 -34.92 -10.87 6.85
C GLU J 241 -36.39 -11.20 6.63
N THR J 242 -37.32 -10.50 7.30
CA THR J 242 -38.75 -10.84 7.15
C THR J 242 -39.22 -10.54 5.72
N MET J 243 -38.67 -9.49 5.11
CA MET J 243 -39.04 -9.12 3.75
C MET J 243 -38.49 -10.08 2.69
N TYR J 244 -37.29 -10.60 2.89
CA TYR J 244 -36.52 -11.21 1.79
C TYR J 244 -36.10 -12.66 1.94
N LEU J 245 -36.03 -13.19 3.16
CA LEU J 245 -35.73 -14.61 3.34
C LEU J 245 -36.78 -15.44 2.65
CL CL K . 13.77 -29.69 8.52
CL CL L . 10.78 -24.60 -21.08
CL CL M . -13.44 29.32 -9.41
CL CL N . -16.42 -14.37 -25.64
CL CL O . -12.28 24.78 20.03
CL CL P . -31.21 -13.79 0.26
CL CL Q . 15.33 14.77 26.36
CL CL R . -11.96 -22.85 21.52
CL CL S . 12.97 22.58 -21.33
CL CL T . 31.20 13.62 0.59
#